data_1IDG
# 
_entry.id   1IDG 
# 
_audit_conform.dict_name       mmcif_pdbx.dic 
_audit_conform.dict_version    5.355 
_audit_conform.dict_location   http://mmcif.pdb.org/dictionaries/ascii/mmcif_pdbx.dic 
# 
loop_
_database_2.database_id 
_database_2.database_code 
_database_2.pdbx_database_accession 
_database_2.pdbx_DOI 
PDB   1IDG         pdb_00001idg 10.2210/pdb1idg/pdb 
RCSB  RCSB013180   ?            ?                   
WWPDB D_1000013180 ?            ?                   
# 
loop_
_pdbx_database_related.db_name 
_pdbx_database_related.db_id 
_pdbx_database_related.details 
_pdbx_database_related.content_type 
PDB 1IDH '1IDH IS 20 ENSEMBLE STRUCTURES OF THE COMPLEX BETWEEN ALPHA-BUNGAROTOXIN AND AN 18MER COGNATE PEPTIDE' unspecified 
PDB 1IDI '1IDI is the average structure of alpha-Bungarotoxin'                                                   unspecified 
PDB 1IDL '1IDL is 20 ensemble structures of alpha-Bungarotoxin'                                                  unspecified 
# 
_pdbx_database_status.status_code                     REL 
_pdbx_database_status.entry_id                        1IDG 
_pdbx_database_status.recvd_initial_deposition_date   2001-04-04 
_pdbx_database_status.deposit_site                    RCSB 
_pdbx_database_status.process_site                    RCSB 
_pdbx_database_status.status_code_mr                  REL 
_pdbx_database_status.SG_entry                        . 
_pdbx_database_status.pdb_format_compatible           Y 
_pdbx_database_status.status_code_sf                  ? 
_pdbx_database_status.status_code_cs                  ? 
_pdbx_database_status.status_code_nmr_data            ? 
_pdbx_database_status.methods_development_category    ? 
# 
loop_
_audit_author.name 
_audit_author.pdbx_ordinal 
'Zeng, H.'    1 
'Moise, L.'   2 
'Grant, M.A.' 3 
'Hawrot, E.'  4 
# 
_citation.id                        primary 
_citation.title                     
;The solution structure of the complex formed between alpha-bungarotoxin and an 18-mer cognate peptide derived from the alpha 1 subunit of the nicotinic acetylcholine receptor from Torpedo californica.
;
_citation.journal_abbrev            J.Biol.Chem. 
_citation.journal_volume            276 
_citation.page_first                22930 
_citation.page_last                 22940 
_citation.year                      2001 
_citation.journal_id_ASTM           JBCHA3 
_citation.country                   US 
_citation.journal_id_ISSN           0021-9258 
_citation.journal_id_CSD            0071 
_citation.book_publisher            ? 
_citation.pdbx_database_id_PubMed   11312275 
_citation.pdbx_database_id_DOI      10.1074/jbc.M102300200 
# 
loop_
_citation_author.citation_id 
_citation_author.name 
_citation_author.ordinal 
_citation_author.identifier_ORCID 
primary 'Zeng, H.'    1 ? 
primary 'Moise, L.'   2 ? 
primary 'Grant, M.A.' 3 ? 
primary 'Hawrot, E.'  4 ? 
# 
_cell.entry_id           1IDG 
_cell.length_a           1.000 
_cell.length_b           1.000 
_cell.length_c           1.000 
_cell.angle_alpha        90.00 
_cell.angle_beta         90.00 
_cell.angle_gamma        90.00 
_cell.Z_PDB              1 
_cell.pdbx_unique_axis   ? 
# 
_symmetry.entry_id                         1IDG 
_symmetry.space_group_name_H-M             'P 1' 
_symmetry.pdbx_full_space_group_name_H-M   ? 
_symmetry.cell_setting                     ? 
_symmetry.Int_Tables_number                1 
# 
loop_
_entity.id 
_entity.type 
_entity.src_method 
_entity.pdbx_description 
_entity.formula_weight 
_entity.pdbx_number_of_molecules 
_entity.pdbx_ec 
_entity.pdbx_mutation 
_entity.pdbx_fragment 
_entity.details 
1 polymer nat ALPHA-BUNGAROTOXIN                            8005.281 1 ? ? ? ? 
2 polymer man 'ACETYLCHOLINE RECEPTOR PROTEIN, ALPHA CHAIN' 2424.732 1 ? ? ? ? 
# 
loop_
_entity_name_com.entity_id 
_entity_name_com.name 
1 'LONG NEUROTOXIN 1'  
2 NACHR-ALPHA1-SUBUNIT 
# 
loop_
_entity_poly.entity_id 
_entity_poly.type 
_entity_poly.nstd_linkage 
_entity_poly.nstd_monomer 
_entity_poly.pdbx_seq_one_letter_code 
_entity_poly.pdbx_seq_one_letter_code_can 
_entity_poly.pdbx_strand_id 
_entity_poly.pdbx_target_identifier 
1 'polypeptide(L)' no no  IVCHTTATSPISAVTCPPGENLCYRKMWCDAFCSSRGKVVELGCAATCPSKKPYEEVTCCSTDKCNPHPKQRPG 
IVCHTTATSPISAVTCPPGENLCYRKMWCDAFCSSRGKVVELGCAATCPSKKPYEEVTCCSTDKCNPHPKQRPG A ? 
2 'polypeptide(L)' no yes 'YRGWKHWVYYTCCPDTPY(HSL)'                                                  YRGWKHWVYYTCCPDTPYS B ? 
# 
loop_
_entity_poly_seq.entity_id 
_entity_poly_seq.num 
_entity_poly_seq.mon_id 
_entity_poly_seq.hetero 
1 1  ILE n 
1 2  VAL n 
1 3  CYS n 
1 4  HIS n 
1 5  THR n 
1 6  THR n 
1 7  ALA n 
1 8  THR n 
1 9  SER n 
1 10 PRO n 
1 11 ILE n 
1 12 SER n 
1 13 ALA n 
1 14 VAL n 
1 15 THR n 
1 16 CYS n 
1 17 PRO n 
1 18 PRO n 
1 19 GLY n 
1 20 GLU n 
1 21 ASN n 
1 22 LEU n 
1 23 CYS n 
1 24 TYR n 
1 25 ARG n 
1 26 LYS n 
1 27 MET n 
1 28 TRP n 
1 29 CYS n 
1 30 ASP n 
1 31 ALA n 
1 32 PHE n 
1 33 CYS n 
1 34 SER n 
1 35 SER n 
1 36 ARG n 
1 37 GLY n 
1 38 LYS n 
1 39 VAL n 
1 40 VAL n 
1 41 GLU n 
1 42 LEU n 
1 43 GLY n 
1 44 CYS n 
1 45 ALA n 
1 46 ALA n 
1 47 THR n 
1 48 CYS n 
1 49 PRO n 
1 50 SER n 
1 51 LYS n 
1 52 LYS n 
1 53 PRO n 
1 54 TYR n 
1 55 GLU n 
1 56 GLU n 
1 57 VAL n 
1 58 THR n 
1 59 CYS n 
1 60 CYS n 
1 61 SER n 
1 62 THR n 
1 63 ASP n 
1 64 LYS n 
1 65 CYS n 
1 66 ASN n 
1 67 PRO n 
1 68 HIS n 
1 69 PRO n 
1 70 LYS n 
1 71 GLN n 
1 72 ARG n 
1 73 PRO n 
1 74 GLY n 
2 1  TYR n 
2 2  ARG n 
2 3  GLY n 
2 4  TRP n 
2 5  LYS n 
2 6  HIS n 
2 7  TRP n 
2 8  VAL n 
2 9  TYR n 
2 10 TYR n 
2 11 THR n 
2 12 CYS n 
2 13 CYS n 
2 14 PRO n 
2 15 ASP n 
2 16 THR n 
2 17 PRO n 
2 18 TYR n 
2 19 HSL n 
# 
_entity_src_gen.entity_id                          2 
_entity_src_gen.pdbx_src_id                        1 
_entity_src_gen.pdbx_alt_source_flag               sample 
_entity_src_gen.pdbx_seq_type                      ? 
_entity_src_gen.pdbx_beg_seq_num                   ? 
_entity_src_gen.pdbx_end_seq_num                   ? 
_entity_src_gen.gene_src_common_name               'Pacific electric ray' 
_entity_src_gen.gene_src_genus                     Torpedo 
_entity_src_gen.pdbx_gene_src_gene                 ? 
_entity_src_gen.gene_src_species                   ? 
_entity_src_gen.gene_src_strain                    ? 
_entity_src_gen.gene_src_tissue                    ? 
_entity_src_gen.gene_src_tissue_fraction           ? 
_entity_src_gen.gene_src_details                   ? 
_entity_src_gen.pdbx_gene_src_fragment             ? 
_entity_src_gen.pdbx_gene_src_scientific_name      'Torpedo californica' 
_entity_src_gen.pdbx_gene_src_ncbi_taxonomy_id     7787 
_entity_src_gen.pdbx_gene_src_variant              ? 
_entity_src_gen.pdbx_gene_src_cell_line            ? 
_entity_src_gen.pdbx_gene_src_atcc                 ? 
_entity_src_gen.pdbx_gene_src_organ                ? 
_entity_src_gen.pdbx_gene_src_organelle            ? 
_entity_src_gen.pdbx_gene_src_cell                 ? 
_entity_src_gen.pdbx_gene_src_cellular_location    ? 
_entity_src_gen.host_org_common_name               ? 
_entity_src_gen.pdbx_host_org_scientific_name      'Escherichia coli BL21(DE3)' 
_entity_src_gen.pdbx_host_org_ncbi_taxonomy_id     469008 
_entity_src_gen.host_org_genus                     Escherichia 
_entity_src_gen.pdbx_host_org_gene                 ? 
_entity_src_gen.pdbx_host_org_organ                ? 
_entity_src_gen.host_org_species                   'Escherichia coli' 
_entity_src_gen.pdbx_host_org_tissue               ? 
_entity_src_gen.pdbx_host_org_tissue_fraction      ? 
_entity_src_gen.pdbx_host_org_strain               'BL21 (DE3)' 
_entity_src_gen.pdbx_host_org_variant              ? 
_entity_src_gen.pdbx_host_org_cell_line            ? 
_entity_src_gen.pdbx_host_org_atcc                 ? 
_entity_src_gen.pdbx_host_org_culture_collection   ? 
_entity_src_gen.pdbx_host_org_cell                 ? 
_entity_src_gen.pdbx_host_org_organelle            ? 
_entity_src_gen.pdbx_host_org_cellular_location    ? 
_entity_src_gen.pdbx_host_org_vector_type          PLASMID 
_entity_src_gen.pdbx_host_org_vector               ? 
_entity_src_gen.host_org_details                   ? 
_entity_src_gen.expression_system_id               ? 
_entity_src_gen.plasmid_name                       'PET-31B(+)' 
_entity_src_gen.plasmid_details                    ? 
_entity_src_gen.pdbx_description                   ? 
# 
_entity_src_nat.entity_id                  1 
_entity_src_nat.pdbx_src_id                1 
_entity_src_nat.pdbx_alt_source_flag       sample 
_entity_src_nat.pdbx_beg_seq_num           ? 
_entity_src_nat.pdbx_end_seq_num           ? 
_entity_src_nat.common_name                'many-banded krait' 
_entity_src_nat.pdbx_organism_scientific   'Bungarus multicinctus' 
_entity_src_nat.pdbx_ncbi_taxonomy_id      8616 
_entity_src_nat.genus                      Bungarus 
_entity_src_nat.species                    ? 
_entity_src_nat.strain                     ? 
_entity_src_nat.tissue                     ? 
_entity_src_nat.tissue_fraction            ? 
_entity_src_nat.pdbx_secretion             ? 
_entity_src_nat.pdbx_fragment              ? 
_entity_src_nat.pdbx_variant               ? 
_entity_src_nat.pdbx_cell_line             ? 
_entity_src_nat.pdbx_atcc                  ? 
_entity_src_nat.pdbx_cellular_location     ? 
_entity_src_nat.pdbx_organ                 ? 
_entity_src_nat.pdbx_organelle             ? 
_entity_src_nat.pdbx_cell                  ? 
_entity_src_nat.pdbx_plasmid_name          ? 
_entity_src_nat.pdbx_plasmid_details       ? 
_entity_src_nat.details                    'PURCHASED FROM SIGMA' 
# 
loop_
_struct_ref.id 
_struct_ref.db_name 
_struct_ref.db_code 
_struct_ref.entity_id 
_struct_ref.pdbx_seq_one_letter_code 
_struct_ref.pdbx_align_begin 
_struct_ref.pdbx_db_accession 
_struct_ref.pdbx_db_isoform 
1 UNP NXL1A_BUNMU 1 IVCHTTATSPISAVTCPPGENLCYRKMWCDAFCSSRGKVVELGCAATCPSKKPYEEVTCCSTDKCNPHPKQRPG 1   P60615 ? 
2 UNP ACHA_TORCA  2 YRGWKHWVYYTCCPDTPY                                                         205 P02710 ? 
# 
loop_
_struct_ref_seq.align_id 
_struct_ref_seq.ref_id 
_struct_ref_seq.pdbx_PDB_id_code 
_struct_ref_seq.pdbx_strand_id 
_struct_ref_seq.seq_align_beg 
_struct_ref_seq.pdbx_seq_align_beg_ins_code 
_struct_ref_seq.seq_align_end 
_struct_ref_seq.pdbx_seq_align_end_ins_code 
_struct_ref_seq.pdbx_db_accession 
_struct_ref_seq.db_align_beg 
_struct_ref_seq.pdbx_db_align_beg_ins_code 
_struct_ref_seq.db_align_end 
_struct_ref_seq.pdbx_db_align_end_ins_code 
_struct_ref_seq.pdbx_auth_seq_align_beg 
_struct_ref_seq.pdbx_auth_seq_align_end 
1 1 1IDG A 1 ? 74 ? P60615 1   ? 74  ? 1   74  
2 2 1IDG B 1 ? 18 ? P02710 205 ? 222 ? 181 198 
# 
_struct_ref_seq_dif.align_id                     2 
_struct_ref_seq_dif.pdbx_pdb_id_code             1IDG 
_struct_ref_seq_dif.mon_id                       HSL 
_struct_ref_seq_dif.pdbx_pdb_strand_id           B 
_struct_ref_seq_dif.seq_num                      19 
_struct_ref_seq_dif.pdbx_pdb_ins_code            ? 
_struct_ref_seq_dif.pdbx_seq_db_name             UNP 
_struct_ref_seq_dif.pdbx_seq_db_accession_code   P02710 
_struct_ref_seq_dif.db_mon_id                    ? 
_struct_ref_seq_dif.pdbx_seq_db_seq_num          ? 
_struct_ref_seq_dif.details                      'cloning artifact' 
_struct_ref_seq_dif.pdbx_auth_seq_num            199 
_struct_ref_seq_dif.pdbx_ordinal                 1 
# 
loop_
_chem_comp.id 
_chem_comp.type 
_chem_comp.mon_nstd_flag 
_chem_comp.name 
_chem_comp.pdbx_synonyms 
_chem_comp.formula 
_chem_comp.formula_weight 
ALA 'L-peptide linking' y ALANINE              ? 'C3 H7 N O2'     89.093  
ARG 'L-peptide linking' y ARGININE             ? 'C6 H15 N4 O2 1' 175.209 
ASN 'L-peptide linking' y ASPARAGINE           ? 'C4 H8 N2 O3'    132.118 
ASP 'L-peptide linking' y 'ASPARTIC ACID'      ? 'C4 H7 N O4'     133.103 
CYS 'L-peptide linking' y CYSTEINE             ? 'C3 H7 N O2 S'   121.158 
GLN 'L-peptide linking' y GLUTAMINE            ? 'C5 H10 N2 O3'   146.144 
GLU 'L-peptide linking' y 'GLUTAMIC ACID'      ? 'C5 H9 N O4'     147.129 
GLY 'peptide linking'   y GLYCINE              ? 'C2 H5 N O2'     75.067  
HIS 'L-peptide linking' y HISTIDINE            ? 'C6 H10 N3 O2 1' 156.162 
HSL 'L-peptide linking' n 'HOMOSERINE LACTONE' ? 'C4 H7 N O2'     101.104 
ILE 'L-peptide linking' y ISOLEUCINE           ? 'C6 H13 N O2'    131.173 
LEU 'L-peptide linking' y LEUCINE              ? 'C6 H13 N O2'    131.173 
LYS 'L-peptide linking' y LYSINE               ? 'C6 H15 N2 O2 1' 147.195 
MET 'L-peptide linking' y METHIONINE           ? 'C5 H11 N O2 S'  149.211 
PHE 'L-peptide linking' y PHENYLALANINE        ? 'C9 H11 N O2'    165.189 
PRO 'L-peptide linking' y PROLINE              ? 'C5 H9 N O2'     115.130 
SER 'L-peptide linking' y SERINE               ? 'C3 H7 N O3'     105.093 
THR 'L-peptide linking' y THREONINE            ? 'C4 H9 N O3'     119.119 
TRP 'L-peptide linking' y TRYPTOPHAN           ? 'C11 H12 N2 O2'  204.225 
TYR 'L-peptide linking' y TYROSINE             ? 'C9 H11 N O3'    181.189 
VAL 'L-peptide linking' y VALINE               ? 'C5 H11 N O2'    117.146 
# 
loop_
_pdbx_nmr_exptl.experiment_id 
_pdbx_nmr_exptl.solution_id 
_pdbx_nmr_exptl.conditions_id 
_pdbx_nmr_exptl.type 
1 1 1 3D_15N-separated_TOCSY 
2 1 1 '3D HNHA'              
3 1 1 3D_15N-separated_NOESY 
4 1 1 2D_TOCSY               
5 1 1 2D_NOESY               
6 1 1 '2D 1H-15N HSQC'       
# 
_pdbx_nmr_exptl_sample_conditions.conditions_id       1 
_pdbx_nmr_exptl_sample_conditions.temperature         308 
_pdbx_nmr_exptl_sample_conditions.pressure            ambient 
_pdbx_nmr_exptl_sample_conditions.pH                  4.0 
_pdbx_nmr_exptl_sample_conditions.ionic_strength      ? 
_pdbx_nmr_exptl_sample_conditions.pressure_units      ? 
_pdbx_nmr_exptl_sample_conditions.temperature_units   K 
# 
_pdbx_nmr_sample_details.solution_id      1 
_pdbx_nmr_sample_details.contents         
;2.1 mM alpha-Bungarotoxin/alpha18mer complex, alpha18mer is 15N labeled, 50 mM perdeuterated potassium acetate buffer (pH 4.0) with 5% D2O and 0.05% sodium azide
;
_pdbx_nmr_sample_details.solvent_system   '95% H2O/5% D2O' 
# 
_pdbx_nmr_spectrometer.spectrometer_id   1 
_pdbx_nmr_spectrometer.type              ? 
_pdbx_nmr_spectrometer.manufacturer      Bruker 
_pdbx_nmr_spectrometer.model             AVANCE 
_pdbx_nmr_spectrometer.field_strength    600 
# 
_pdbx_nmr_refine.entry_id           1IDG 
_pdbx_nmr_refine.method             'distance geometry and simulated annealing' 
_pdbx_nmr_refine.details            ? 
_pdbx_nmr_refine.software_ordinal   1 
# 
_pdbx_nmr_details.entry_id   1IDG 
_pdbx_nmr_details.text       
;The chirality error is in THR 6 CB, OG1; ILE 11 CB, CG2; and THR 196 CB, OG1. There is no chirality error if MOLMOL is used to view the structure.
;
# 
_pdbx_nmr_ensemble.entry_id                                      1IDG 
_pdbx_nmr_ensemble.conformers_calculated_total_number            1 
_pdbx_nmr_ensemble.conformers_submitted_total_number             1 
_pdbx_nmr_ensemble.conformer_selection_criteria                  ? 
_pdbx_nmr_ensemble.average_constraints_per_residue               ? 
_pdbx_nmr_ensemble.average_constraint_violations_per_residue     ? 
_pdbx_nmr_ensemble.maximum_distance_constraint_violation         ? 
_pdbx_nmr_ensemble.average_distance_constraint_violation         ? 
_pdbx_nmr_ensemble.maximum_upper_distance_constraint_violation   ? 
_pdbx_nmr_ensemble.maximum_lower_distance_constraint_violation   ? 
_pdbx_nmr_ensemble.distance_constraint_violation_method          ? 
_pdbx_nmr_ensemble.maximum_torsion_angle_constraint_violation    ? 
_pdbx_nmr_ensemble.average_torsion_angle_constraint_violation    ? 
_pdbx_nmr_ensemble.torsion_angle_constraint_violation_method     ? 
# 
_pdbx_nmr_representative.entry_id             1IDG 
_pdbx_nmr_representative.conformer_id         ? 
_pdbx_nmr_representative.selection_criteria   'minimized average structure' 
# 
loop_
_pdbx_nmr_software.name 
_pdbx_nmr_software.version 
_pdbx_nmr_software.classification 
_pdbx_nmr_software.authors 
_pdbx_nmr_software.ordinal 
XwinNMR  2.1  collection      Bruker                            1 
NMRPipe  1.8  processing      'Delaglio, F. et al.'             2 
Sparky   3.95 'data analysis' 'Goddard, T.D. and Kneller, D.G.' 3 
CNSsolve 1.0  refinement      'Brunger, A.T. et al.'            4 
# 
_exptl.entry_id          1IDG 
_exptl.method            'SOLUTION NMR' 
_exptl.crystals_number   ? 
# 
_struct.entry_id                  1IDG 
_struct.title                     
'THE NMR SOLUTION STRUCTURE OF THE COMPLEX FORMED BETWEEN ALPHA-BUNGAROTOXIN AND AN 18MER COGNATE PEPTIDE' 
_struct.pdbx_model_details        ? 
_struct.pdbx_CASP_flag            ? 
_struct.pdbx_model_type_details   'minimized average' 
# 
_struct_keywords.entry_id        1IDG 
_struct_keywords.pdbx_keywords   TOXIN 
_struct_keywords.text            
'ALPHA-BUNGAROTOXIN, NICOTINIC ACETYLCHOLINE RECEPTOR, ALPHA 1 SUBUNIT, PROTEIN-PROTEIN INTERACTION, CATION-PI INTERACTION, TOXIN' 
# 
loop_
_struct_asym.id 
_struct_asym.pdbx_blank_PDB_chainid_flag 
_struct_asym.pdbx_modified 
_struct_asym.entity_id 
_struct_asym.details 
A N N 1 ? 
B N N 2 ? 
# 
_struct_biol.id   1 
# 
loop_
_struct_conn.id 
_struct_conn.conn_type_id 
_struct_conn.pdbx_leaving_atom_flag 
_struct_conn.pdbx_PDB_id 
_struct_conn.ptnr1_label_asym_id 
_struct_conn.ptnr1_label_comp_id 
_struct_conn.ptnr1_label_seq_id 
_struct_conn.ptnr1_label_atom_id 
_struct_conn.pdbx_ptnr1_label_alt_id 
_struct_conn.pdbx_ptnr1_PDB_ins_code 
_struct_conn.pdbx_ptnr1_standard_comp_id 
_struct_conn.ptnr1_symmetry 
_struct_conn.ptnr2_label_asym_id 
_struct_conn.ptnr2_label_comp_id 
_struct_conn.ptnr2_label_seq_id 
_struct_conn.ptnr2_label_atom_id 
_struct_conn.pdbx_ptnr2_label_alt_id 
_struct_conn.pdbx_ptnr2_PDB_ins_code 
_struct_conn.ptnr1_auth_asym_id 
_struct_conn.ptnr1_auth_comp_id 
_struct_conn.ptnr1_auth_seq_id 
_struct_conn.ptnr2_auth_asym_id 
_struct_conn.ptnr2_auth_comp_id 
_struct_conn.ptnr2_auth_seq_id 
_struct_conn.ptnr2_symmetry 
_struct_conn.pdbx_ptnr3_label_atom_id 
_struct_conn.pdbx_ptnr3_label_seq_id 
_struct_conn.pdbx_ptnr3_label_comp_id 
_struct_conn.pdbx_ptnr3_label_asym_id 
_struct_conn.pdbx_ptnr3_label_alt_id 
_struct_conn.pdbx_ptnr3_PDB_ins_code 
_struct_conn.details 
_struct_conn.pdbx_dist_value 
_struct_conn.pdbx_value_order 
_struct_conn.pdbx_role 
disulf1 disulf ? ? A CYS 3  SG ? ? ? 1_555 A CYS 23 SG ? ? A CYS 3   A CYS 23  1_555 ? ? ? ? ? ? ? 2.008 ? ? 
disulf2 disulf ? ? A CYS 16 SG ? ? ? 1_555 A CYS 44 SG ? ? A CYS 16  A CYS 44  1_555 ? ? ? ? ? ? ? 2.003 ? ? 
disulf3 disulf ? ? A CYS 29 SG ? ? ? 1_555 A CYS 33 SG ? ? A CYS 29  A CYS 33  1_555 ? ? ? ? ? ? ? 1.995 ? ? 
disulf4 disulf ? ? A CYS 48 SG ? ? ? 1_555 A CYS 59 SG ? ? A CYS 48  A CYS 59  1_555 ? ? ? ? ? ? ? 2.012 ? ? 
disulf5 disulf ? ? A CYS 60 SG ? ? ? 1_555 A CYS 65 SG ? ? A CYS 60  A CYS 65  1_555 ? ? ? ? ? ? ? 2.001 ? ? 
disulf6 disulf ? ? B CYS 12 SG ? ? ? 1_555 B CYS 13 SG ? ? B CYS 192 B CYS 193 1_555 ? ? ? ? ? ? ? 2.043 ? ? 
# 
_struct_conn_type.id          disulf 
_struct_conn_type.criteria    ? 
_struct_conn_type.reference   ? 
# 
loop_
_struct_mon_prot_cis.pdbx_id 
_struct_mon_prot_cis.label_comp_id 
_struct_mon_prot_cis.label_seq_id 
_struct_mon_prot_cis.label_asym_id 
_struct_mon_prot_cis.label_alt_id 
_struct_mon_prot_cis.pdbx_PDB_ins_code 
_struct_mon_prot_cis.auth_comp_id 
_struct_mon_prot_cis.auth_seq_id 
_struct_mon_prot_cis.auth_asym_id 
_struct_mon_prot_cis.pdbx_label_comp_id_2 
_struct_mon_prot_cis.pdbx_label_seq_id_2 
_struct_mon_prot_cis.pdbx_label_asym_id_2 
_struct_mon_prot_cis.pdbx_PDB_ins_code_2 
_struct_mon_prot_cis.pdbx_auth_comp_id_2 
_struct_mon_prot_cis.pdbx_auth_seq_id_2 
_struct_mon_prot_cis.pdbx_auth_asym_id_2 
_struct_mon_prot_cis.pdbx_PDB_model_num 
_struct_mon_prot_cis.pdbx_omega_angle 
1 GLY 19 A . ? GLY 19  A GLU 20 A ? GLU 20  A 1 23.54  
2 GLY 3  B . ? GLY 183 B TRP 4  B ? TRP 184 B 1 -4.48  
3 LYS 5  B . ? LYS 185 B HIS 6  B ? HIS 186 B 1 11.62  
4 TRP 7  B . ? TRP 187 B VAL 8  B ? VAL 188 B 1 -19.73 
5 VAL 8  B . ? VAL 188 B TYR 9  B ? TYR 189 B 1 -21.40 
6 ASP 15 B . ? ASP 195 B THR 16 B ? THR 196 B 1 -13.27 
# 
_atom_sites.entry_id                    1IDG 
_atom_sites.fract_transf_matrix[1][1]   1.000000 
_atom_sites.fract_transf_matrix[1][2]   0.000000 
_atom_sites.fract_transf_matrix[1][3]   0.000000 
_atom_sites.fract_transf_matrix[2][1]   0.000000 
_atom_sites.fract_transf_matrix[2][2]   1.000000 
_atom_sites.fract_transf_matrix[2][3]   0.000000 
_atom_sites.fract_transf_matrix[3][1]   0.000000 
_atom_sites.fract_transf_matrix[3][2]   0.000000 
_atom_sites.fract_transf_matrix[3][3]   1.000000 
_atom_sites.fract_transf_vector[1]      0.00000 
_atom_sites.fract_transf_vector[2]      0.00000 
_atom_sites.fract_transf_vector[3]      0.00000 
# 
loop_
_atom_type.symbol 
C 
H 
N 
O 
S 
# 
loop_
_atom_site.group_PDB 
_atom_site.id 
_atom_site.type_symbol 
_atom_site.label_atom_id 
_atom_site.label_alt_id 
_atom_site.label_comp_id 
_atom_site.label_asym_id 
_atom_site.label_entity_id 
_atom_site.label_seq_id 
_atom_site.pdbx_PDB_ins_code 
_atom_site.Cartn_x 
_atom_site.Cartn_y 
_atom_site.Cartn_z 
_atom_site.occupancy 
_atom_site.B_iso_or_equiv 
_atom_site.pdbx_formal_charge 
_atom_site.auth_seq_id 
_atom_site.auth_comp_id 
_atom_site.auth_asym_id 
_atom_site.auth_atom_id 
_atom_site.pdbx_PDB_model_num 
ATOM 1    N N    . ILE A 1 1  ? -13.353 4.626   11.311  1.00 0.00 ? 1   ILE A N    1 
ATOM 2    C CA   . ILE A 1 1  ? -12.048 3.966   11.044  1.00 0.00 ? 1   ILE A CA   1 
ATOM 3    C C    . ILE A 1 1  ? -11.727 4.252   9.550   1.00 0.00 ? 1   ILE A C    1 
ATOM 4    O O    . ILE A 1 1  ? -12.402 3.737   8.650   1.00 0.00 ? 1   ILE A O    1 
ATOM 5    C CB   . ILE A 1 1  ? -12.060 2.453   11.465  1.00 0.00 ? 1   ILE A CB   1 
ATOM 6    C CG1  . ILE A 1 1  ? -12.398 2.187   12.969  1.00 0.00 ? 1   ILE A CG1  1 
ATOM 7    C CG2  . ILE A 1 1  ? -10.758 1.707   11.070  1.00 0.00 ? 1   ILE A CG2  1 
ATOM 8    C CD1  . ILE A 1 1  ? -11.620 2.997   14.021  1.00 0.00 ? 1   ILE A CD1  1 
ATOM 9    H H1   . ILE A 1 1  ? -14.137 4.068   10.955  1.00 0.00 ? 1   ILE A H1   1 
ATOM 10   H H2   . ILE A 1 1  ? -13.407 5.539   10.846  1.00 0.00 ? 1   ILE A H2   1 
ATOM 11   H H3   . ILE A 1 1  ? -13.513 4.778   12.315  1.00 0.00 ? 1   ILE A H3   1 
ATOM 12   H HA   . ILE A 1 1  ? -11.305 4.482   11.683  1.00 0.00 ? 1   ILE A HA   1 
ATOM 13   H HB   . ILE A 1 1  ? -12.866 1.954   10.888  1.00 0.00 ? 1   ILE A HB   1 
ATOM 14   H HG12 . ILE A 1 1  ? -13.483 2.356   13.122  1.00 0.00 ? 1   ILE A HG12 1 
ATOM 15   H HG13 . ILE A 1 1  ? -12.254 1.113   13.197  1.00 0.00 ? 1   ILE A HG13 1 
ATOM 16   H HG21 . ILE A 1 1  ? -10.742 0.662   11.428  1.00 0.00 ? 1   ILE A HG21 1 
ATOM 17   H HG22 . ILE A 1 1  ? -9.849  2.201   11.456  1.00 0.00 ? 1   ILE A HG22 1 
ATOM 18   H HG23 . ILE A 1 1  ? -10.649 1.651   9.971   1.00 0.00 ? 1   ILE A HG23 1 
ATOM 19   H HD11 . ILE A 1 1  ? -10.532 2.876   13.899  1.00 0.00 ? 1   ILE A HD11 1 
ATOM 20   H HD12 . ILE A 1 1  ? -11.879 2.686   15.052  1.00 0.00 ? 1   ILE A HD12 1 
ATOM 21   H HD13 . ILE A 1 1  ? -11.846 4.074   13.943  1.00 0.00 ? 1   ILE A HD13 1 
ATOM 22   N N    . VAL A 1 2  ? -10.726 5.122   9.306   1.00 0.00 ? 2   VAL A N    1 
ATOM 23   C CA   . VAL A 1 2  ? -10.601 5.852   8.014   1.00 0.00 ? 2   VAL A CA   1 
ATOM 24   C C    . VAL A 1 2  ? -9.122  5.789   7.530   1.00 0.00 ? 2   VAL A C    1 
ATOM 25   O O    . VAL A 1 2  ? -8.230  6.446   8.076   1.00 0.00 ? 2   VAL A O    1 
ATOM 26   C CB   . VAL A 1 2  ? -11.214 7.297   8.155   1.00 0.00 ? 2   VAL A CB   1 
ATOM 27   C CG1  . VAL A 1 2  ? -10.687 8.350   7.149   1.00 0.00 ? 2   VAL A CG1  1 
ATOM 28   C CG2  . VAL A 1 2  ? -12.758 7.231   8.067   1.00 0.00 ? 2   VAL A CG2  1 
ATOM 29   H H    . VAL A 1 2  ? -10.207 5.419   10.139  1.00 0.00 ? 2   VAL A H    1 
ATOM 30   H HA   . VAL A 1 2  ? -11.222 5.333   7.250   1.00 0.00 ? 2   VAL A HA   1 
ATOM 31   H HB   . VAL A 1 2  ? -10.964 7.701   9.154   1.00 0.00 ? 2   VAL A HB   1 
ATOM 32   H HG11 . VAL A 1 2  ? -9.613  8.561   7.318   1.00 0.00 ? 2   VAL A HG11 1 
ATOM 33   H HG12 . VAL A 1 2  ? -11.211 9.319   7.244   1.00 0.00 ? 2   VAL A HG12 1 
ATOM 34   H HG13 . VAL A 1 2  ? -10.784 8.005   6.103   1.00 0.00 ? 2   VAL A HG13 1 
ATOM 35   H HG21 . VAL A 1 2  ? -13.090 6.701   7.154   1.00 0.00 ? 2   VAL A HG21 1 
ATOM 36   H HG22 . VAL A 1 2  ? -13.194 6.683   8.923   1.00 0.00 ? 2   VAL A HG22 1 
ATOM 37   H HG23 . VAL A 1 2  ? -13.229 8.229   8.057   1.00 0.00 ? 2   VAL A HG23 1 
ATOM 38   N N    . CYS A 1 3  ? -8.940  5.058   6.419   1.00 0.00 ? 3   CYS A N    1 
ATOM 39   C CA   . CYS A 1 3  ? -7.707  5.057   5.592   1.00 0.00 ? 3   CYS A CA   1 
ATOM 40   C C    . CYS A 1 3  ? -7.516  6.392   4.805   1.00 0.00 ? 3   CYS A C    1 
ATOM 41   O O    . CYS A 1 3  ? -8.499  7.073   4.497   1.00 0.00 ? 3   CYS A O    1 
ATOM 42   C CB   . CYS A 1 3  ? -7.850  3.841   4.629   1.00 0.00 ? 3   CYS A CB   1 
ATOM 43   S SG   . CYS A 1 3  ? -6.287  2.990   4.373   1.00 0.00 ? 3   CYS A SG   1 
ATOM 44   H H    . CYS A 1 3  ? -9.773  4.541   6.121   1.00 0.00 ? 3   CYS A H    1 
ATOM 45   H HA   . CYS A 1 3  ? -6.847  4.888   6.256   1.00 0.00 ? 3   CYS A HA   1 
ATOM 46   H HB2  . CYS A 1 3  ? -8.526  3.055   5.018   1.00 0.00 ? 3   CYS A HB2  1 
ATOM 47   H HB3  . CYS A 1 3  ? -8.280  4.132   3.651   1.00 0.00 ? 3   CYS A HB3  1 
ATOM 48   N N    . HIS A 1 4  ? -6.268  6.746   4.426   1.00 0.00 ? 4   HIS A N    1 
ATOM 49   C CA   . HIS A 1 4  ? -6.021  7.809   3.397   1.00 0.00 ? 4   HIS A CA   1 
ATOM 50   C C    . HIS A 1 4  ? -6.327  7.252   1.956   1.00 0.00 ? 4   HIS A C    1 
ATOM 51   O O    . HIS A 1 4  ? -6.737  6.093   1.796   1.00 0.00 ? 4   HIS A O    1 
ATOM 52   C CB   . HIS A 1 4  ? -4.562  8.372   3.462   1.00 0.00 ? 4   HIS A CB   1 
ATOM 53   C CG   . HIS A 1 4  ? -3.900  8.834   4.766   1.00 0.00 ? 4   HIS A CG   1 
ATOM 54   N ND1  . HIS A 1 4  ? -2.518  8.952   4.868   1.00 0.00 ? 4   HIS A ND1  1 
ATOM 55   C CD2  . HIS A 1 4  ? -4.498  9.220   5.985   1.00 0.00 ? 4   HIS A CD2  1 
ATOM 56   C CE1  . HIS A 1 4  ? -2.397  9.363   6.166   1.00 0.00 ? 4   HIS A CE1  1 
ATOM 57   N NE2  . HIS A 1 4  ? -3.524  9.567   6.912   1.00 0.00 ? 4   HIS A NE2  1 
ATOM 58   H H    . HIS A 1 4  ? -5.531  6.083   4.694   1.00 0.00 ? 4   HIS A H    1 
ATOM 59   H HA   . HIS A 1 4  ? -6.696  8.663   3.598   1.00 0.00 ? 4   HIS A HA   1 
ATOM 60   H HB2  . HIS A 1 4  ? -3.882  7.630   2.998   1.00 0.00 ? 4   HIS A HB2  1 
ATOM 61   H HB3  . HIS A 1 4  ? -4.513  9.245   2.781   1.00 0.00 ? 4   HIS A HB3  1 
ATOM 62   H HD1  . HIS A 1 4  ? -1.799  8.818   4.147   1.00 0.00 ? 4   HIS A HD1  1 
ATOM 63   H HD2  . HIS A 1 4  ? -5.558  9.199   6.192   1.00 0.00 ? 4   HIS A HD2  1 
ATOM 64   H HE1  . HIS A 1 4  ? -1.420  9.502   6.606   1.00 0.00 ? 4   HIS A HE1  1 
ATOM 65   H HE2  . HIS A 1 4  ? -3.617  9.796   7.908   1.00 0.00 ? 4   HIS A HE2  1 
ATOM 66   N N    . THR A 1 5  ? -6.074  8.031   0.876   1.00 0.00 ? 5   THR A N    1 
ATOM 67   C CA   . THR A 1 5  ? -5.856  7.431   -0.473  1.00 0.00 ? 5   THR A CA   1 
ATOM 68   C C    . THR A 1 5  ? -4.369  6.974   -0.596  1.00 0.00 ? 5   THR A C    1 
ATOM 69   O O    . THR A 1 5  ? -3.495  7.685   -1.100  1.00 0.00 ? 5   THR A O    1 
ATOM 70   C CB   . THR A 1 5  ? -6.266  8.299   -1.694  1.00 0.00 ? 5   THR A CB   1 
ATOM 71   O OG1  . THR A 1 5  ? -5.642  9.572   -1.633  1.00 0.00 ? 5   THR A OG1  1 
ATOM 72   C CG2  . THR A 1 5  ? -7.774  8.475   -1.928  1.00 0.00 ? 5   THR A CG2  1 
ATOM 73   H H    . THR A 1 5  ? -5.777  8.989   1.094   1.00 0.00 ? 5   THR A H    1 
ATOM 74   H HA   . THR A 1 5  ? -6.496  6.526   -0.575  1.00 0.00 ? 5   THR A HA   1 
ATOM 75   H HB   . THR A 1 5  ? -5.885  7.792   -2.603  1.00 0.00 ? 5   THR A HB   1 
ATOM 76   H HG1  . THR A 1 5  ? -6.078  10.033  -0.914  1.00 0.00 ? 5   THR A HG1  1 
ATOM 77   H HG21 . THR A 1 5  ? -8.188  9.335   -1.377  1.00 0.00 ? 5   THR A HG21 1 
ATOM 78   H HG22 . THR A 1 5  ? -8.352  7.581   -1.638  1.00 0.00 ? 5   THR A HG22 1 
ATOM 79   H HG23 . THR A 1 5  ? -7.982  8.649   -2.999  1.00 0.00 ? 5   THR A HG23 1 
ATOM 80   N N    . THR A 1 6  ? -4.130  5.724   -0.190  1.00 0.00 ? 6   THR A N    1 
ATOM 81   C CA   . THR A 1 6  ? -3.553  4.701   -1.090  1.00 0.00 ? 6   THR A CA   1 
ATOM 82   C C    . THR A 1 6  ? -2.072  4.912   -1.519  1.00 0.00 ? 6   THR A C    1 
ATOM 83   O O    . THR A 1 6  ? -1.163  4.459   -0.818  1.00 0.00 ? 6   THR A O    1 
ATOM 84   C CB   . THR A 1 6  ? -4.561  4.151   -2.163  1.00 0.00 ? 6   THR A CB   1 
ATOM 85   O OG1  . THR A 1 6  ? -5.787  3.781   -1.533  1.00 0.00 ? 6   THR A OG1  1 
ATOM 86   C CG2  . THR A 1 6  ? -4.905  5.049   -3.379  1.00 0.00 ? 6   THR A CG2  1 
ATOM 87   H H    . THR A 1 6  ? -4.844  5.405   0.475   1.00 0.00 ? 6   THR A H    1 
ATOM 88   H HA   . THR A 1 6  ? -3.470  3.834   -0.417  1.00 0.00 ? 6   THR A HA   1 
ATOM 89   H HB   . THR A 1 6  ? -4.111  3.216   -2.557  1.00 0.00 ? 6   THR A HB   1 
ATOM 90   H HG1  . THR A 1 6  ? -6.365  3.492   -2.242  1.00 0.00 ? 6   THR A HG1  1 
ATOM 91   H HG21 . THR A 1 6  ? -4.407  6.033   -3.358  1.00 0.00 ? 6   THR A HG21 1 
ATOM 92   H HG22 . THR A 1 6  ? -5.988  5.242   -3.485  1.00 0.00 ? 6   THR A HG22 1 
ATOM 93   H HG23 . THR A 1 6  ? -4.600  4.560   -4.320  1.00 0.00 ? 6   THR A HG23 1 
ATOM 94   N N    . ALA A 1 7  ? -1.851  5.523   -2.692  1.00 0.00 ? 7   ALA A N    1 
ATOM 95   C CA   . ALA A 1 7  ? -0.790  5.085   -3.626  1.00 0.00 ? 7   ALA A CA   1 
ATOM 96   C C    . ALA A 1 7  ? -0.417  6.245   -4.566  1.00 0.00 ? 7   ALA A C    1 
ATOM 97   O O    . ALA A 1 7  ? -1.289  6.864   -5.185  1.00 0.00 ? 7   ALA A O    1 
ATOM 98   C CB   . ALA A 1 7  ? -1.254  3.866   -4.446  1.00 0.00 ? 7   ALA A CB   1 
ATOM 99   H H    . ALA A 1 7  ? -2.653  6.064   -3.033  1.00 0.00 ? 7   ALA A H    1 
ATOM 100  H HA   . ALA A 1 7  ? 0.087   4.791   -3.033  1.00 0.00 ? 7   ALA A HA   1 
ATOM 101  H HB1  . ALA A 1 7  ? -1.490  3.000   -3.797  1.00 0.00 ? 7   ALA A HB1  1 
ATOM 102  H HB2  . ALA A 1 7  ? -0.474  3.534   -5.159  1.00 0.00 ? 7   ALA A HB2  1 
ATOM 103  H HB3  . ALA A 1 7  ? -2.166  4.087   -5.029  1.00 0.00 ? 7   ALA A HB3  1 
ATOM 104  N N    . THR A 1 8  ? 0.889   6.565   -4.584  1.00 0.00 ? 8   THR A N    1 
ATOM 105  C CA   . THR A 1 8  ? 1.403   7.941   -4.854  1.00 0.00 ? 8   THR A CA   1 
ATOM 106  C C    . THR A 1 8  ? 1.155   8.938   -3.676  1.00 0.00 ? 8   THR A C    1 
ATOM 107  O O    . THR A 1 8  ? 2.078   9.671   -3.317  1.00 0.00 ? 8   THR A O    1 
ATOM 108  C CB   . THR A 1 8  ? 1.136   8.580   -6.257  1.00 0.00 ? 8   THR A CB   1 
ATOM 109  O OG1  . THR A 1 8  ? -0.231  8.924   -6.437  1.00 0.00 ? 8   THR A OG1  1 
ATOM 110  C CG2  . THR A 1 8  ? 1.563   7.725   -7.462  1.00 0.00 ? 8   THR A CG2  1 
ATOM 111  H H    . THR A 1 8  ? 1.469   5.903   -4.054  1.00 0.00 ? 8   THR A H    1 
ATOM 112  H HA   . THR A 1 8  ? 2.498   7.799   -4.845  1.00 0.00 ? 8   THR A HA   1 
ATOM 113  H HB   . THR A 1 8  ? 1.715   9.522   -6.317  1.00 0.00 ? 8   THR A HB   1 
ATOM 114  H HG1  . THR A 1 8  ? -0.699  8.085   -6.471  1.00 0.00 ? 8   THR A HG1  1 
ATOM 115  H HG21 . THR A 1 8  ? 1.330   8.243   -8.415  1.00 0.00 ? 8   THR A HG21 1 
ATOM 116  H HG22 . THR A 1 8  ? 1.027   6.758   -7.489  1.00 0.00 ? 8   THR A HG22 1 
ATOM 117  H HG23 . THR A 1 8  ? 2.651   7.513   -7.456  1.00 0.00 ? 8   THR A HG23 1 
ATOM 118  N N    . SER A 1 9  ? -0.070  8.997   -3.111  1.00 0.00 ? 9   SER A N    1 
ATOM 119  C CA   . SER A 1 9  ? -0.690  10.275  -2.703  1.00 0.00 ? 9   SER A CA   1 
ATOM 120  C C    . SER A 1 9  ? -0.831  10.497  -1.164  1.00 0.00 ? 9   SER A C    1 
ATOM 121  O O    . SER A 1 9  ? -1.016  9.526   -0.419  1.00 0.00 ? 9   SER A O    1 
ATOM 122  C CB   . SER A 1 9  ? -2.128  10.336  -3.288  1.00 0.00 ? 9   SER A CB   1 
ATOM 123  O OG   . SER A 1 9  ? -2.190  10.047  -4.678  1.00 0.00 ? 9   SER A OG   1 
ATOM 124  H H    . SER A 1 9  ? -0.682  8.247   -3.442  1.00 0.00 ? 9   SER A H    1 
ATOM 125  H HA   . SER A 1 9  ? -0.098  11.096  -3.151  1.00 0.00 ? 9   SER A HA   1 
ATOM 126  H HB2  . SER A 1 9  ? -2.790  9.629   -2.763  1.00 0.00 ? 9   SER A HB2  1 
ATOM 127  H HB3  . SER A 1 9  ? -2.571  11.337  -3.127  1.00 0.00 ? 9   SER A HB3  1 
ATOM 128  H HG   . SER A 1 9  ? -1.482  10.556  -5.079  1.00 0.00 ? 9   SER A HG   1 
ATOM 129  N N    . PRO A 1 10 ? -0.906  11.769  -0.677  1.00 0.00 ? 10  PRO A N    1 
ATOM 130  C CA   . PRO A 1 10 ? -1.562  12.113  0.610   1.00 0.00 ? 10  PRO A CA   1 
ATOM 131  C C    . PRO A 1 10 ? -3.136  12.084  0.633   1.00 0.00 ? 10  PRO A C    1 
ATOM 132  O O    . PRO A 1 10 ? -3.670  11.603  1.634   1.00 0.00 ? 10  PRO A O    1 
ATOM 133  C CB   . PRO A 1 10 ? -0.980  13.515  0.891   1.00 0.00 ? 10  PRO A CB   1 
ATOM 134  C CG   . PRO A 1 10 ? -0.713  14.131  -0.482  1.00 0.00 ? 10  PRO A CG   1 
ATOM 135  C CD   . PRO A 1 10 ? -0.340  12.948  -1.368  1.00 0.00 ? 10  PRO A CD   1 
ATOM 136  H HA   . PRO A 1 10 ? -1.197  11.425  1.396   1.00 0.00 ? 10  PRO A HA   1 
ATOM 137  H HB2  . PRO A 1 10 ? -1.626  14.158  1.516   1.00 0.00 ? 10  PRO A HB2  1 
ATOM 138  H HB3  . PRO A 1 10 ? -0.028  13.414  1.444   1.00 0.00 ? 10  PRO A HB3  1 
ATOM 139  H HG2  . PRO A 1 10 ? -1.631  14.608  -0.857  1.00 0.00 ? 10  PRO A HG2  1 
ATOM 140  H HG3  . PRO A 1 10 ? 0.061   14.923  -0.468  1.00 0.00 ? 10  PRO A HG3  1 
ATOM 141  H HD2  . PRO A 1 10 ? -0.743  13.083  -2.387  1.00 0.00 ? 10  PRO A HD2  1 
ATOM 142  H HD3  . PRO A 1 10 ? 0.758   12.853  -1.449  1.00 0.00 ? 10  PRO A HD3  1 
ATOM 143  N N    . ILE A 1 11 ? -3.849  12.612  -0.391  1.00 0.00 ? 11  ILE A N    1 
ATOM 144  C CA   . ILE A 1 11 ? -5.283  13.029  -0.287  1.00 0.00 ? 11  ILE A CA   1 
ATOM 145  C C    . ILE A 1 11 ? -6.156  12.540  -1.493  1.00 0.00 ? 11  ILE A C    1 
ATOM 146  O O    . ILE A 1 11 ? -5.668  12.454  -2.628  1.00 0.00 ? 11  ILE A O    1 
ATOM 147  C CB   . ILE A 1 11 ? -5.442  14.585  -0.143  1.00 0.00 ? 11  ILE A CB   1 
ATOM 148  C CG1  . ILE A 1 11 ? -5.009  15.101  1.262   1.00 0.00 ? 11  ILE A CG1  1 
ATOM 149  C CG2  . ILE A 1 11 ? -4.818  15.400  -1.319  1.00 0.00 ? 11  ILE A CG2  1 
ATOM 150  C CD1  . ILE A 1 11 ? -5.162  16.613  1.492   1.00 0.00 ? 11  ILE A CD1  1 
ATOM 151  H H    . ILE A 1 11 ? -3.282  12.908  -1.193  1.00 0.00 ? 11  ILE A H    1 
ATOM 152  H HA   . ILE A 1 11 ? -5.718  12.584  0.620   1.00 0.00 ? 11  ILE A HA   1 
ATOM 153  H HB   . ILE A 1 11 ? -6.533  14.777  -0.190  1.00 0.00 ? 11  ILE A HB   1 
ATOM 154  H HG12 . ILE A 1 11 ? -5.594  14.571  2.038   1.00 0.00 ? 11  ILE A HG12 1 
ATOM 155  H HG13 . ILE A 1 11 ? -3.956  14.833  1.454   1.00 0.00 ? 11  ILE A HG13 1 
ATOM 156  H HG21 . ILE A 1 11 ? -5.150  16.462  -1.332  1.00 0.00 ? 11  ILE A HG21 1 
ATOM 157  H HG22 . ILE A 1 11 ? -5.109  15.000  -2.296  1.00 0.00 ? 11  ILE A HG22 1 
ATOM 158  H HG23 . ILE A 1 11 ? -3.707  15.373  -1.290  1.00 0.00 ? 11  ILE A HG23 1 
ATOM 159  H HD11 . ILE A 1 11 ? -5.080  16.892  2.561   1.00 0.00 ? 11  ILE A HD11 1 
ATOM 160  H HD12 . ILE A 1 11 ? -4.388  17.191  0.962   1.00 0.00 ? 11  ILE A HD12 1 
ATOM 161  H HD13 . ILE A 1 11 ? -6.131  16.993  1.142   1.00 0.00 ? 11  ILE A HD13 1 
ATOM 162  N N    . SER A 1 12 ? -7.470  12.324  -1.245  1.00 0.00 ? 12  SER A N    1 
ATOM 163  C CA   . SER A 1 12 ? -8.527  12.471  -2.285  1.00 0.00 ? 12  SER A CA   1 
ATOM 164  C C    . SER A 1 12 ? -9.919  12.519  -1.579  1.00 0.00 ? 12  SER A C    1 
ATOM 165  O O    . SER A 1 12 ? -10.256 13.567  -1.017  1.00 0.00 ? 12  SER A O    1 
ATOM 166  C CB   . SER A 1 12 ? -8.380  11.545  -3.539  1.00 0.00 ? 12  SER A CB   1 
ATOM 167  O OG   . SER A 1 12 ? -8.186  12.315  -4.722  1.00 0.00 ? 12  SER A OG   1 
ATOM 168  H H    . SER A 1 12 ? -7.718  12.388  -0.252  1.00 0.00 ? 12  SER A H    1 
ATOM 169  H HA   . SER A 1 12 ? -8.392  13.507  -2.658  1.00 0.00 ? 12  SER A HA   1 
ATOM 170  H HB2  . SER A 1 12 ? -7.517  10.872  -3.438  1.00 0.00 ? 12  SER A HB2  1 
ATOM 171  H HB3  . SER A 1 12 ? -9.241  10.861  -3.683  1.00 0.00 ? 12  SER A HB3  1 
ATOM 172  H HG   . SER A 1 12 ? -7.479  12.935  -4.529  1.00 0.00 ? 12  SER A HG   1 
ATOM 173  N N    . ALA A 1 13 ? -10.724 11.436  -1.598  1.00 0.00 ? 13  ALA A N    1 
ATOM 174  C CA   . ALA A 1 13 ? -12.001 11.344  -0.840  1.00 0.00 ? 13  ALA A CA   1 
ATOM 175  C C    . ALA A 1 13 ? -12.193 9.855   -0.450  1.00 0.00 ? 13  ALA A C    1 
ATOM 176  O O    . ALA A 1 13 ? -12.300 8.975   -1.314  1.00 0.00 ? 13  ALA A O    1 
ATOM 177  C CB   . ALA A 1 13 ? -13.190 11.899  -1.648  1.00 0.00 ? 13  ALA A CB   1 
ATOM 178  H H    . ALA A 1 13 ? -10.365 10.639  -2.139  1.00 0.00 ? 13  ALA A H    1 
ATOM 179  H HA   . ALA A 1 13 ? -11.917 11.963  0.078   1.00 0.00 ? 13  ALA A HA   1 
ATOM 180  H HB1  . ALA A 1 13 ? -13.035 12.963  -1.908  1.00 0.00 ? 13  ALA A HB1  1 
ATOM 181  H HB2  . ALA A 1 13 ? -14.129 11.854  -1.063  1.00 0.00 ? 13  ALA A HB2  1 
ATOM 182  H HB3  . ALA A 1 13 ? -13.358 11.344  -2.591  1.00 0.00 ? 13  ALA A HB3  1 
ATOM 183  N N    . VAL A 1 14 ? -12.143 9.572   0.863   1.00 0.00 ? 14  VAL A N    1 
ATOM 184  C CA   . VAL A 1 14 ? -11.520 8.315   1.373   1.00 0.00 ? 14  VAL A CA   1 
ATOM 185  C C    . VAL A 1 14 ? -12.589 7.339   1.972   1.00 0.00 ? 14  VAL A C    1 
ATOM 186  O O    . VAL A 1 14 ? -13.659 7.175   1.378   1.00 0.00 ? 14  VAL A O    1 
ATOM 187  C CB   . VAL A 1 14 ? -10.260 8.700   2.241   1.00 0.00 ? 14  VAL A CB   1 
ATOM 188  C CG1  . VAL A 1 14 ? -9.144  9.377   1.420   1.00 0.00 ? 14  VAL A CG1  1 
ATOM 189  C CG2  . VAL A 1 14 ? -10.521 9.537   3.515   1.00 0.00 ? 14  VAL A CG2  1 
ATOM 190  H H    . VAL A 1 14 ? -12.122 10.410  1.451   1.00 0.00 ? 14  VAL A H    1 
ATOM 191  H HA   . VAL A 1 14 ? -11.109 7.732   0.522   1.00 0.00 ? 14  VAL A HA   1 
ATOM 192  H HB   . VAL A 1 14 ? -9.825  7.743   2.574   1.00 0.00 ? 14  VAL A HB   1 
ATOM 193  H HG11 . VAL A 1 14 ? -9.458  10.341  0.976   1.00 0.00 ? 14  VAL A HG11 1 
ATOM 194  H HG12 . VAL A 1 14 ? -8.235  9.571   2.019   1.00 0.00 ? 14  VAL A HG12 1 
ATOM 195  H HG13 . VAL A 1 14 ? -8.838  8.720   0.593   1.00 0.00 ? 14  VAL A HG13 1 
ATOM 196  H HG21 . VAL A 1 14 ? -10.882 10.555  3.279   1.00 0.00 ? 14  VAL A HG21 1 
ATOM 197  H HG22 . VAL A 1 14 ? -9.602  9.647   4.127   1.00 0.00 ? 14  VAL A HG22 1 
ATOM 198  H HG23 . VAL A 1 14 ? -11.284 9.074   4.166   1.00 0.00 ? 14  VAL A HG23 1 
ATOM 199  N N    . THR A 1 15 ? -12.279 6.645   3.092   1.00 0.00 ? 15  THR A N    1 
ATOM 200  C CA   . THR A 1 15 ? -13.169 5.660   3.785   1.00 0.00 ? 15  THR A CA   1 
ATOM 201  C C    . THR A 1 15 ? -13.165 4.255   3.089   1.00 0.00 ? 15  THR A C    1 
ATOM 202  O O    . THR A 1 15 ? -13.447 4.167   1.890   1.00 0.00 ? 15  THR A O    1 
ATOM 203  C CB   . THR A 1 15 ? -14.619 6.117   4.180   1.00 0.00 ? 15  THR A CB   1 
ATOM 204  O OG1  . THR A 1 15 ? -15.529 5.985   3.096   1.00 0.00 ? 15  THR A OG1  1 
ATOM 205  C CG2  . THR A 1 15 ? -14.780 7.550   4.720   1.00 0.00 ? 15  THR A CG2  1 
ATOM 206  H H    . THR A 1 15 ? -11.368 6.901   3.491   1.00 0.00 ? 15  THR A H    1 
ATOM 207  H HA   . THR A 1 15 ? -12.660 5.535   4.763   1.00 0.00 ? 15  THR A HA   1 
ATOM 208  H HB   . THR A 1 15 ? -14.966 5.431   4.975   1.00 0.00 ? 15  THR A HB   1 
ATOM 209  H HG1  . THR A 1 15 ? -15.261 6.637   2.444   1.00 0.00 ? 15  THR A HG1  1 
ATOM 210  H HG21 . THR A 1 15 ? -14.055 7.786   5.515   1.00 0.00 ? 15  THR A HG21 1 
ATOM 211  H HG22 . THR A 1 15 ? -15.792 7.708   5.139   1.00 0.00 ? 15  THR A HG22 1 
ATOM 212  H HG23 . THR A 1 15 ? -14.641 8.306   3.924   1.00 0.00 ? 15  THR A HG23 1 
ATOM 213  N N    . CYS A 1 16 ? -12.927 3.166   3.860   1.00 0.00 ? 16  CYS A N    1 
ATOM 214  C CA   . CYS A 1 16 ? -13.329 1.782   3.457   1.00 0.00 ? 16  CYS A CA   1 
ATOM 215  C C    . CYS A 1 16 ? -14.708 1.475   4.154   1.00 0.00 ? 16  CYS A C    1 
ATOM 216  O O    . CYS A 1 16 ? -14.677 1.140   5.345   1.00 0.00 ? 16  CYS A O    1 
ATOM 217  C CB   . CYS A 1 16 ? -12.238 0.744   3.803   1.00 0.00 ? 16  CYS A CB   1 
ATOM 218  S SG   . CYS A 1 16 ? -12.874 -0.898  3.372   1.00 0.00 ? 16  CYS A SG   1 
ATOM 219  H H    . CYS A 1 16 ? -12.682 3.388   4.832   1.00 0.00 ? 16  CYS A H    1 
ATOM 220  H HA   . CYS A 1 16 ? -13.406 1.703   2.358   1.00 0.00 ? 16  CYS A HA   1 
ATOM 221  H HB2  . CYS A 1 16 ? -11.308 0.931   3.235   1.00 0.00 ? 16  CYS A HB2  1 
ATOM 222  H HB3  . CYS A 1 16 ? -11.961 0.771   4.875   1.00 0.00 ? 16  CYS A HB3  1 
ATOM 223  N N    . PRO A 1 17 ? -15.931 1.641   3.545   1.00 0.00 ? 17  PRO A N    1 
ATOM 224  C CA   . PRO A 1 17 ? -17.128 2.062   4.329   1.00 0.00 ? 17  PRO A CA   1 
ATOM 225  C C    . PRO A 1 17 ? -18.234 1.053   4.815   1.00 0.00 ? 17  PRO A C    1 
ATOM 226  O O    . PRO A 1 17 ? -18.432 1.054   6.035   1.00 0.00 ? 17  PRO A O    1 
ATOM 227  C CB   . PRO A 1 17 ? -17.706 3.230   3.509   1.00 0.00 ? 17  PRO A CB   1 
ATOM 228  C CG   . PRO A 1 17 ? -17.150 3.115   2.087   1.00 0.00 ? 17  PRO A CG   1 
ATOM 229  C CD   . PRO A 1 17 ? -16.088 2.015   2.119   1.00 0.00 ? 17  PRO A CD   1 
ATOM 230  H HA   . PRO A 1 17 ? -16.756 2.541   5.258   1.00 0.00 ? 17  PRO A HA   1 
ATOM 231  H HB2  . PRO A 1 17 ? -18.812 3.264   3.518   1.00 0.00 ? 17  PRO A HB2  1 
ATOM 232  H HB3  . PRO A 1 17 ? -17.379 4.186   3.962   1.00 0.00 ? 17  PRO A HB3  1 
ATOM 233  H HG2  . PRO A 1 17 ? -17.940 2.875   1.353   1.00 0.00 ? 17  PRO A HG2  1 
ATOM 234  H HG3  . PRO A 1 17 ? -16.711 4.077   1.760   1.00 0.00 ? 17  PRO A HG3  1 
ATOM 235  H HD2  . PRO A 1 17 ? -16.409 1.131   1.540   1.00 0.00 ? 17  PRO A HD2  1 
ATOM 236  H HD3  . PRO A 1 17 ? -15.182 2.379   1.614   1.00 0.00 ? 17  PRO A HD3  1 
ATOM 237  N N    . PRO A 1 18 ? -19.052 0.282   4.019   1.00 0.00 ? 18  PRO A N    1 
ATOM 238  C CA   . PRO A 1 18 ? -20.398 -0.210  4.456   1.00 0.00 ? 18  PRO A CA   1 
ATOM 239  C C    . PRO A 1 18 ? -20.337 -1.288  5.583   1.00 0.00 ? 18  PRO A C    1 
ATOM 240  O O    . PRO A 1 18 ? -20.556 -0.958  6.754   1.00 0.00 ? 18  PRO A O    1 
ATOM 241  C CB   . PRO A 1 18 ? -21.044 -0.659  3.123   1.00 0.00 ? 18  PRO A CB   1 
ATOM 242  C CG   . PRO A 1 18 ? -19.857 -1.064  2.248   1.00 0.00 ? 18  PRO A CG   1 
ATOM 243  C CD   . PRO A 1 18 ? -18.780 -0.036  2.604   1.00 0.00 ? 18  PRO A CD   1 
ATOM 244  H HA   . PRO A 1 18 ? -20.984 0.649   4.838   1.00 0.00 ? 18  PRO A HA   1 
ATOM 245  H HB2  . PRO A 1 18 ? -21.782 -1.469  3.241   1.00 0.00 ? 18  PRO A HB2  1 
ATOM 246  H HB3  . PRO A 1 18 ? -21.588 0.179   2.650   1.00 0.00 ? 18  PRO A HB3  1 
ATOM 247  H HG2  . PRO A 1 18 ? -19.520 -2.081  2.525   1.00 0.00 ? 18  PRO A HG2  1 
ATOM 248  H HG3  . PRO A 1 18 ? -20.095 -1.085  1.170   1.00 0.00 ? 18  PRO A HG3  1 
ATOM 249  H HD2  . PRO A 1 18 ? -17.770 -0.456  2.454   1.00 0.00 ? 18  PRO A HD2  1 
ATOM 250  H HD3  . PRO A 1 18 ? -18.880 0.857   1.963   1.00 0.00 ? 18  PRO A HD3  1 
ATOM 251  N N    . GLY A 1 19 ? -19.920 -2.517  5.249   1.00 0.00 ? 19  GLY A N    1 
ATOM 252  C CA   . GLY A 1 19 ? -18.864 -3.196  6.018   1.00 0.00 ? 19  GLY A CA   1 
ATOM 253  C C    . GLY A 1 19 ? -17.437 -2.962  5.417   1.00 0.00 ? 19  GLY A C    1 
ATOM 254  O O    . GLY A 1 19 ? -17.216 -2.183  4.482   1.00 0.00 ? 19  GLY A O    1 
ATOM 255  H H    . GLY A 1 19 ? -19.985 -2.695  4.239   1.00 0.00 ? 19  GLY A H    1 
ATOM 256  H HA2  . GLY A 1 19 ? -18.872 -2.867  7.078   1.00 0.00 ? 19  GLY A HA2  1 
ATOM 257  H HA3  . GLY A 1 19 ? -19.102 -4.279  6.053   1.00 0.00 ? 19  GLY A HA3  1 
ATOM 258  N N    . GLU A 1 20 ? -16.397 -3.622  5.937   1.00 0.00 ? 20  GLU A N    1 
ATOM 259  C CA   . GLU A 1 20 ? -16.421 -4.819  6.646   1.00 0.00 ? 20  GLU A CA   1 
ATOM 260  C C    . GLU A 1 20 ? -15.162 -3.835  6.143   1.00 0.00 ? 20  GLU A C    1 
ATOM 261  O O    . GLU A 1 20 ? -14.504 -3.991  5.109   1.00 0.00 ? 20  GLU A O    1 
ATOM 262  C CB   . GLU A 1 20 ? -16.712 -6.109  5.847   1.00 0.00 ? 20  GLU A CB   1 
ATOM 263  C CG   . GLU A 1 20 ? -16.702 -7.360  6.746   1.00 0.00 ? 20  GLU A CG   1 
ATOM 264  C CD   . GLU A 1 20 ? -18.089 -7.721  7.294   1.00 0.00 ? 20  GLU A CD   1 
ATOM 265  O OE1  . GLU A 1 20 ? -18.557 -7.042  8.235   1.00 0.00 ? 20  GLU A OE1  1 
ATOM 266  O OE2  . GLU A 1 20 ? -18.725 -8.660  6.767   1.00 0.00 ? 20  GLU A OE2  1 
ATOM 267  H H    . GLU A 1 20 ? -16.121 -3.692  4.952   1.00 0.00 ? 20  GLU A H    1 
ATOM 268  H HA   . GLU A 1 20 ? -16.866 -4.687  7.649   1.00 0.00 ? 20  GLU A HA   1 
ATOM 269  H HB2  . GLU A 1 20 ? -17.678 -6.027  5.309   1.00 0.00 ? 20  GLU A HB2  1 
ATOM 270  H HB3  . GLU A 1 20 ? -15.978 -6.237  5.028   1.00 0.00 ? 20  GLU A HB3  1 
ATOM 271  H HG2  . GLU A 1 20 ? -16.312 -8.206  6.154   1.00 0.00 ? 20  GLU A HG2  1 
ATOM 272  H HG3  . GLU A 1 20 ? -15.975 -7.254  7.578   1.00 0.00 ? 20  GLU A HG3  1 
ATOM 273  N N    . ASN A 1 21 ? -14.560 -3.634  7.329   1.00 0.00 ? 21  ASN A N    1 
ATOM 274  C CA   . ASN A 1 21 ? -13.188 -4.122  7.647   1.00 0.00 ? 21  ASN A CA   1 
ATOM 275  C C    . ASN A 1 21 ? -12.025 -3.211  7.154   1.00 0.00 ? 21  ASN A C    1 
ATOM 276  O O    . ASN A 1 21 ? -11.999 -2.021  7.483   1.00 0.00 ? 21  ASN A O    1 
ATOM 277  C CB   . ASN A 1 21 ? -13.083 -5.696  7.497   1.00 0.00 ? 21  ASN A CB   1 
ATOM 278  C CG   . ASN A 1 21 ? -13.276 -6.501  8.802   1.00 0.00 ? 21  ASN A CG   1 
ATOM 279  O OD1  . ASN A 1 21 ? -14.081 -6.172  9.671   1.00 0.00 ? 21  ASN A OD1  1 
ATOM 280  N ND2  . ASN A 1 21 ? -12.590 -7.620  8.954   1.00 0.00 ? 21  ASN A ND2  1 
ATOM 281  H H    . ASN A 1 21 ? -15.233 -3.500  8.093   1.00 0.00 ? 21  ASN A H    1 
ATOM 282  H HA   . ASN A 1 21 ? -13.121 -3.937  8.743   1.00 0.00 ? 21  ASN A HA   1 
ATOM 283  H HB2  . ASN A 1 21 ? -13.798 -6.096  6.749   1.00 0.00 ? 21  ASN A HB2  1 
ATOM 284  H HB3  . ASN A 1 21 ? -12.128 -5.981  7.033   1.00 0.00 ? 21  ASN A HB3  1 
ATOM 285  H HD21 . ASN A 1 21 ? -11.996 -7.885  8.161   1.00 0.00 ? 21  ASN A HD21 1 
ATOM 286  H HD22 . ASN A 1 21 ? -12.625 -8.037  9.892   1.00 0.00 ? 21  ASN A HD22 1 
ATOM 287  N N    . LEU A 1 22 ? -10.988 -3.782  6.518   1.00 0.00 ? 22  LEU A N    1 
ATOM 288  C CA   . LEU A 1 22 ? -9.576  -3.433  6.842   1.00 0.00 ? 22  LEU A CA   1 
ATOM 289  C C    . LEU A 1 22 ? -8.865  -2.983  5.541   1.00 0.00 ? 22  LEU A C    1 
ATOM 290  O O    . LEU A 1 22 ? -9.188  -3.461  4.446   1.00 0.00 ? 22  LEU A O    1 
ATOM 291  C CB   . LEU A 1 22 ? -8.809  -4.635  7.493   1.00 0.00 ? 22  LEU A CB   1 
ATOM 292  C CG   . LEU A 1 22 ? -9.497  -5.492  8.609   1.00 0.00 ? 22  LEU A CG   1 
ATOM 293  C CD1  . LEU A 1 22 ? -8.608  -6.662  9.075   1.00 0.00 ? 22  LEU A CD1  1 
ATOM 294  C CD2  . LEU A 1 22 ? -10.043 -4.675  9.803   1.00 0.00 ? 22  LEU A CD2  1 
ATOM 295  H H    . LEU A 1 22 ? -11.205 -4.699  6.110   1.00 0.00 ? 22  LEU A H    1 
ATOM 296  H HA   . LEU A 1 22 ? -9.550  -2.605  7.580   1.00 0.00 ? 22  LEU A HA   1 
ATOM 297  H HB2  . LEU A 1 22 ? -8.496  -5.338  6.695   1.00 0.00 ? 22  LEU A HB2  1 
ATOM 298  H HB3  . LEU A 1 22 ? -7.846  -4.249  7.878   1.00 0.00 ? 22  LEU A HB3  1 
ATOM 299  H HG   . LEU A 1 22 ? -10.372 -5.972  8.149   1.00 0.00 ? 22  LEU A HG   1 
ATOM 300  H HD11 . LEU A 1 22 ? -9.119  -7.260  9.861   1.00 0.00 ? 22  LEU A HD11 1 
ATOM 301  H HD12 . LEU A 1 22 ? -7.664  -6.296  9.513   1.00 0.00 ? 22  LEU A HD12 1 
ATOM 302  H HD13 . LEU A 1 22 ? -8.354  -7.346  8.237   1.00 0.00 ? 22  LEU A HD13 1 
ATOM 303  H HD21 . LEU A 1 22 ? -10.016 -5.218  10.761  1.00 0.00 ? 22  LEU A HD21 1 
ATOM 304  H HD22 . LEU A 1 22 ? -9.514  -3.714  9.947   1.00 0.00 ? 22  LEU A HD22 1 
ATOM 305  H HD23 . LEU A 1 22 ? -11.100 -4.405  9.664   1.00 0.00 ? 22  LEU A HD23 1 
ATOM 306  N N    . CYS A 1 23 ? -7.884  -2.061  5.649   1.00 0.00 ? 23  CYS A N    1 
ATOM 307  C CA   . CYS A 1 23 ? -7.273  -1.383  4.469   1.00 0.00 ? 23  CYS A CA   1 
ATOM 308  C C    . CYS A 1 23 ? -6.115  -2.191  3.789   1.00 0.00 ? 23  CYS A C    1 
ATOM 309  O O    . CYS A 1 23 ? -4.971  -1.742  3.713   1.00 0.00 ? 23  CYS A O    1 
ATOM 310  C CB   . CYS A 1 23 ? -6.880  0.022   4.981   1.00 0.00 ? 23  CYS A CB   1 
ATOM 311  S SG   . CYS A 1 23 ? -6.644  1.163   3.621   1.00 0.00 ? 23  CYS A SG   1 
ATOM 312  H H    . CYS A 1 23 ? -7.671  -1.755  6.609   1.00 0.00 ? 23  CYS A H    1 
ATOM 313  H HA   . CYS A 1 23 ? -8.065  -1.216  3.711   1.00 0.00 ? 23  CYS A HA   1 
ATOM 314  H HB2  . CYS A 1 23 ? -7.670  0.471   5.615   1.00 0.00 ? 23  CYS A HB2  1 
ATOM 315  H HB3  . CYS A 1 23 ? -5.975  -0.004  5.613   1.00 0.00 ? 23  CYS A HB3  1 
ATOM 316  N N    . TYR A 1 24 ? -6.490  -3.373  3.266   1.00 0.00 ? 24  TYR A N    1 
ATOM 317  C CA   . TYR A 1 24 ? -5.635  -4.541  2.900   1.00 0.00 ? 24  TYR A CA   1 
ATOM 318  C C    . TYR A 1 24 ? -4.329  -4.260  2.096   1.00 0.00 ? 24  TYR A C    1 
ATOM 319  O O    . TYR A 1 24 ? -4.317  -4.314  0.863   1.00 0.00 ? 24  TYR A O    1 
ATOM 320  C CB   . TYR A 1 24 ? -6.666  -5.445  2.144   1.00 0.00 ? 24  TYR A CB   1 
ATOM 321  C CG   . TYR A 1 24 ? -6.313  -6.880  1.728   1.00 0.00 ? 24  TYR A CG   1 
ATOM 322  C CD1  . TYR A 1 24 ? -6.164  -7.879  2.696   1.00 0.00 ? 24  TYR A CD1  1 
ATOM 323  C CD2  . TYR A 1 24 ? -6.358  -7.236  0.374   1.00 0.00 ? 24  TYR A CD2  1 
ATOM 324  C CE1  . TYR A 1 24 ? -6.082  -9.216  2.318   1.00 0.00 ? 24  TYR A CE1  1 
ATOM 325  C CE2  . TYR A 1 24 ? -6.265  -8.574  -0.005  1.00 0.00 ? 24  TYR A CE2  1 
ATOM 326  C CZ   . TYR A 1 24 ? -6.131  -9.565  0.968   1.00 0.00 ? 24  TYR A CZ   1 
ATOM 327  O OH   . TYR A 1 24 ? -6.076  -10.888 0.603   1.00 0.00 ? 24  TYR A OH   1 
ATOM 328  H H    . TYR A 1 24 ? -7.476  -3.566  3.464   1.00 0.00 ? 24  TYR A H    1 
ATOM 329  H HA   . TYR A 1 24 ? -5.364  -5.063  3.840   1.00 0.00 ? 24  TYR A HA   1 
ATOM 330  H HB2  . TYR A 1 24 ? -7.574  -5.556  2.771   1.00 0.00 ? 24  TYR A HB2  1 
ATOM 331  H HB3  . TYR A 1 24 ? -7.034  -4.891  1.253   1.00 0.00 ? 24  TYR A HB3  1 
ATOM 332  H HD1  . TYR A 1 24 ? -6.167  -7.626  3.747   1.00 0.00 ? 24  TYR A HD1  1 
ATOM 333  H HD2  . TYR A 1 24 ? -6.496  -6.481  -0.385  1.00 0.00 ? 24  TYR A HD2  1 
ATOM 334  H HE1  . TYR A 1 24 ? -6.034  -9.983  3.076   1.00 0.00 ? 24  TYR A HE1  1 
ATOM 335  H HE2  . TYR A 1 24 ? -6.324  -8.835  -1.052  1.00 0.00 ? 24  TYR A HE2  1 
ATOM 336  H HH   . TYR A 1 24 ? -6.121  -10.953 -0.354  1.00 0.00 ? 24  TYR A HH   1 
ATOM 337  N N    . ARG A 1 25 ? -3.229  -3.958  2.817   1.00 0.00 ? 25  ARG A N    1 
ATOM 338  C CA   . ARG A 1 25 ? -2.041  -3.294  2.226   1.00 0.00 ? 25  ARG A CA   1 
ATOM 339  C C    . ARG A 1 25 ? -0.981  -4.324  1.787   1.00 0.00 ? 25  ARG A C    1 
ATOM 340  O O    . ARG A 1 25 ? -0.323  -4.963  2.612   1.00 0.00 ? 25  ARG A O    1 
ATOM 341  C CB   . ARG A 1 25 ? -1.484  -2.225  3.203   1.00 0.00 ? 25  ARG A CB   1 
ATOM 342  C CG   . ARG A 1 25 ? -0.342  -1.331  2.640   1.00 0.00 ? 25  ARG A CG   1 
ATOM 343  C CD   . ARG A 1 25 ? 1.014   -1.491  3.355   1.00 0.00 ? 25  ARG A CD   1 
ATOM 344  N NE   . ARG A 1 25 ? 1.027   -0.856  4.698   1.00 0.00 ? 25  ARG A NE   1 
ATOM 345  C CZ   . ARG A 1 25 ? 1.442   -1.438  5.838   1.00 0.00 ? 25  ARG A CZ   1 
ATOM 346  N NH1  . ARG A 1 25 ? 1.778   -2.721  5.947   1.00 0.00 ? 25  ARG A NH1  1 
ATOM 347  N NH2  . ARG A 1 25 ? 1.514   -0.684  6.917   1.00 0.00 ? 25  ARG A NH2  1 
ATOM 348  H H    . ARG A 1 25 ? -3.348  -4.026  3.834   1.00 0.00 ? 25  ARG A H    1 
ATOM 349  H HA   . ARG A 1 25 ? -2.368  -2.727  1.340   1.00 0.00 ? 25  ARG A HA   1 
ATOM 350  H HB2  . ARG A 1 25 ? -2.305  -1.551  3.509   1.00 0.00 ? 25  ARG A HB2  1 
ATOM 351  H HB3  . ARG A 1 25 ? -1.171  -2.718  4.146   1.00 0.00 ? 25  ARG A HB3  1 
ATOM 352  H HG2  . ARG A 1 25 ? -0.180  -1.551  1.567   1.00 0.00 ? 25  ARG A HG2  1 
ATOM 353  H HG3  . ARG A 1 25 ? -0.652  -0.269  2.649   1.00 0.00 ? 25  ARG A HG3  1 
ATOM 354  H HD2  . ARG A 1 25 ? 1.293   -2.562  3.377   1.00 0.00 ? 25  ARG A HD2  1 
ATOM 355  H HD3  . ARG A 1 25 ? 1.797   -0.999  2.745   1.00 0.00 ? 25  ARG A HD3  1 
ATOM 356  H HE   . ARG A 1 25 ? 0.800   0.138   4.810   1.00 0.00 ? 25  ARG A HE   1 
ATOM 357  H HH11 . ARG A 1 25 ? 1.704   -3.289  5.095   1.00 0.00 ? 25  ARG A HH11 1 
ATOM 358  H HH12 . ARG A 1 25 ? 2.070   -3.041  6.878   1.00 0.00 ? 25  ARG A HH12 1 
ATOM 359  H HH21 . ARG A 1 25 ? 1.253   0.303   6.798   1.00 0.00 ? 25  ARG A HH21 1 
ATOM 360  H HH22 . ARG A 1 25 ? 1.833   -1.138  7.781   1.00 0.00 ? 25  ARG A HH22 1 
ATOM 361  N N    . LYS A 1 26 ? -0.799  -4.393  0.459   1.00 0.00 ? 26  LYS A N    1 
ATOM 362  C CA   . LYS A 1 26 ? 0.313   -5.134  -0.180  1.00 0.00 ? 26  LYS A CA   1 
ATOM 363  C C    . LYS A 1 26 ? 1.615   -4.299  -0.068  1.00 0.00 ? 26  LYS A C    1 
ATOM 364  O O    . LYS A 1 26 ? 1.642   -3.112  -0.410  1.00 0.00 ? 26  LYS A O    1 
ATOM 365  C CB   . LYS A 1 26 ? -0.026  -5.400  -1.676  1.00 0.00 ? 26  LYS A CB   1 
ATOM 366  C CG   . LYS A 1 26 ? -0.544  -6.795  -2.089  1.00 0.00 ? 26  LYS A CG   1 
ATOM 367  C CD   . LYS A 1 26 ? 0.058   -7.252  -3.434  1.00 0.00 ? 26  LYS A CD   1 
ATOM 368  C CE   . LYS A 1 26 ? -0.337  -8.666  -3.882  1.00 0.00 ? 26  LYS A CE   1 
ATOM 369  N NZ   . LYS A 1 26 ? -1.689  -8.720  -4.467  1.00 0.00 ? 26  LYS A NZ   1 
ATOM 370  H H    . LYS A 1 26 ? -1.383  -3.746  -0.081  1.00 0.00 ? 26  LYS A H    1 
ATOM 371  H HA   . LYS A 1 26 ? 0.431   -6.103  0.335   1.00 0.00 ? 26  LYS A HA   1 
ATOM 372  H HB2  . LYS A 1 26 ? -0.794  -4.687  -1.996  1.00 0.00 ? 26  LYS A HB2  1 
ATOM 373  H HB3  . LYS A 1 26 ? 0.842   -5.137  -2.309  1.00 0.00 ? 26  LYS A HB3  1 
ATOM 374  H HG2  . LYS A 1 26 ? -0.330  -7.544  -1.306  1.00 0.00 ? 26  LYS A HG2  1 
ATOM 375  H HG3  . LYS A 1 26 ? -1.648  -6.768  -2.166  1.00 0.00 ? 26  LYS A HG3  1 
ATOM 376  H HD2  . LYS A 1 26 ? -0.161  -6.515  -4.232  1.00 0.00 ? 26  LYS A HD2  1 
ATOM 377  H HD3  . LYS A 1 26 ? 1.156   -7.232  -3.334  1.00 0.00 ? 26  LYS A HD3  1 
ATOM 378  H HE2  . LYS A 1 26 ? 0.382   -9.017  -4.642  1.00 0.00 ? 26  LYS A HE2  1 
ATOM 379  H HE3  . LYS A 1 26 ? -0.258  -9.388  -3.046  1.00 0.00 ? 26  LYS A HE3  1 
ATOM 380  H HZ1  . LYS A 1 26 ? -2.417  -8.509  -3.775  1.00 0.00 ? 26  LYS A HZ1  1 
ATOM 381  H HZ2  . LYS A 1 26 ? -1.890  -9.648  -4.854  1.00 0.00 ? 26  LYS A HZ2  1 
ATOM 382  H HZ3  . LYS A 1 26 ? -1.785  -8.045  -5.234  1.00 0.00 ? 26  LYS A HZ3  1 
ATOM 383  N N    . MET A 1 27 ? 2.688   -4.949  0.396   1.00 0.00 ? 27  MET A N    1 
ATOM 384  C CA   . MET A 1 27 ? 4.022   -4.318  0.519   1.00 0.00 ? 27  MET A CA   1 
ATOM 385  C C    . MET A 1 27 ? 5.053   -5.395  0.115   1.00 0.00 ? 27  MET A C    1 
ATOM 386  O O    . MET A 1 27 ? 5.282   -6.335  0.881   1.00 0.00 ? 27  MET A O    1 
ATOM 387  C CB   . MET A 1 27 ? 4.224   -3.759  1.952   1.00 0.00 ? 27  MET A CB   1 
ATOM 388  C CG   . MET A 1 27 ? 5.408   -2.795  2.103   1.00 0.00 ? 27  MET A CG   1 
ATOM 389  S SD   . MET A 1 27 ? 5.403   -2.121  3.778   1.00 0.00 ? 27  MET A SD   1 
ATOM 390  C CE   . MET A 1 27 ? 6.451   -3.298  4.654   1.00 0.00 ? 27  MET A CE   1 
ATOM 391  H H    . MET A 1 27 ? 2.535   -5.934  0.633   1.00 0.00 ? 27  MET A H    1 
ATOM 392  H HA   . MET A 1 27 ? 4.090   -3.475  -0.188  1.00 0.00 ? 27  MET A HA   1 
ATOM 393  H HB2  . MET A 1 27 ? 3.318   -3.211  2.270   1.00 0.00 ? 27  MET A HB2  1 
ATOM 394  H HB3  . MET A 1 27 ? 4.328   -4.585  2.683   1.00 0.00 ? 27  MET A HB3  1 
ATOM 395  H HG2  . MET A 1 27 ? 6.372   -3.294  1.884   1.00 0.00 ? 27  MET A HG2  1 
ATOM 396  H HG3  . MET A 1 27 ? 5.314   -1.957  1.389   1.00 0.00 ? 27  MET A HG3  1 
ATOM 397  H HE1  . MET A 1 27 ? 6.262   -3.238  5.742   1.00 0.00 ? 27  MET A HE1  1 
ATOM 398  H HE2  . MET A 1 27 ? 7.519   -3.075  4.476   1.00 0.00 ? 27  MET A HE2  1 
ATOM 399  H HE3  . MET A 1 27 ? 6.258   -4.337  4.326   1.00 0.00 ? 27  MET A HE3  1 
ATOM 400  N N    . TRP A 1 28 ? 5.655   -5.256  -1.088  1.00 0.00 ? 28  TRP A N    1 
ATOM 401  C CA   . TRP A 1 28 ? 6.542   -6.293  -1.700  1.00 0.00 ? 28  TRP A CA   1 
ATOM 402  C C    . TRP A 1 28 ? 7.643   -6.849  -0.760  1.00 0.00 ? 28  TRP A C    1 
ATOM 403  O O    . TRP A 1 28 ? 7.533   -8.010  -0.345  1.00 0.00 ? 28  TRP A O    1 
ATOM 404  C CB   . TRP A 1 28 ? 7.036   -5.834  -3.100  1.00 0.00 ? 28  TRP A CB   1 
ATOM 405  C CG   . TRP A 1 28 ? 7.684   -6.917  -3.973  1.00 0.00 ? 28  TRP A CG   1 
ATOM 406  C CD1  . TRP A 1 28 ? 9.023   -7.345  -3.877  1.00 0.00 ? 28  TRP A CD1  1 
ATOM 407  C CD2  . TRP A 1 28 ? 7.120   -7.684  -4.980  1.00 0.00 ? 28  TRP A CD2  1 
ATOM 408  N NE1  . TRP A 1 28 ? 9.303   -8.395  -4.767  1.00 0.00 ? 28  TRP A NE1  1 
ATOM 409  C CE2  . TRP A 1 28 ? 8.107   -8.591  -5.440  1.00 0.00 ? 28  TRP A CE2  1 
ATOM 410  C CE3  . TRP A 1 28 ? 5.832   -7.669  -5.579  1.00 0.00 ? 28  TRP A CE3  1 
ATOM 411  C CZ2  . TRP A 1 28 ? 7.813   -9.500  -6.482  1.00 0.00 ? 28  TRP A CZ2  1 
ATOM 412  C CZ3  . TRP A 1 28 ? 5.562   -8.572  -6.612  1.00 0.00 ? 28  TRP A CZ3  1 
ATOM 413  C CH2  . TRP A 1 28 ? 6.540   -9.472  -7.056  1.00 0.00 ? 28  TRP A CH2  1 
ATOM 414  H H    . TRP A 1 28 ? 5.330   -4.452  -1.636  1.00 0.00 ? 28  TRP A H    1 
ATOM 415  H HA   . TRP A 1 28 ? 5.891   -7.147  -1.921  1.00 0.00 ? 28  TRP A HA   1 
ATOM 416  H HB2  . TRP A 1 28 ? 6.173   -5.450  -3.668  1.00 0.00 ? 28  TRP A HB2  1 
ATOM 417  H HB3  . TRP A 1 28 ? 7.720   -4.969  -2.994  1.00 0.00 ? 28  TRP A HB3  1 
ATOM 418  H HD1  . TRP A 1 28 ? 9.745   -6.922  -3.192  1.00 0.00 ? 28  TRP A HD1  1 
ATOM 419  H HE1  . TRP A 1 28 ? 10.207  -8.844  -4.947  1.00 0.00 ? 28  TRP A HE1  1 
ATOM 420  H HE3  . TRP A 1 28 ? 5.072   -6.967  -5.268  1.00 0.00 ? 28  TRP A HE3  1 
ATOM 421  H HZ2  . TRP A 1 28 ? 8.559   -10.202 -6.829  1.00 0.00 ? 28  TRP A HZ2  1 
ATOM 422  H HZ3  . TRP A 1 28 ? 4.590   -8.567  -7.081  1.00 0.00 ? 28  TRP A HZ3  1 
ATOM 423  H HH2  . TRP A 1 28 ? 6.314   -10.145 -7.868  1.00 0.00 ? 28  TRP A HH2  1 
ATOM 424  N N    . CYS A 1 29 ? 8.652   -6.024  -0.404  1.00 0.00 ? 29  CYS A N    1 
ATOM 425  C CA   . CYS A 1 29 ? 9.732   -6.402  0.548   1.00 0.00 ? 29  CYS A CA   1 
ATOM 426  C C    . CYS A 1 29 ? 10.473  -7.691  0.079   1.00 0.00 ? 29  CYS A C    1 
ATOM 427  O O    . CYS A 1 29 ? 10.169  -8.781  0.571   1.00 0.00 ? 29  CYS A O    1 
ATOM 428  C CB   . CYS A 1 29 ? 9.200   -6.454  2.011   1.00 0.00 ? 29  CYS A CB   1 
ATOM 429  S SG   . CYS A 1 29 ? 10.413  -5.818  3.177   1.00 0.00 ? 29  CYS A SG   1 
ATOM 430  H H    . CYS A 1 29 ? 8.636   -5.098  -0.844  1.00 0.00 ? 29  CYS A H    1 
ATOM 431  H HA   . CYS A 1 29 ? 10.458  -5.567  0.516   1.00 0.00 ? 29  CYS A HA   1 
ATOM 432  H HB2  . CYS A 1 29 ? 8.308   -5.819  2.139   1.00 0.00 ? 29  CYS A HB2  1 
ATOM 433  H HB3  . CYS A 1 29 ? 8.886   -7.473  2.319   1.00 0.00 ? 29  CYS A HB3  1 
ATOM 434  N N    . ASP A 1 30 ? 11.366  -7.561  -0.927  1.00 0.00 ? 30  ASP A N    1 
ATOM 435  C CA   . ASP A 1 30 ? 11.936  -8.711  -1.693  1.00 0.00 ? 30  ASP A CA   1 
ATOM 436  C C    . ASP A 1 30 ? 12.477  -9.916  -0.844  1.00 0.00 ? 30  ASP A C    1 
ATOM 437  O O    . ASP A 1 30 ? 12.142  -11.061 -1.157  1.00 0.00 ? 30  ASP A O    1 
ATOM 438  C CB   . ASP A 1 30 ? 12.977  -8.178  -2.732  1.00 0.00 ? 30  ASP A CB   1 
ATOM 439  C CG   . ASP A 1 30 ? 12.901  -8.784  -4.142  1.00 0.00 ? 30  ASP A CG   1 
ATOM 440  O OD1  . ASP A 1 30 ? 13.134  -10.003 -4.298  1.00 0.00 ? 30  ASP A OD1  1 
ATOM 441  O OD2  . ASP A 1 30 ? 12.618  -8.032  -5.103  1.00 0.00 ? 30  ASP A OD2  1 
ATOM 442  H H    . ASP A 1 30 ? 11.499  -6.593  -1.242  1.00 0.00 ? 30  ASP A H    1 
ATOM 443  H HA   . ASP A 1 30 ? 11.074  -9.105  -2.265  1.00 0.00 ? 30  ASP A HA   1 
ATOM 444  H HB2  . ASP A 1 30 ? 12.896  -7.079  -2.861  1.00 0.00 ? 30  ASP A HB2  1 
ATOM 445  H HB3  . ASP A 1 30 ? 14.013  -8.308  -2.363  1.00 0.00 ? 30  ASP A HB3  1 
ATOM 446  N N    . ALA A 1 31 ? 13.232  -9.637  0.251   1.00 0.00 ? 31  ALA A N    1 
ATOM 447  C CA   . ALA A 1 31 ? 13.489  -10.606 1.362   1.00 0.00 ? 31  ALA A CA   1 
ATOM 448  C C    . ALA A 1 31 ? 13.854  -9.915  2.786   1.00 0.00 ? 31  ALA A C    1 
ATOM 449  O O    . ALA A 1 31 ? 13.004  -10.270 3.612   1.00 0.00 ? 31  ALA A O    1 
ATOM 450  C CB   . ALA A 1 31 ? 14.368  -11.796 0.880   1.00 0.00 ? 31  ALA A CB   1 
ATOM 451  H H    . ALA A 1 31 ? 13.318  -8.627  0.411   1.00 0.00 ? 31  ALA A H    1 
ATOM 452  H HA   . ALA A 1 31 ? 12.503  -11.083 1.539   1.00 0.00 ? 31  ALA A HA   1 
ATOM 453  H HB1  . ALA A 1 31 ? 15.355  -11.458 0.514   1.00 0.00 ? 31  ALA A HB1  1 
ATOM 454  H HB2  . ALA A 1 31 ? 13.893  -12.386 0.081   1.00 0.00 ? 31  ALA A HB2  1 
ATOM 455  H HB3  . ALA A 1 31 ? 14.544  -12.498 1.713   1.00 0.00 ? 31  ALA A HB3  1 
ATOM 456  N N    . PHE A 1 32 ? 15.151  -10.173 3.143   1.00 0.00 ? 32  PHE A N    1 
ATOM 457  C CA   . PHE A 1 32 ? 16.258  -9.334  3.437   1.00 0.00 ? 32  PHE A CA   1 
ATOM 458  C C    . PHE A 1 32 ? 14.751  -8.864  3.139   1.00 0.00 ? 32  PHE A C    1 
ATOM 459  O O    . PHE A 1 32 ? 14.383  -8.299  4.206   1.00 0.00 ? 32  PHE A O    1 
ATOM 460  C CB   . PHE A 1 32 ? 17.408  -9.527  2.391   1.00 0.00 ? 32  PHE A CB   1 
ATOM 461  C CG   . PHE A 1 32 ? 18.489  -10.517 2.851   1.00 0.00 ? 32  PHE A CG   1 
ATOM 462  C CD1  . PHE A 1 32 ? 18.280  -11.898 2.739   1.00 0.00 ? 32  PHE A CD1  1 
ATOM 463  C CD2  . PHE A 1 32 ? 19.697  -10.051 3.388   1.00 0.00 ? 32  PHE A CD2  1 
ATOM 464  C CE1  . PHE A 1 32 ? 19.259  -12.791 3.159   1.00 0.00 ? 32  PHE A CE1  1 
ATOM 465  C CE2  . PHE A 1 32 ? 20.674  -10.948 3.805   1.00 0.00 ? 32  PHE A CE2  1 
ATOM 466  C CZ   . PHE A 1 32 ? 20.459  -12.321 3.693   1.00 0.00 ? 32  PHE A CZ   1 
ATOM 467  H H    . PHE A 1 32 ? 15.431  -10.726 2.315   1.00 0.00 ? 32  PHE A H    1 
ATOM 468  H HA   . PHE A 1 32 ? 16.551  -9.404  4.502   1.00 0.00 ? 32  PHE A HA   1 
ATOM 469  H HB2  . PHE A 1 32 ? 17.014  -9.815  1.395   1.00 0.00 ? 32  PHE A HB2  1 
ATOM 470  H HB3  . PHE A 1 32 ? 17.866  -8.542  2.185   1.00 0.00 ? 32  PHE A HB3  1 
ATOM 471  H HD1  . PHE A 1 32 ? 17.357  -12.279 2.322   1.00 0.00 ? 32  PHE A HD1  1 
ATOM 472  H HD2  . PHE A 1 32 ? 19.888  -8.989  3.468   1.00 0.00 ? 32  PHE A HD2  1 
ATOM 473  H HE1  . PHE A 1 32 ? 19.088  -13.855 3.074   1.00 0.00 ? 32  PHE A HE1  1 
ATOM 474  H HE2  . PHE A 1 32 ? 21.605  -10.580 4.218   1.00 0.00 ? 32  PHE A HE2  1 
ATOM 475  H HZ   . PHE A 1 32 ? 21.215  -13.016 4.029   1.00 0.00 ? 32  PHE A HZ   1 
ATOM 476  N N    . CYS A 1 33 ? 14.900  -8.000  2.110   1.00 0.00 ? 33  CYS A N    1 
ATOM 477  C CA   . CYS A 1 33 ? 14.674  -6.526  2.100   1.00 0.00 ? 33  CYS A CA   1 
ATOM 478  C C    . CYS A 1 33 ? 15.371  -5.709  3.226   1.00 0.00 ? 33  CYS A C    1 
ATOM 479  O O    . CYS A 1 33 ? 14.839  -5.547  4.327   1.00 0.00 ? 33  CYS A O    1 
ATOM 480  C CB   . CYS A 1 33 ? 13.202  -6.122  1.903   1.00 0.00 ? 33  CYS A CB   1 
ATOM 481  S SG   . CYS A 1 33 ? 12.105  -6.873  3.100   1.00 0.00 ? 33  CYS A SG   1 
ATOM 482  H H    . CYS A 1 33 ? 15.160  -8.491  1.241   1.00 0.00 ? 33  CYS A H    1 
ATOM 483  H HA   . CYS A 1 33 ? 15.140  -6.212  1.147   1.00 0.00 ? 33  CYS A HA   1 
ATOM 484  H HB2  . CYS A 1 33 ? 13.092  -5.026  1.967   1.00 0.00 ? 33  CYS A HB2  1 
ATOM 485  H HB3  . CYS A 1 33 ? 12.880  -6.401  0.888   1.00 0.00 ? 33  CYS A HB3  1 
ATOM 486  N N    . SER A 1 34 ? 16.566  -5.186  2.917   1.00 0.00 ? 34  SER A N    1 
ATOM 487  C CA   . SER A 1 34 ? 17.361  -4.341  3.841   1.00 0.00 ? 34  SER A CA   1 
ATOM 488  C C    . SER A 1 34 ? 16.803  -2.886  3.890   1.00 0.00 ? 34  SER A C    1 
ATOM 489  O O    . SER A 1 34 ? 16.183  -2.507  4.889   1.00 0.00 ? 34  SER A O    1 
ATOM 490  C CB   . SER A 1 34 ? 18.858  -4.489  3.467   1.00 0.00 ? 34  SER A CB   1 
ATOM 491  O OG   . SER A 1 34 ? 19.156  -4.065  2.136   1.00 0.00 ? 34  SER A OG   1 
ATOM 492  H H    . SER A 1 34 ? 16.881  -5.399  1.967   1.00 0.00 ? 34  SER A H    1 
ATOM 493  H HA   . SER A 1 34 ? 17.262  -4.755  4.867   1.00 0.00 ? 34  SER A HA   1 
ATOM 494  H HB2  . SER A 1 34 ? 19.485  -3.914  4.167   1.00 0.00 ? 34  SER A HB2  1 
ATOM 495  H HB3  . SER A 1 34 ? 19.153  -5.543  3.598   1.00 0.00 ? 34  SER A HB3  1 
ATOM 496  H HG   . SER A 1 34 ? 20.112  -3.987  2.097   1.00 0.00 ? 34  SER A HG   1 
ATOM 497  N N    . SER A 1 35 ? 16.960  -2.106  2.801   1.00 0.00 ? 35  SER A N    1 
ATOM 498  C CA   . SER A 1 35 ? 16.195  -0.849  2.570   1.00 0.00 ? 35  SER A CA   1 
ATOM 499  C C    . SER A 1 35 ? 15.333  -1.091  1.287   1.00 0.00 ? 35  SER A C    1 
ATOM 500  O O    . SER A 1 35 ? 15.681  -0.625  0.195   1.00 0.00 ? 35  SER A O    1 
ATOM 501  C CB   . SER A 1 35 ? 17.159  0.366   2.447   1.00 0.00 ? 35  SER A CB   1 
ATOM 502  O OG   . SER A 1 35 ? 18.018  0.463   3.575   1.00 0.00 ? 35  SER A OG   1 
ATOM 503  H H    . SER A 1 35 ? 17.513  -2.549  2.059   1.00 0.00 ? 35  SER A H    1 
ATOM 504  H HA   . SER A 1 35 ? 15.515  -0.636  3.425   1.00 0.00 ? 35  SER A HA   1 
ATOM 505  H HB2  . SER A 1 35 ? 17.790  0.291   1.543   1.00 0.00 ? 35  SER A HB2  1 
ATOM 506  H HB3  . SER A 1 35 ? 16.605  1.323   2.353   1.00 0.00 ? 35  SER A HB3  1 
ATOM 507  H HG   . SER A 1 35 ? 18.676  1.123   3.338   1.00 0.00 ? 35  SER A HG   1 
ATOM 508  N N    . ARG A 1 36 ? 14.241  -1.884  1.405   1.00 0.00 ? 36  ARG A N    1 
ATOM 509  C CA   . ARG A 1 36 ? 13.502  -2.411  0.220   1.00 0.00 ? 36  ARG A CA   1 
ATOM 510  C C    . ARG A 1 36 ? 12.003  -2.653  0.537   1.00 0.00 ? 36  ARG A C    1 
ATOM 511  O O    . ARG A 1 36 ? 11.550  -2.708  1.683   1.00 0.00 ? 36  ARG A O    1 
ATOM 512  C CB   . ARG A 1 36 ? 14.198  -3.679  -0.377  1.00 0.00 ? 36  ARG A CB   1 
ATOM 513  C CG   . ARG A 1 36 ? 15.029  -3.447  -1.659  1.00 0.00 ? 36  ARG A CG   1 
ATOM 514  C CD   . ARG A 1 36 ? 16.555  -3.398  -1.451  1.00 0.00 ? 36  ARG A CD   1 
ATOM 515  N NE   . ARG A 1 36 ? 17.174  -2.777  -2.648  1.00 0.00 ? 36  ARG A NE   1 
ATOM 516  C CZ   . ARG A 1 36 ? 17.975  -1.693  -2.617  1.00 0.00 ? 36  ARG A CZ   1 
ATOM 517  N NH1  . ARG A 1 36 ? 18.571  -1.235  -1.521  1.00 0.00 ? 36  ARG A NH1  1 
ATOM 518  N NH2  . ARG A 1 36 ? 18.180  -1.046  -3.754  1.00 0.00 ? 36  ARG A NH2  1 
ATOM 519  H H    . ARG A 1 36 ? 14.028  -2.182  2.364   1.00 0.00 ? 36  ARG A H    1 
ATOM 520  H HA   . ARG A 1 36 ? 13.502  -1.605  -0.543  1.00 0.00 ? 36  ARG A HA   1 
ATOM 521  H HB2  . ARG A 1 36 ? 14.798  -4.197  0.391   1.00 0.00 ? 36  ARG A HB2  1 
ATOM 522  H HB3  . ARG A 1 36 ? 13.434  -4.438  -0.645  1.00 0.00 ? 36  ARG A HB3  1 
ATOM 523  H HG2  . ARG A 1 36 ? 14.808  -4.266  -2.373  1.00 0.00 ? 36  ARG A HG2  1 
ATOM 524  H HG3  . ARG A 1 36 ? 14.663  -2.538  -2.179  1.00 0.00 ? 36  ARG A HG3  1 
ATOM 525  H HD2  . ARG A 1 36 ? 16.795  -2.859  -0.519  1.00 0.00 ? 36  ARG A HD2  1 
ATOM 526  H HD3  . ARG A 1 36 ? 16.943  -4.425  -1.318  1.00 0.00 ? 36  ARG A HD3  1 
ATOM 527  H HE   . ARG A 1 36 ? 16.828  -3.003  -3.586  1.00 0.00 ? 36  ARG A HE   1 
ATOM 528  H HH11 . ARG A 1 36 ? 18.421  -1.780  -0.664  1.00 0.00 ? 36  ARG A HH11 1 
ATOM 529  H HH12 . ARG A 1 36 ? 19.196  -0.429  -1.630  1.00 0.00 ? 36  ARG A HH12 1 
ATOM 530  H HH21 . ARG A 1 36 ? 17.690  -1.415  -4.576  1.00 0.00 ? 36  ARG A HH21 1 
ATOM 531  H HH22 . ARG A 1 36 ? 18.696  -0.160  -3.689  1.00 0.00 ? 36  ARG A HH22 1 
ATOM 532  N N    . GLY A 1 37 ? 11.247  -2.710  -0.559  1.00 0.00 ? 37  GLY A N    1 
ATOM 533  C CA   . GLY A 1 37 ? 9.836   -2.317  -0.586  1.00 0.00 ? 37  GLY A CA   1 
ATOM 534  C C    . GLY A 1 37 ? 9.725   -1.283  -1.720  1.00 0.00 ? 37  GLY A C    1 
ATOM 535  O O    . GLY A 1 37 ? 9.881   -1.619  -2.899  1.00 0.00 ? 37  GLY A O    1 
ATOM 536  H H    . GLY A 1 37 ? 11.792  -2.690  -1.422  1.00 0.00 ? 37  GLY A H    1 
ATOM 537  H HA2  . GLY A 1 37 ? 9.201   -3.196  -0.807  1.00 0.00 ? 37  GLY A HA2  1 
ATOM 538  H HA3  . GLY A 1 37 ? 9.475   -1.919  0.380   1.00 0.00 ? 37  GLY A HA3  1 
ATOM 539  N N    . LYS A 1 38 ? 9.422   -0.023  -1.354  1.00 0.00 ? 38  LYS A N    1 
ATOM 540  C CA   . LYS A 1 38 ? 8.783   0.984   -2.258  1.00 0.00 ? 38  LYS A CA   1 
ATOM 541  C C    . LYS A 1 38 ? 7.661   0.416   -3.196  1.00 0.00 ? 38  LYS A C    1 
ATOM 542  O O    . LYS A 1 38 ? 7.756   0.431   -4.431  1.00 0.00 ? 38  LYS A O    1 
ATOM 543  C CB   . LYS A 1 38 ? 9.770   1.991   -2.929  1.00 0.00 ? 38  LYS A CB   1 
ATOM 544  C CG   . LYS A 1 38 ? 10.789  1.459   -3.968  1.00 0.00 ? 38  LYS A CG   1 
ATOM 545  C CD   . LYS A 1 38 ? 12.249  1.273   -3.464  1.00 0.00 ? 38  LYS A CD   1 
ATOM 546  C CE   . LYS A 1 38 ? 13.317  2.224   -4.026  1.00 0.00 ? 38  LYS A CE   1 
ATOM 547  N NZ   . LYS A 1 38 ? 13.613  1.966   -5.443  1.00 0.00 ? 38  LYS A NZ   1 
ATOM 548  H H    . LYS A 1 38 ? 9.381   0.111   -0.341  1.00 0.00 ? 38  LYS A H    1 
ATOM 549  H HA   . LYS A 1 38 ? 8.241   1.650   -1.562  1.00 0.00 ? 38  LYS A HA   1 
ATOM 550  H HB2  . LYS A 1 38 ? 9.170   2.770   -3.434  1.00 0.00 ? 38  LYS A HB2  1 
ATOM 551  H HB3  . LYS A 1 38 ? 10.300  2.558   -2.154  1.00 0.00 ? 38  LYS A HB3  1 
ATOM 552  H HG2  . LYS A 1 38 ? 10.440  0.502   -4.373  1.00 0.00 ? 38  LYS A HG2  1 
ATOM 553  H HG3  . LYS A 1 38 ? 10.760  2.102   -4.867  1.00 0.00 ? 38  LYS A HG3  1 
ATOM 554  H HD2  . LYS A 1 38 ? 12.286  1.358   -2.370  1.00 0.00 ? 38  LYS A HD2  1 
ATOM 555  H HD3  . LYS A 1 38 ? 12.580  0.245   -3.663  1.00 0.00 ? 38  LYS A HD3  1 
ATOM 556  H HE2  . LYS A 1 38 ? 12.955  3.244   -4.006  1.00 0.00 ? 38  LYS A HE2  1 
ATOM 557  H HE3  . LYS A 1 38 ? 14.243  2.211   -3.403  1.00 0.00 ? 38  LYS A HE3  1 
ATOM 558  H HZ1  . LYS A 1 38 ? 14.028  1.038   -5.562  1.00 0.00 ? 38  LYS A HZ1  1 
ATOM 559  H HZ2  . LYS A 1 38 ? 14.221  2.673   -5.879  1.00 0.00 ? 38  LYS A HZ2  1 
ATOM 560  H HZ3  . LYS A 1 38 ? 12.771  1.930   -6.025  1.00 0.00 ? 38  LYS A HZ3  1 
ATOM 561  N N    . VAL A 1 39 ? 6.653   -0.176  -2.525  1.00 0.00 ? 39  VAL A N    1 
ATOM 562  C CA   . VAL A 1 39 ? 5.516   -0.873  -3.160  1.00 0.00 ? 39  VAL A CA   1 
ATOM 563  C C    . VAL A 1 39 ? 4.445   -0.685  -2.074  1.00 0.00 ? 39  VAL A C    1 
ATOM 564  O O    . VAL A 1 39 ? 4.481   -1.333  -1.022  1.00 0.00 ? 39  VAL A O    1 
ATOM 565  C CB   . VAL A 1 39 ? 5.761   -2.390  -3.527  1.00 0.00 ? 39  VAL A CB   1 
ATOM 566  C CG1  . VAL A 1 39 ? 4.475   -3.117  -4.016  1.00 0.00 ? 39  VAL A CG1  1 
ATOM 567  C CG2  . VAL A 1 39 ? 6.877   -2.598  -4.574  1.00 0.00 ? 39  VAL A CG2  1 
ATOM 568  H H    . VAL A 1 39 ? 6.732   -0.092  -1.505  1.00 0.00 ? 39  VAL A H    1 
ATOM 569  H HA   . VAL A 1 39 ? 5.239   -0.328  -4.084  1.00 0.00 ? 39  VAL A HA   1 
ATOM 570  H HB   . VAL A 1 39 ? 6.093   -2.915  -2.615  1.00 0.00 ? 39  VAL A HB   1 
ATOM 571  H HG11 . VAL A 1 39 ? 3.916   -2.534  -4.765  1.00 0.00 ? 39  VAL A HG11 1 
ATOM 572  H HG12 . VAL A 1 39 ? 4.675   -4.100  -4.484  1.00 0.00 ? 39  VAL A HG12 1 
ATOM 573  H HG13 . VAL A 1 39 ? 3.779   -3.317  -3.179  1.00 0.00 ? 39  VAL A HG13 1 
ATOM 574  H HG21 . VAL A 1 39 ? 7.053   -3.661  -4.802  1.00 0.00 ? 39  VAL A HG21 1 
ATOM 575  H HG22 . VAL A 1 39 ? 7.842   -2.203  -4.226  1.00 0.00 ? 39  VAL A HG22 1 
ATOM 576  H HG23 . VAL A 1 39 ? 6.652   -2.107  -5.532  1.00 0.00 ? 39  VAL A HG23 1 
ATOM 577  N N    . VAL A 1 40 ? 3.446   0.148   -2.362  1.00 0.00 ? 40  VAL A N    1 
ATOM 578  C CA   . VAL A 1 40 ? 2.096   -0.030  -1.774  1.00 0.00 ? 40  VAL A CA   1 
ATOM 579  C C    . VAL A 1 40 ? 1.211   -0.796  -2.821  1.00 0.00 ? 40  VAL A C    1 
ATOM 580  O O    . VAL A 1 40 ? 1.685   -1.324  -3.835  1.00 0.00 ? 40  VAL A O    1 
ATOM 581  C CB   . VAL A 1 40 ? 1.509   1.302   -1.190  1.00 0.00 ? 40  VAL A CB   1 
ATOM 582  C CG1  . VAL A 1 40 ? 2.368   1.946   -0.078  1.00 0.00 ? 40  VAL A CG1  1 
ATOM 583  C CG2  . VAL A 1 40 ? 1.165   2.335   -2.269  1.00 0.00 ? 40  VAL A CG2  1 
ATOM 584  H H    . VAL A 1 40 ? 3.576   0.684   -3.224  1.00 0.00 ? 40  VAL A H    1 
ATOM 585  H HA   . VAL A 1 40 ? 2.148   -0.705  -0.902  1.00 0.00 ? 40  VAL A HA   1 
ATOM 586  H HB   . VAL A 1 40 ? 0.552   1.047   -0.690  1.00 0.00 ? 40  VAL A HB   1 
ATOM 587  H HG11 . VAL A 1 40 ? 3.365   2.250   -0.448  1.00 0.00 ? 40  VAL A HG11 1 
ATOM 588  H HG12 . VAL A 1 40 ? 2.532   1.246   0.761   1.00 0.00 ? 40  VAL A HG12 1 
ATOM 589  H HG13 . VAL A 1 40 ? 1.887   2.851   0.345   1.00 0.00 ? 40  VAL A HG13 1 
ATOM 590  H HG21 . VAL A 1 40 ? 0.684   3.203   -1.797  1.00 0.00 ? 40  VAL A HG21 1 
ATOM 591  H HG22 . VAL A 1 40 ? 0.461   1.947   -3.027  1.00 0.00 ? 40  VAL A HG22 1 
ATOM 592  H HG23 . VAL A 1 40 ? 2.058   2.687   -2.812  1.00 0.00 ? 40  VAL A HG23 1 
ATOM 593  N N    . GLU A 1 41 ? -0.098  -0.872  -2.544  1.00 0.00 ? 41  GLU A N    1 
ATOM 594  C CA   . GLU A 1 41 ? -1.102  -1.375  -3.515  1.00 0.00 ? 41  GLU A CA   1 
ATOM 595  C C    . GLU A 1 41 ? -2.474  -0.985  -2.907  1.00 0.00 ? 41  GLU A C    1 
ATOM 596  O O    . GLU A 1 41 ? -2.991  0.077   -3.256  1.00 0.00 ? 41  GLU A O    1 
ATOM 597  C CB   . GLU A 1 41 ? -0.901  -2.879  -3.907  1.00 0.00 ? 41  GLU A CB   1 
ATOM 598  C CG   . GLU A 1 41 ? -0.848  -3.219  -5.405  1.00 0.00 ? 41  GLU A CG   1 
ATOM 599  C CD   . GLU A 1 41 ? -2.209  -3.647  -5.973  1.00 0.00 ? 41  GLU A CD   1 
ATOM 600  O OE1  . GLU A 1 41 ? -2.691  -4.741  -5.597  1.00 0.00 ? 41  GLU A OE1  1 
ATOM 601  O OE2  . GLU A 1 41 ? -2.804  -2.900  -6.781  1.00 0.00 ? 41  GLU A OE2  1 
ATOM 602  H H    . GLU A 1 41 ? -0.378  -0.278  -1.754  1.00 0.00 ? 41  GLU A H    1 
ATOM 603  H HA   . GLU A 1 41 ? -0.983  -0.759  -4.431  1.00 0.00 ? 41  GLU A HA   1 
ATOM 604  H HB2  . GLU A 1 41 ? 0.046   -3.248  -3.479  1.00 0.00 ? 41  GLU A HB2  1 
ATOM 605  H HB3  . GLU A 1 41 ? -1.668  -3.502  -3.419  1.00 0.00 ? 41  GLU A HB3  1 
ATOM 606  H HG2  . GLU A 1 41 ? -0.426  -2.374  -5.979  1.00 0.00 ? 41  GLU A HG2  1 
ATOM 607  H HG3  . GLU A 1 41 ? -0.141  -4.058  -5.553  1.00 0.00 ? 41  GLU A HG3  1 
ATOM 608  N N    . LEU A 1 42 ? -3.009  -1.810  -1.982  1.00 0.00 ? 42  LEU A N    1 
ATOM 609  C CA   . LEU A 1 42 ? -4.322  -1.643  -1.311  1.00 0.00 ? 42  LEU A CA   1 
ATOM 610  C C    . LEU A 1 42 ? -5.578  -1.336  -2.180  1.00 0.00 ? 42  LEU A C    1 
ATOM 611  O O    . LEU A 1 42 ? -5.631  -0.364  -2.940  1.00 0.00 ? 42  LEU A O    1 
ATOM 612  C CB   . LEU A 1 42 ? -4.311  -0.805  -0.002  1.00 0.00 ? 42  LEU A CB   1 
ATOM 613  C CG   . LEU A 1 42 ? -4.024  0.722   -0.094  1.00 0.00 ? 42  LEU A CG   1 
ATOM 614  C CD1  . LEU A 1 42 ? -5.061  1.516   0.717   1.00 0.00 ? 42  LEU A CD1  1 
ATOM 615  C CD2  . LEU A 1 42 ? -2.581  1.046   0.363   1.00 0.00 ? 42  LEU A CD2  1 
ATOM 616  H H    . LEU A 1 42 ? -2.436  -2.640  -1.798  1.00 0.00 ? 42  LEU A H    1 
ATOM 617  H HA   . LEU A 1 42 ? -4.468  -2.671  -0.933  1.00 0.00 ? 42  LEU A HA   1 
ATOM 618  H HB2  . LEU A 1 42 ? -5.285  -0.986  0.496   1.00 0.00 ? 42  LEU A HB2  1 
ATOM 619  H HB3  . LEU A 1 42 ? -3.626  -1.264  0.725   1.00 0.00 ? 42  LEU A HB3  1 
ATOM 620  H HG   . LEU A 1 42 ? -4.132  1.048   -1.144  1.00 0.00 ? 42  LEU A HG   1 
ATOM 621  H HD11 . LEU A 1 42 ? -6.092  1.325   0.364   1.00 0.00 ? 42  LEU A HD11 1 
ATOM 622  H HD12 . LEU A 1 42 ? -5.016  1.249   1.783   1.00 0.00 ? 42  LEU A HD12 1 
ATOM 623  H HD13 . LEU A 1 42 ? -4.905  2.608   0.662   1.00 0.00 ? 42  LEU A HD13 1 
ATOM 624  H HD21 . LEU A 1 42 ? -2.287  2.073   0.100   1.00 0.00 ? 42  LEU A HD21 1 
ATOM 625  H HD22 . LEU A 1 42 ? -2.446  0.938   1.457   1.00 0.00 ? 42  LEU A HD22 1 
ATOM 626  H HD23 . LEU A 1 42 ? -1.841  0.383   -0.125  1.00 0.00 ? 42  LEU A HD23 1 
ATOM 627  N N    . GLY A 1 43 ? -6.628  -2.131  -1.948  1.00 0.00 ? 43  GLY A N    1 
ATOM 628  C CA   . GLY A 1 43 ? -8.012  -1.744  -2.303  1.00 0.00 ? 43  GLY A CA   1 
ATOM 629  C C    . GLY A 1 43 ? -9.092  -2.357  -1.380  1.00 0.00 ? 43  GLY A C    1 
ATOM 630  O O    . GLY A 1 43 ? -10.171 -2.680  -1.882  1.00 0.00 ? 43  GLY A O    1 
ATOM 631  H H    . GLY A 1 43 ? -6.457  -2.830  -1.214  1.00 0.00 ? 43  GLY A H    1 
ATOM 632  H HA2  . GLY A 1 43 ? -8.138  -0.643  -2.288  1.00 0.00 ? 43  GLY A HA2  1 
ATOM 633  H HA3  . GLY A 1 43 ? -8.200  -2.050  -3.351  1.00 0.00 ? 43  GLY A HA3  1 
ATOM 634  N N    . CYS A 1 44 ? -8.825  -2.489  -0.058  1.00 0.00 ? 44  CYS A N    1 
ATOM 635  C CA   . CYS A 1 44 ? -9.756  -3.060  0.948   1.00 0.00 ? 44  CYS A CA   1 
ATOM 636  C C    . CYS A 1 44 ? -10.134 -4.559  0.729   1.00 0.00 ? 44  CYS A C    1 
ATOM 637  O O    . CYS A 1 44 ? -10.317 -5.029  -0.398  1.00 0.00 ? 44  CYS A O    1 
ATOM 638  C CB   . CYS A 1 44 ? -10.980 -2.149  1.216   1.00 0.00 ? 44  CYS A CB   1 
ATOM 639  S SG   . CYS A 1 44 ? -11.403 -2.196  2.971   1.00 0.00 ? 44  CYS A SG   1 
ATOM 640  H H    . CYS A 1 44 ? -7.900  -2.144  0.225   1.00 0.00 ? 44  CYS A H    1 
ATOM 641  H HA   . CYS A 1 44 ? -9.157  -3.014  1.876   1.00 0.00 ? 44  CYS A HA   1 
ATOM 642  H HB2  . CYS A 1 44 ? -10.774 -1.094  0.955   1.00 0.00 ? 44  CYS A HB2  1 
ATOM 643  H HB3  . CYS A 1 44 ? -11.853 -2.451  0.609   1.00 0.00 ? 44  CYS A HB3  1 
ATOM 644  N N    . ALA A 1 45 ? -10.283 -5.291  1.842   1.00 0.00 ? 45  ALA A N    1 
ATOM 645  C CA   . ALA A 1 45 ? -10.909 -6.637  1.857   1.00 0.00 ? 45  ALA A CA   1 
ATOM 646  C C    . ALA A 1 45 ? -12.030 -6.677  2.939   1.00 0.00 ? 45  ALA A C    1 
ATOM 647  O O    . ALA A 1 45 ? -12.334 -5.690  3.625   1.00 0.00 ? 45  ALA A O    1 
ATOM 648  C CB   . ALA A 1 45 ? -9.798  -7.695  2.058   1.00 0.00 ? 45  ALA A CB   1 
ATOM 649  H H    . ALA A 1 45 ? -10.119 -4.777  2.715   1.00 0.00 ? 45  ALA A H    1 
ATOM 650  H HA   . ALA A 1 45 ? -11.393 -6.856  0.883   1.00 0.00 ? 45  ALA A HA   1 
ATOM 651  H HB1  . ALA A 1 45 ? -9.236  -7.546  2.999   1.00 0.00 ? 45  ALA A HB1  1 
ATOM 652  H HB2  . ALA A 1 45 ? -9.072  -7.676  1.225   1.00 0.00 ? 45  ALA A HB2  1 
ATOM 653  H HB3  . ALA A 1 45 ? -10.199 -8.725  2.081   1.00 0.00 ? 45  ALA A HB3  1 
ATOM 654  N N    . ALA A 1 46 ? -12.662 -7.852  3.067   1.00 0.00 ? 46  ALA A N    1 
ATOM 655  C CA   . ALA A 1 46 ? -13.616 -8.136  4.170   1.00 0.00 ? 46  ALA A CA   1 
ATOM 656  C C    . ALA A 1 46 ? -13.030 -8.850  5.431   1.00 0.00 ? 46  ALA A C    1 
ATOM 657  O O    . ALA A 1 46 ? -13.783 -9.074  6.383   1.00 0.00 ? 46  ALA A O    1 
ATOM 658  C CB   . ALA A 1 46 ? -14.758 -8.966  3.547   1.00 0.00 ? 46  ALA A CB   1 
ATOM 659  H H    . ALA A 1 46 ? -12.260 -8.614  2.506   1.00 0.00 ? 46  ALA A H    1 
ATOM 660  H HA   . ALA A 1 46 ? -14.066 -7.192  4.524   1.00 0.00 ? 46  ALA A HA   1 
ATOM 661  H HB1  . ALA A 1 46 ? -14.407 -9.945  3.168   1.00 0.00 ? 46  ALA A HB1  1 
ATOM 662  H HB2  . ALA A 1 46 ? -15.239 -8.442  2.699   1.00 0.00 ? 46  ALA A HB2  1 
ATOM 663  H HB3  . ALA A 1 46 ? -15.563 -9.176  4.274   1.00 0.00 ? 46  ALA A HB3  1 
ATOM 664  N N    . THR A 1 47 ? -11.743 -9.266  5.446   1.00 0.00 ? 47  THR A N    1 
ATOM 665  C CA   . THR A 1 47 ? -11.277 -10.407 6.285   1.00 0.00 ? 47  THR A CA   1 
ATOM 666  C C    . THR A 1 47 ? -9.716  -10.393 6.445   1.00 0.00 ? 47  THR A C    1 
ATOM 667  O O    . THR A 1 47 ? -8.988  -9.821  5.624   1.00 0.00 ? 47  THR A O    1 
ATOM 668  C CB   . THR A 1 47 ? -11.886 -11.743 5.727   1.00 0.00 ? 47  THR A CB   1 
ATOM 669  O OG1  . THR A 1 47 ? -11.639 -12.806 6.633   1.00 0.00 ? 47  THR A OG1  1 
ATOM 670  C CG2  . THR A 1 47 ? -11.491 -12.159 4.290   1.00 0.00 ? 47  THR A CG2  1 
ATOM 671  H H    . THR A 1 47 ? -11.193 -8.950  4.639   1.00 0.00 ? 47  THR A H    1 
ATOM 672  H HA   . THR A 1 47 ? -11.696 -10.258 7.301   1.00 0.00 ? 47  THR A HA   1 
ATOM 673  H HB   . THR A 1 47 ? -12.986 -11.635 5.710   1.00 0.00 ? 47  THR A HB   1 
ATOM 674  H HG1  . THR A 1 47 ? -12.044 -13.585 6.249   1.00 0.00 ? 47  THR A HG1  1 
ATOM 675  H HG21 . THR A 1 47 ? -11.932 -13.134 4.018   1.00 0.00 ? 47  THR A HG21 1 
ATOM 676  H HG22 . THR A 1 47 ? -10.402 -12.243 4.147   1.00 0.00 ? 47  THR A HG22 1 
ATOM 677  H HG23 . THR A 1 47 ? -11.845 -11.424 3.543   1.00 0.00 ? 47  THR A HG23 1 
ATOM 678  N N    . CYS A 1 48 ? -9.212  -11.054 7.513   1.00 0.00 ? 48  CYS A N    1 
ATOM 679  C CA   . CYS A 1 48 ? -7.751  -11.137 7.823   1.00 0.00 ? 48  CYS A CA   1 
ATOM 680  C C    . CYS A 1 48 ? -6.983  -12.508 7.605   1.00 0.00 ? 48  CYS A C    1 
ATOM 681  O O    . CYS A 1 48 ? -5.893  -12.610 8.182   1.00 0.00 ? 48  CYS A O    1 
ATOM 682  C CB   . CYS A 1 48 ? -7.601  -10.623 9.280   1.00 0.00 ? 48  CYS A CB   1 
ATOM 683  S SG   . CYS A 1 48 ? -5.933  -10.006 9.630   1.00 0.00 ? 48  CYS A SG   1 
ATOM 684  H H    . CYS A 1 48 ? -9.909  -11.542 8.085   1.00 0.00 ? 48  CYS A H    1 
ATOM 685  H HA   . CYS A 1 48 ? -7.215  -10.399 7.198   1.00 0.00 ? 48  CYS A HA   1 
ATOM 686  H HB2  . CYS A 1 48 ? -8.289  -9.783  9.502   1.00 0.00 ? 48  CYS A HB2  1 
ATOM 687  H HB3  . CYS A 1 48 ? -7.858  -11.414 10.010  1.00 0.00 ? 48  CYS A HB3  1 
ATOM 688  N N    . PRO A 1 49 ? -7.365  -13.554 6.792   1.00 0.00 ? 49  PRO A N    1 
ATOM 689  C CA   . PRO A 1 49 ? -6.512  -14.750 6.515   1.00 0.00 ? 49  PRO A CA   1 
ATOM 690  C C    . PRO A 1 49 ? -5.258  -14.558 5.594   1.00 0.00 ? 49  PRO A C    1 
ATOM 691  O O    . PRO A 1 49 ? -4.547  -15.534 5.341   1.00 0.00 ? 49  PRO A O    1 
ATOM 692  C CB   . PRO A 1 49 ? -7.531  -15.737 5.908   1.00 0.00 ? 49  PRO A CB   1 
ATOM 693  C CG   . PRO A 1 49 ? -8.503  -14.853 5.138   1.00 0.00 ? 49  PRO A CG   1 
ATOM 694  C CD   . PRO A 1 49 ? -8.607  -13.613 6.018   1.00 0.00 ? 49  PRO A CD   1 
ATOM 695  H HA   . PRO A 1 49 ? -6.153  -15.169 7.473   1.00 0.00 ? 49  PRO A HA   1 
ATOM 696  H HB2  . PRO A 1 49 ? -7.079  -16.517 5.269   1.00 0.00 ? 49  PRO A HB2  1 
ATOM 697  H HB3  . PRO A 1 49 ? -8.070  -16.271 6.714   1.00 0.00 ? 49  PRO A HB3  1 
ATOM 698  H HG2  . PRO A 1 49 ? -8.084  -14.590 4.149   1.00 0.00 ? 49  PRO A HG2  1 
ATOM 699  H HG3  . PRO A 1 49 ? -9.483  -15.332 4.963   1.00 0.00 ? 49  PRO A HG3  1 
ATOM 700  H HD2  . PRO A 1 49 ? -8.732  -12.713 5.398   1.00 0.00 ? 49  PRO A HD2  1 
ATOM 701  H HD3  . PRO A 1 49 ? -9.454  -13.713 6.715   1.00 0.00 ? 49  PRO A HD3  1 
ATOM 702  N N    . SER A 1 50 ? -4.956  -13.317 5.160   1.00 0.00 ? 50  SER A N    1 
ATOM 703  C CA   . SER A 1 50 ? -3.622  -12.934 4.656   1.00 0.00 ? 50  SER A CA   1 
ATOM 704  C C    . SER A 1 50 ? -2.668  -12.641 5.857   1.00 0.00 ? 50  SER A C    1 
ATOM 705  O O    . SER A 1 50 ? -2.895  -11.751 6.684   1.00 0.00 ? 50  SER A O    1 
ATOM 706  C CB   . SER A 1 50 ? -3.799  -11.729 3.724   1.00 0.00 ? 50  SER A CB   1 
ATOM 707  O OG   . SER A 1 50 ? -2.557  -11.444 3.118   1.00 0.00 ? 50  SER A OG   1 
ATOM 708  H H    . SER A 1 50 ? -5.661  -12.608 5.388   1.00 0.00 ? 50  SER A H    1 
ATOM 709  H HA   . SER A 1 50 ? -3.233  -13.761 4.024   1.00 0.00 ? 50  SER A HA   1 
ATOM 710  H HB2  . SER A 1 50 ? -4.533  -11.949 2.924   1.00 0.00 ? 50  SER A HB2  1 
ATOM 711  H HB3  . SER A 1 50 ? -4.171  -10.836 4.262   1.00 0.00 ? 50  SER A HB3  1 
ATOM 712  H HG   . SER A 1 50 ? -2.273  -12.263 2.707   1.00 0.00 ? 50  SER A HG   1 
ATOM 713  N N    . LYS A 1 51 ? -1.649  -13.502 5.936   1.00 0.00 ? 51  LYS A N    1 
ATOM 714  C CA   . LYS A 1 51 ? -0.846  -13.808 7.166   1.00 0.00 ? 51  LYS A CA   1 
ATOM 715  C C    . LYS A 1 51 ? 0.259   -14.915 6.888   1.00 0.00 ? 51  LYS A C    1 
ATOM 716  O O    . LYS A 1 51 ? 0.768   -15.535 7.826   1.00 0.00 ? 51  LYS A O    1 
ATOM 717  C CB   . LYS A 1 51 ? -1.750  -14.259 8.368   1.00 0.00 ? 51  LYS A CB   1 
ATOM 718  C CG   . LYS A 1 51 ? -2.719  -15.431 8.068   1.00 0.00 ? 51  LYS A CG   1 
ATOM 719  C CD   . LYS A 1 51 ? -2.955  -16.466 9.180   1.00 0.00 ? 51  LYS A CD   1 
ATOM 720  C CE   . LYS A 1 51 ? -4.012  -17.515 8.750   1.00 0.00 ? 51  LYS A CE   1 
ATOM 721  N NZ   . LYS A 1 51 ? -4.918  -17.872 9.855   1.00 0.00 ? 51  LYS A NZ   1 
ATOM 722  H H    . LYS A 1 51 ? -1.578  -14.111 5.113   1.00 0.00 ? 51  LYS A H    1 
ATOM 723  H HA   . LYS A 1 51 ? -0.316  -12.886 7.464   1.00 0.00 ? 51  LYS A HA   1 
ATOM 724  H HB2  . LYS A 1 51 ? -1.118  -14.504 9.240   1.00 0.00 ? 51  LYS A HB2  1 
ATOM 725  H HB3  . LYS A 1 51 ? -2.346  -13.396 8.724   1.00 0.00 ? 51  LYS A HB3  1 
ATOM 726  H HG2  . LYS A 1 51 ? -3.689  -14.977 7.809   1.00 0.00 ? 51  LYS A HG2  1 
ATOM 727  H HG3  . LYS A 1 51 ? -2.403  -15.973 7.154   1.00 0.00 ? 51  LYS A HG3  1 
ATOM 728  H HD2  . LYS A 1 51 ? -2.003  -16.977 9.421   1.00 0.00 ? 51  LYS A HD2  1 
ATOM 729  H HD3  . LYS A 1 51 ? -3.252  -15.936 10.103  1.00 0.00 ? 51  LYS A HD3  1 
ATOM 730  H HE2  . LYS A 1 51 ? -4.636  -17.145 7.916   1.00 0.00 ? 51  LYS A HE2  1 
ATOM 731  H HE3  . LYS A 1 51 ? -3.522  -18.435 8.375   1.00 0.00 ? 51  LYS A HE3  1 
ATOM 732  H HZ1  . LYS A 1 51 ? -5.651  -18.517 9.548   1.00 0.00 ? 51  LYS A HZ1  1 
ATOM 733  H HZ2  . LYS A 1 51 ? -5.375  -17.032 10.228  1.00 0.00 ? 51  LYS A HZ2  1 
ATOM 734  H HZ3  . LYS A 1 51 ? -4.414  -18.312 10.634  1.00 0.00 ? 51  LYS A HZ3  1 
ATOM 735  N N    . LYS A 1 52 ? 0.610   -15.210 5.618   1.00 0.00 ? 52  LYS A N    1 
ATOM 736  C CA   . LYS A 1 52 ? 1.096   -16.553 5.168   1.00 0.00 ? 52  LYS A CA   1 
ATOM 737  C C    . LYS A 1 52 ? 2.637   -16.438 4.793   1.00 0.00 ? 52  LYS A C    1 
ATOM 738  O O    . LYS A 1 52 ? 3.251   -15.430 5.176   1.00 0.00 ? 52  LYS A O    1 
ATOM 739  C CB   . LYS A 1 52 ? 0.091   -17.091 4.079   1.00 0.00 ? 52  LYS A CB   1 
ATOM 740  C CG   . LYS A 1 52 ? -1.435  -16.939 4.354   1.00 0.00 ? 52  LYS A CG   1 
ATOM 741  C CD   . LYS A 1 52 ? -2.399  -17.270 3.184   1.00 0.00 ? 52  LYS A CD   1 
ATOM 742  C CE   . LYS A 1 52 ? -2.974  -18.713 3.002   1.00 0.00 ? 52  LYS A CE   1 
ATOM 743  N NZ   . LYS A 1 52 ? -3.264  -19.456 4.240   1.00 0.00 ? 52  LYS A NZ   1 
ATOM 744  H H    . LYS A 1 52 ? 0.179   -14.575 4.937   1.00 0.00 ? 52  LYS A H    1 
ATOM 745  H HA   . LYS A 1 52 ? 1.037   -17.264 6.013   1.00 0.00 ? 52  LYS A HA   1 
ATOM 746  H HB2  . LYS A 1 52 ? 0.329   -16.623 3.113   1.00 0.00 ? 52  LYS A HB2  1 
ATOM 747  H HB3  . LYS A 1 52 ? 0.262   -18.168 3.932   1.00 0.00 ? 52  LYS A HB3  1 
ATOM 748  H HG2  . LYS A 1 52 ? -1.713  -17.488 5.278   1.00 0.00 ? 52  LYS A HG2  1 
ATOM 749  H HG3  . LYS A 1 52 ? -1.635  -15.882 4.603   1.00 0.00 ? 52  LYS A HG3  1 
ATOM 750  H HD2  . LYS A 1 52 ? -3.266  -16.590 3.303   1.00 0.00 ? 52  LYS A HD2  1 
ATOM 751  H HD3  . LYS A 1 52 ? -1.943  -16.918 2.232   1.00 0.00 ? 52  LYS A HD3  1 
ATOM 752  H HE2  . LYS A 1 52 ? -3.912  -18.642 2.436   1.00 0.00 ? 52  LYS A HE2  1 
ATOM 753  H HE3  . LYS A 1 52 ? -2.294  -19.325 2.381   1.00 0.00 ? 52  LYS A HE3  1 
ATOM 754  H HZ1  . LYS A 1 52 ? -3.724  -20.360 4.058   1.00 0.00 ? 52  LYS A HZ1  1 
ATOM 755  H HZ2  . LYS A 1 52 ? -3.882  -18.938 4.879   1.00 0.00 ? 52  LYS A HZ2  1 
ATOM 756  H HZ3  . LYS A 1 52 ? -2.395  -19.659 4.745   1.00 0.00 ? 52  LYS A HZ3  1 
ATOM 757  N N    . PRO A 1 53 ? 3.383   -17.392 4.143   1.00 0.00 ? 53  PRO A N    1 
ATOM 758  C CA   . PRO A 1 53 ? 4.878   -17.346 4.078   1.00 0.00 ? 53  PRO A CA   1 
ATOM 759  C C    . PRO A 1 53 ? 5.458   -16.242 3.137   1.00 0.00 ? 53  PRO A C    1 
ATOM 760  O O    . PRO A 1 53 ? 6.000   -15.246 3.627   1.00 0.00 ? 53  PRO A O    1 
ATOM 761  C CB   . PRO A 1 53 ? 5.266   -18.801 3.741   1.00 0.00 ? 53  PRO A CB   1 
ATOM 762  C CG   . PRO A 1 53 ? 4.055   -19.394 3.020   1.00 0.00 ? 53  PRO A CG   1 
ATOM 763  C CD   . PRO A 1 53 ? 2.847   -18.660 3.610   1.00 0.00 ? 53  PRO A CD   1 
ATOM 764  H HA   . PRO A 1 53 ? 5.266   -17.138 5.092   1.00 0.00 ? 53  PRO A HA   1 
ATOM 765  H HB2  . PRO A 1 53 ? 6.187   -18.874 3.129   1.00 0.00 ? 53  PRO A HB2  1 
ATOM 766  H HB3  . PRO A 1 53 ? 5.453   -19.369 4.670   1.00 0.00 ? 53  PRO A HB3  1 
ATOM 767  H HG2  . PRO A 1 53 ? 4.135   -19.192 1.933   1.00 0.00 ? 53  PRO A HG2  1 
ATOM 768  H HG3  . PRO A 1 53 ? 3.981   -20.490 3.134   1.00 0.00 ? 53  PRO A HG3  1 
ATOM 769  H HD2  . PRO A 1 53 ? 2.107   -18.484 2.813   1.00 0.00 ? 53  PRO A HD2  1 
ATOM 770  H HD3  . PRO A 1 53 ? 2.370   -19.250 4.417   1.00 0.00 ? 53  PRO A HD3  1 
ATOM 771  N N    . TYR A 1 54 ? 5.303   -16.411 1.815   1.00 0.00 ? 54  TYR A N    1 
ATOM 772  C CA   . TYR A 1 54 ? 5.680   -15.401 0.783   1.00 0.00 ? 54  TYR A CA   1 
ATOM 773  C C    . TYR A 1 54 ? 4.396   -14.602 0.433   1.00 0.00 ? 54  TYR A C    1 
ATOM 774  O O    . TYR A 1 54 ? 3.702   -14.890 -0.547  1.00 0.00 ? 54  TYR A O    1 
ATOM 775  C CB   . TYR A 1 54 ? 6.404   -16.017 -0.469  1.00 0.00 ? 54  TYR A CB   1 
ATOM 776  C CG   . TYR A 1 54 ? 6.146   -17.509 -0.788  1.00 0.00 ? 54  TYR A CG   1 
ATOM 777  C CD1  . TYR A 1 54 ? 4.934   -17.934 -1.345  1.00 0.00 ? 54  TYR A CD1  1 
ATOM 778  C CD2  . TYR A 1 54 ? 7.030   -18.457 -0.260  1.00 0.00 ? 54  TYR A CD2  1 
ATOM 779  C CE1  . TYR A 1 54 ? 4.594   -19.286 -1.324  1.00 0.00 ? 54  TYR A CE1  1 
ATOM 780  C CE2  . TYR A 1 54 ? 6.688   -19.804 -0.242  1.00 0.00 ? 54  TYR A CE2  1 
ATOM 781  C CZ   . TYR A 1 54 ? 5.463   -20.218 -0.760  1.00 0.00 ? 54  TYR A CZ   1 
ATOM 782  O OH   . TYR A 1 54 ? 5.105   -21.540 -0.684  1.00 0.00 ? 54  TYR A OH   1 
ATOM 783  H H    . TYR A 1 54 ? 4.857   -17.297 1.551   1.00 0.00 ? 54  TYR A H    1 
ATOM 784  H HA   . TYR A 1 54 ? 6.411   -14.686 1.212   1.00 0.00 ? 54  TYR A HA   1 
ATOM 785  H HB2  . TYR A 1 54 ? 6.202   -15.404 -1.371  1.00 0.00 ? 54  TYR A HB2  1 
ATOM 786  H HB3  . TYR A 1 54 ? 7.493   -15.869 -0.327  1.00 0.00 ? 54  TYR A HB3  1 
ATOM 787  H HD1  . TYR A 1 54 ? 4.224   -17.218 -1.735  1.00 0.00 ? 54  TYR A HD1  1 
ATOM 788  H HD2  . TYR A 1 54 ? 7.950   -18.146 0.213   1.00 0.00 ? 54  TYR A HD2  1 
ATOM 789  H HE1  . TYR A 1 54 ? 3.635   -19.599 -1.711  1.00 0.00 ? 54  TYR A HE1  1 
ATOM 790  H HE2  . TYR A 1 54 ? 7.355   -20.516 0.220   1.00 0.00 ? 54  TYR A HE2  1 
ATOM 791  H HH   . TYR A 1 54 ? 5.810   -22.032 -0.257  1.00 0.00 ? 54  TYR A HH   1 
ATOM 792  N N    . GLU A 1 55 ? 4.098   -13.593 1.273   1.00 0.00 ? 55  GLU A N    1 
ATOM 793  C CA   . GLU A 1 55 ? 2.995   -12.630 1.031   1.00 0.00 ? 55  GLU A CA   1 
ATOM 794  C C    . GLU A 1 55 ? 3.659   -11.235 0.820   1.00 0.00 ? 55  GLU A C    1 
ATOM 795  O O    . GLU A 1 55 ? 4.617   -11.097 0.051   1.00 0.00 ? 55  GLU A O    1 
ATOM 796  C CB   . GLU A 1 55 ? 1.893   -12.791 2.131   1.00 0.00 ? 55  GLU A CB   1 
ATOM 797  C CG   . GLU A 1 55 ? 1.041   -14.079 2.049   1.00 0.00 ? 55  GLU A CG   1 
ATOM 798  C CD   . GLU A 1 55 ? -0.258  -13.962 1.241   1.00 0.00 ? 55  GLU A CD   1 
ATOM 799  O OE1  . GLU A 1 55 ? -0.203  -13.996 -0.009  1.00 0.00 ? 55  GLU A OE1  1 
ATOM 800  O OE2  . GLU A 1 55 ? -1.342  -13.850 1.858   1.00 0.00 ? 55  GLU A OE2  1 
ATOM 801  H H    . GLU A 1 55 ? 4.757   -13.467 2.049   1.00 0.00 ? 55  GLU A H    1 
ATOM 802  H HA   . GLU A 1 55 ? 2.495   -12.838 0.065   1.00 0.00 ? 55  GLU A HA   1 
ATOM 803  H HB2  . GLU A 1 55 ? 2.361   -12.731 3.133   1.00 0.00 ? 55  GLU A HB2  1 
ATOM 804  H HB3  . GLU A 1 55 ? 1.202   -11.926 2.108   1.00 0.00 ? 55  GLU A HB3  1 
ATOM 805  H HG2  . GLU A 1 55 ? 1.639   -14.927 1.666   1.00 0.00 ? 55  GLU A HG2  1 
ATOM 806  H HG3  . GLU A 1 55 ? 0.771   -14.371 3.076   1.00 0.00 ? 55  GLU A HG3  1 
ATOM 807  N N    . GLU A 1 56 ? 3.070   -10.176 1.389   1.00 0.00 ? 56  GLU A N    1 
ATOM 808  C CA   . GLU A 1 56 ? 2.846   -8.877  0.696   1.00 0.00 ? 56  GLU A CA   1 
ATOM 809  C C    . GLU A 1 56 ? 1.674   -8.234  1.488   1.00 0.00 ? 56  GLU A C    1 
ATOM 810  O O    . GLU A 1 56 ? 1.893   -7.345  2.318   1.00 0.00 ? 56  GLU A O    1 
ATOM 811  C CB   . GLU A 1 56 ? 2.562   -8.956  -0.850  1.00 0.00 ? 56  GLU A CB   1 
ATOM 812  C CG   . GLU A 1 56 ? 3.783   -8.666  -1.734  1.00 0.00 ? 56  GLU A CG   1 
ATOM 813  C CD   . GLU A 1 56 ? 3.746   -9.301  -3.124  1.00 0.00 ? 56  GLU A CD   1 
ATOM 814  O OE1  . GLU A 1 56 ? 3.111   -8.730  -4.037  1.00 0.00 ? 56  GLU A OE1  1 
ATOM 815  O OE2  . GLU A 1 56 ? 4.365   -10.370 -3.318  1.00 0.00 ? 56  GLU A OE2  1 
ATOM 816  H H    . GLU A 1 56 ? 2.414   -10.449 2.129   1.00 0.00 ? 56  GLU A H    1 
ATOM 817  H HA   . GLU A 1 56 ? 3.735   -8.246  0.869   1.00 0.00 ? 56  GLU A HA   1 
ATOM 818  H HB2  . GLU A 1 56 ? 2.110   -9.936  -1.099  1.00 0.00 ? 56  GLU A HB2  1 
ATOM 819  H HB3  . GLU A 1 56 ? 1.786   -8.227  -1.140  1.00 0.00 ? 56  GLU A HB3  1 
ATOM 820  H HG2  . GLU A 1 56 ? 3.855   -7.570  -1.843  1.00 0.00 ? 56  GLU A HG2  1 
ATOM 821  H HG3  . GLU A 1 56 ? 4.718   -8.980  -1.234  1.00 0.00 ? 56  GLU A HG3  1 
ATOM 822  N N    . VAL A 1 57 ? 0.441   -8.735  1.259   1.00 0.00 ? 57  VAL A N    1 
ATOM 823  C CA   . VAL A 1 57 ? -0.753  -8.425  2.080   1.00 0.00 ? 57  VAL A CA   1 
ATOM 824  C C    . VAL A 1 57 ? -0.606  -9.040  3.504   1.00 0.00 ? 57  VAL A C    1 
ATOM 825  O O    . VAL A 1 57 ? -0.146  -10.171 3.691   1.00 0.00 ? 57  VAL A O    1 
ATOM 826  C CB   . VAL A 1 57 ? -2.092  -8.833  1.356   1.00 0.00 ? 57  VAL A CB   1 
ATOM 827  C CG1  . VAL A 1 57 ? -2.722  -7.673  0.546   1.00 0.00 ? 57  VAL A CG1  1 
ATOM 828  C CG2  . VAL A 1 57 ? -2.053  -10.108 0.469   1.00 0.00 ? 57  VAL A CG2  1 
ATOM 829  H H    . VAL A 1 57 ? 0.424   -9.489  0.566   1.00 0.00 ? 57  VAL A H    1 
ATOM 830  H HA   . VAL A 1 57 ? -0.760  -7.327  2.214   1.00 0.00 ? 57  VAL A HA   1 
ATOM 831  H HB   . VAL A 1 57 ? -2.828  -9.044  2.153   1.00 0.00 ? 57  VAL A HB   1 
ATOM 832  H HG11 . VAL A 1 57 ? -3.003  -7.932  -0.493  1.00 0.00 ? 57  VAL A HG11 1 
ATOM 833  H HG12 . VAL A 1 57 ? -3.634  -7.295  1.029   1.00 0.00 ? 57  VAL A HG12 1 
ATOM 834  H HG13 . VAL A 1 57 ? -2.069  -6.794  0.471   1.00 0.00 ? 57  VAL A HG13 1 
ATOM 835  H HG21 . VAL A 1 57 ? -3.072  -10.490 0.254   1.00 0.00 ? 57  VAL A HG21 1 
ATOM 836  H HG22 . VAL A 1 57 ? -1.471  -10.925 0.932   1.00 0.00 ? 57  VAL A HG22 1 
ATOM 837  H HG23 . VAL A 1 57 ? -1.551  -9.898  -0.497  1.00 0.00 ? 57  VAL A HG23 1 
ATOM 838  N N    . THR A 1 58 ? -0.970  -8.221  4.498   1.00 0.00 ? 58  THR A N    1 
ATOM 839  C CA   . THR A 1 58 ? -0.945  -8.597  5.944   1.00 0.00 ? 58  THR A CA   1 
ATOM 840  C C    . THR A 1 58 ? -2.278  -8.262  6.696   1.00 0.00 ? 58  THR A C    1 
ATOM 841  O O    . THR A 1 58 ? -2.307  -8.401  7.923   1.00 0.00 ? 58  THR A O    1 
ATOM 842  C CB   . THR A 1 58 ? 0.293   -7.930  6.639   1.00 0.00 ? 58  THR A CB   1 
ATOM 843  O OG1  . THR A 1 58 ? 0.248   -6.508  6.527   1.00 0.00 ? 58  THR A OG1  1 
ATOM 844  C CG2  . THR A 1 58 ? 1.673   -8.409  6.142   1.00 0.00 ? 58  THR A CG2  1 
ATOM 845  H H    . THR A 1 58 ? -1.326  -7.307  4.194   1.00 0.00 ? 58  THR A H    1 
ATOM 846  H HA   . THR A 1 58 ? -0.827  -9.693  6.056   1.00 0.00 ? 58  THR A HA   1 
ATOM 847  H HB   . THR A 1 58 ? 0.269   -8.172  7.718   1.00 0.00 ? 58  THR A HB   1 
ATOM 848  H HG1  . THR A 1 58 ? 0.439   -6.294  5.611   1.00 0.00 ? 58  THR A HG1  1 
ATOM 849  H HG21 . THR A 1 58 ? 2.494   -7.950  6.720   1.00 0.00 ? 58  THR A HG21 1 
ATOM 850  H HG22 . THR A 1 58 ? 1.851   -8.164  5.078   1.00 0.00 ? 58  THR A HG22 1 
ATOM 851  H HG23 . THR A 1 58 ? 1.782   -9.504  6.240   1.00 0.00 ? 58  THR A HG23 1 
ATOM 852  N N    . CYS A 1 59 ? -3.361  -7.787  6.021   1.00 0.00 ? 59  CYS A N    1 
ATOM 853  C CA   . CYS A 1 59 ? -4.432  -6.959  6.646   1.00 0.00 ? 59  CYS A CA   1 
ATOM 854  C C    . CYS A 1 59 ? -3.904  -5.639  7.319   1.00 0.00 ? 59  CYS A C    1 
ATOM 855  O O    . CYS A 1 59 ? -2.745  -5.549  7.745   1.00 0.00 ? 59  CYS A O    1 
ATOM 856  C CB   . CYS A 1 59 ? -5.489  -7.764  7.454   1.00 0.00 ? 59  CYS A CB   1 
ATOM 857  S SG   . CYS A 1 59 ? -4.976  -9.428  7.956   1.00 0.00 ? 59  CYS A SG   1 
ATOM 858  H H    . CYS A 1 59 ? -3.262  -7.843  4.999   1.00 0.00 ? 59  CYS A H    1 
ATOM 859  H HA   . CYS A 1 59 ? -5.000  -6.591  5.766   1.00 0.00 ? 59  CYS A HA   1 
ATOM 860  H HB2  . CYS A 1 59 ? -5.820  -7.200  8.341   1.00 0.00 ? 59  CYS A HB2  1 
ATOM 861  H HB3  . CYS A 1 59 ? -6.397  -7.887  6.835   1.00 0.00 ? 59  CYS A HB3  1 
ATOM 862  N N    . CYS A 1 60 ? -4.742  -4.582  7.359   1.00 0.00 ? 60  CYS A N    1 
ATOM 863  C CA   . CYS A 1 60 ? -4.284  -3.219  7.757   1.00 0.00 ? 60  CYS A CA   1 
ATOM 864  C C    . CYS A 1 60 ? -5.419  -2.490  8.526   1.00 0.00 ? 60  CYS A C    1 
ATOM 865  O O    . CYS A 1 60 ? -6.102  -1.605  8.003   1.00 0.00 ? 60  CYS A O    1 
ATOM 866  C CB   . CYS A 1 60 ? -3.759  -2.469  6.504   1.00 0.00 ? 60  CYS A CB   1 
ATOM 867  S SG   . CYS A 1 60 ? -2.016  -2.005  6.620   1.00 0.00 ? 60  CYS A SG   1 
ATOM 868  H H    . CYS A 1 60 ? -5.693  -4.763  7.016   1.00 0.00 ? 60  CYS A H    1 
ATOM 869  H HA   . CYS A 1 60 ? -3.425  -3.291  8.450   1.00 0.00 ? 60  CYS A HA   1 
ATOM 870  H HB2  . CYS A 1 60 ? -3.878  -3.061  5.577   1.00 0.00 ? 60  CYS A HB2  1 
ATOM 871  H HB3  . CYS A 1 60 ? -4.320  -1.536  6.313   1.00 0.00 ? 60  CYS A HB3  1 
ATOM 872  N N    . SER A 1 61 ? -5.612  -2.874  9.800   1.00 0.00 ? 61  SER A N    1 
ATOM 873  C CA   . SER A 1 61 ? -6.751  -2.394  10.629  1.00 0.00 ? 61  SER A CA   1 
ATOM 874  C C    . SER A 1 61 ? -6.427  -1.087  11.423  1.00 0.00 ? 61  SER A C    1 
ATOM 875  O O    . SER A 1 61 ? -5.383  -0.458  11.226  1.00 0.00 ? 61  SER A O    1 
ATOM 876  C CB   . SER A 1 61 ? -7.181  -3.598  11.513  1.00 0.00 ? 61  SER A CB   1 
ATOM 877  O OG   . SER A 1 61 ? -6.192  -3.934  12.484  1.00 0.00 ? 61  SER A OG   1 
ATOM 878  H H    . SER A 1 61 ? -4.983  -3.617  10.127  1.00 0.00 ? 61  SER A H    1 
ATOM 879  H HA   . SER A 1 61 ? -7.608  -2.168  9.962   1.00 0.00 ? 61  SER A HA   1 
ATOM 880  H HB2  . SER A 1 61 ? -8.129  -3.363  12.033  1.00 0.00 ? 61  SER A HB2  1 
ATOM 881  H HB3  . SER A 1 61 ? -7.403  -4.488  10.893  1.00 0.00 ? 61  SER A HB3  1 
ATOM 882  H HG   . SER A 1 61 ? -6.635  -3.907  13.335  1.00 0.00 ? 61  SER A HG   1 
ATOM 883  N N    . THR A 1 62 ? -7.347  -0.701  12.331  1.00 0.00 ? 62  THR A N    1 
ATOM 884  C CA   . THR A 1 62 ? -7.105  0.279   13.432  1.00 0.00 ? 62  THR A CA   1 
ATOM 885  C C    . THR A 1 62 ? -7.304  1.764   13.028  1.00 0.00 ? 62  THR A C    1 
ATOM 886  O O    . THR A 1 62 ? -8.191  2.422   13.579  1.00 0.00 ? 62  THR A O    1 
ATOM 887  C CB   . THR A 1 62 ? -5.882  0.055   14.381  1.00 0.00 ? 62  THR A CB   1 
ATOM 888  O OG1  . THR A 1 62 ? -4.652  0.360   13.734  1.00 0.00 ? 62  THR A OG1  1 
ATOM 889  C CG2  . THR A 1 62 ? -5.782  -1.358  14.973  1.00 0.00 ? 62  THR A CG2  1 
ATOM 890  H H    . THR A 1 62 ? -8.176  -1.304  12.347  1.00 0.00 ? 62  THR A H    1 
ATOM 891  H HA   . THR A 1 62 ? -7.972  0.083   14.094  1.00 0.00 ? 62  THR A HA   1 
ATOM 892  H HB   . THR A 1 62 ? -5.982  0.755   15.230  1.00 0.00 ? 62  THR A HB   1 
ATOM 893  H HG1  . THR A 1 62 ? -3.969  0.300   14.404  1.00 0.00 ? 62  THR A HG1  1 
ATOM 894  H HG21 . THR A 1 62 ? -4.954  -1.423  15.700  1.00 0.00 ? 62  THR A HG21 1 
ATOM 895  H HG22 . THR A 1 62 ? -5.589  -2.117  14.192  1.00 0.00 ? 62  THR A HG22 1 
ATOM 896  H HG23 . THR A 1 62 ? -6.707  -1.650  15.502  1.00 0.00 ? 62  THR A HG23 1 
ATOM 897  N N    . ASP A 1 63 ? -6.475  2.302   12.122  1.00 0.00 ? 63  ASP A N    1 
ATOM 898  C CA   . ASP A 1 63 ? -6.636  3.679   11.597  1.00 0.00 ? 63  ASP A CA   1 
ATOM 899  C C    . ASP A 1 63 ? -6.501  3.593   10.035  1.00 0.00 ? 63  ASP A C    1 
ATOM 900  O O    . ASP A 1 63 ? -6.597  2.548   9.383   1.00 0.00 ? 63  ASP A O    1 
ATOM 901  C CB   . ASP A 1 63 ? -5.593  4.656   12.264  1.00 0.00 ? 63  ASP A CB   1 
ATOM 902  C CG   . ASP A 1 63 ? -5.427  4.804   13.787  1.00 0.00 ? 63  ASP A CG   1 
ATOM 903  O OD1  . ASP A 1 63 ? -5.540  3.808   14.534  1.00 0.00 ? 63  ASP A OD1  1 
ATOM 904  O OD2  . ASP A 1 63 ? -5.121  5.930   14.240  1.00 0.00 ? 63  ASP A OD2  1 
ATOM 905  H H    . ASP A 1 63 ? -5.747  1.676   11.761  1.00 0.00 ? 63  ASP A H    1 
ATOM 906  H HA   . ASP A 1 63 ? -7.657  4.058   11.796  1.00 0.00 ? 63  ASP A HA   1 
ATOM 907  H HB2  . ASP A 1 63 ? -4.589  4.442   11.853  1.00 0.00 ? 63  ASP A HB2  1 
ATOM 908  H HB3  . ASP A 1 63 ? -5.820  5.675   11.887  1.00 0.00 ? 63  ASP A HB3  1 
ATOM 909  N N    . LYS A 1 64 ? -6.161  4.743   9.447   1.00 0.00 ? 64  LYS A N    1 
ATOM 910  C CA   . LYS A 1 64 ? -4.956  4.887   8.586   1.00 0.00 ? 64  LYS A CA   1 
ATOM 911  C C    . LYS A 1 64 ? -3.680  4.070   9.003   1.00 0.00 ? 64  LYS A C    1 
ATOM 912  O O    . LYS A 1 64 ? -2.756  4.574   9.644   1.00 0.00 ? 64  LYS A O    1 
ATOM 913  C CB   . LYS A 1 64 ? -4.670  6.405   8.330   1.00 0.00 ? 64  LYS A CB   1 
ATOM 914  C CG   . LYS A 1 64 ? -5.123  7.525   9.304   1.00 0.00 ? 64  LYS A CG   1 
ATOM 915  C CD   . LYS A 1 64 ? -4.106  7.963   10.375  1.00 0.00 ? 64  LYS A CD   1 
ATOM 916  C CE   . LYS A 1 64 ? -4.262  9.471   10.653  1.00 0.00 ? 64  LYS A CE   1 
ATOM 917  N NZ   . LYS A 1 64 ? -3.769  9.900   11.966  1.00 0.00 ? 64  LYS A NZ   1 
ATOM 918  H H    . LYS A 1 64 ? -6.360  5.530   10.070  1.00 0.00 ? 64  LYS A H    1 
ATOM 919  H HA   . LYS A 1 64 ? -5.255  4.503   7.598   1.00 0.00 ? 64  LYS A HA   1 
ATOM 920  H HB2  . LYS A 1 64 ? -3.599  6.572   8.103   1.00 0.00 ? 64  LYS A HB2  1 
ATOM 921  H HB3  . LYS A 1 64 ? -5.163  6.658   7.372   1.00 0.00 ? 64  LYS A HB3  1 
ATOM 922  H HG2  . LYS A 1 64 ? -5.343  8.390   8.653   1.00 0.00 ? 64  LYS A HG2  1 
ATOM 923  H HG3  . LYS A 1 64 ? -6.106  7.328   9.773   1.00 0.00 ? 64  LYS A HG3  1 
ATOM 924  H HD2  . LYS A 1 64 ? -4.226  7.360   11.290  1.00 0.00 ? 64  LYS A HD2  1 
ATOM 925  H HD3  . LYS A 1 64 ? -3.075  7.759   10.029  1.00 0.00 ? 64  LYS A HD3  1 
ATOM 926  H HE2  . LYS A 1 64 ? -3.725  10.030  9.866   1.00 0.00 ? 64  LYS A HE2  1 
ATOM 927  H HE3  . LYS A 1 64 ? -5.318  9.789   10.577  1.00 0.00 ? 64  LYS A HE3  1 
ATOM 928  H HZ1  . LYS A 1 64 ? -3.283  9.137   12.450  1.00 0.00 ? 64  LYS A HZ1  1 
ATOM 929  H HZ2  . LYS A 1 64 ? -4.551  10.192  12.565  1.00 0.00 ? 64  LYS A HZ2  1 
ATOM 930  H HZ3  . LYS A 1 64 ? -3.124  10.693  11.874  1.00 0.00 ? 64  LYS A HZ3  1 
ATOM 931  N N    . CYS A 1 65 ? -3.651  2.799   8.544   1.00 0.00 ? 65  CYS A N    1 
ATOM 932  C CA   . CYS A 1 65 ? -2.415  1.972   8.413   1.00 0.00 ? 65  CYS A CA   1 
ATOM 933  C C    . CYS A 1 65 ? -1.323  2.493   7.406   1.00 0.00 ? 65  CYS A C    1 
ATOM 934  O O    . CYS A 1 65 ? -0.173  2.042   7.458   1.00 0.00 ? 65  CYS A O    1 
ATOM 935  C CB   . CYS A 1 65 ? -2.924  0.585   7.949   1.00 0.00 ? 65  CYS A CB   1 
ATOM 936  S SG   . CYS A 1 65 ? -1.745  -0.753  8.157   1.00 0.00 ? 65  CYS A SG   1 
ATOM 937  H H    . CYS A 1 65 ? -4.523  2.505   8.088   1.00 0.00 ? 65  CYS A H    1 
ATOM 938  H HA   . CYS A 1 65 ? -1.962  1.855   9.416   1.00 0.00 ? 65  CYS A HA   1 
ATOM 939  H HB2  . CYS A 1 65 ? -3.818  0.256   8.515   1.00 0.00 ? 65  CYS A HB2  1 
ATOM 940  H HB3  . CYS A 1 65 ? -3.237  0.612   6.886   1.00 0.00 ? 65  CYS A HB3  1 
ATOM 941  N N    . ASN A 1 66 ? -1.711  3.421   6.508   1.00 0.00 ? 66  ASN A N    1 
ATOM 942  C CA   . ASN A 1 66 ? -0.968  3.864   5.306   1.00 0.00 ? 66  ASN A CA   1 
ATOM 943  C C    . ASN A 1 66 ? 0.449   4.432   5.620   1.00 0.00 ? 66  ASN A C    1 
ATOM 944  O O    . ASN A 1 66 ? 0.526   5.405   6.381   1.00 0.00 ? 66  ASN A O    1 
ATOM 945  C CB   . ASN A 1 66 ? -1.779  4.971   4.568   1.00 0.00 ? 66  ASN A CB   1 
ATOM 946  C CG   . ASN A 1 66 ? -3.234  4.641   4.189   1.00 0.00 ? 66  ASN A CG   1 
ATOM 947  O OD1  . ASN A 1 66 ? -4.111  4.660   5.050   1.00 0.00 ? 66  ASN A OD1  1 
ATOM 948  N ND2  . ASN A 1 66 ? -3.520  4.342   2.932   1.00 0.00 ? 66  ASN A ND2  1 
ATOM 949  H H    . ASN A 1 66 ? -2.701  3.673   6.610   1.00 0.00 ? 66  ASN A H    1 
ATOM 950  H HA   . ASN A 1 66 ? -0.924  2.992   4.629   1.00 0.00 ? 66  ASN A HA   1 
ATOM 951  H HB2  . ASN A 1 66 ? -1.816  5.884   5.196   1.00 0.00 ? 66  ASN A HB2  1 
ATOM 952  H HB3  . ASN A 1 66 ? -1.226  5.282   3.661   1.00 0.00 ? 66  ASN A HB3  1 
ATOM 953  H HD21 . ASN A 1 66 ? -2.754  4.403   2.254   1.00 0.00 ? 66  ASN A HD21 1 
ATOM 954  H HD22 . ASN A 1 66 ? -4.506  4.145   2.719   1.00 0.00 ? 66  ASN A HD22 1 
ATOM 955  N N    . PRO A 1 67 ? 1.571   3.907   5.048   1.00 0.00 ? 67  PRO A N    1 
ATOM 956  C CA   . PRO A 1 67 ? 2.923   4.463   5.290   1.00 0.00 ? 67  PRO A CA   1 
ATOM 957  C C    . PRO A 1 67 ? 3.157   5.758   4.446   1.00 0.00 ? 67  PRO A C    1 
ATOM 958  O O    . PRO A 1 67 ? 2.835   6.851   4.911   1.00 0.00 ? 67  PRO A O    1 
ATOM 959  C CB   . PRO A 1 67 ? 3.822   3.223   5.041   1.00 0.00 ? 67  PRO A CB   1 
ATOM 960  C CG   . PRO A 1 67 ? 3.078   2.381   4.003   1.00 0.00 ? 67  PRO A CG   1 
ATOM 961  C CD   . PRO A 1 67 ? 1.600   2.629   4.309   1.00 0.00 ? 67  PRO A CD   1 
ATOM 962  H HA   . PRO A 1 67 ? 3.034   4.736   6.359   1.00 0.00 ? 67  PRO A HA   1 
ATOM 963  H HB2  . PRO A 1 67 ? 4.848   3.482   4.723   1.00 0.00 ? 67  PRO A HB2  1 
ATOM 964  H HB3  . PRO A 1 67 ? 3.925   2.643   5.977   1.00 0.00 ? 67  PRO A HB3  1 
ATOM 965  H HG2  . PRO A 1 67 ? 3.326   2.730   2.983   1.00 0.00 ? 67  PRO A HG2  1 
ATOM 966  H HG3  . PRO A 1 67 ? 3.340   1.309   4.053   1.00 0.00 ? 67  PRO A HG3  1 
ATOM 967  H HD2  . PRO A 1 67 ? 1.005   2.668   3.377   1.00 0.00 ? 67  PRO A HD2  1 
ATOM 968  H HD3  . PRO A 1 67 ? 1.193   1.821   4.944   1.00 0.00 ? 67  PRO A HD3  1 
ATOM 969  N N    . HIS A 1 68 ? 3.702   5.592   3.232   1.00 0.00 ? 68  HIS A N    1 
ATOM 970  C CA   . HIS A 1 68 ? 4.350   6.625   2.376   1.00 0.00 ? 68  HIS A CA   1 
ATOM 971  C C    . HIS A 1 68 ? 4.863   5.834   1.095   1.00 0.00 ? 68  HIS A C    1 
ATOM 972  O O    . HIS A 1 68 ? 4.748   4.603   1.006   1.00 0.00 ? 68  HIS A O    1 
ATOM 973  C CB   . HIS A 1 68 ? 5.574   7.310   3.096   1.00 0.00 ? 68  HIS A CB   1 
ATOM 974  C CG   . HIS A 1 68 ? 5.303   8.310   4.220   1.00 0.00 ? 68  HIS A CG   1 
ATOM 975  N ND1  . HIS A 1 68 ? 5.756   8.142   5.522   1.00 0.00 ? 68  HIS A ND1  1 
ATOM 976  C CD2  . HIS A 1 68 ? 4.452   9.431   4.146   1.00 0.00 ? 68  HIS A CD2  1 
ATOM 977  C CE1  . HIS A 1 68 ? 5.084   9.166   6.141   1.00 0.00 ? 68  HIS A CE1  1 
ATOM 978  N NE2  . HIS A 1 68 ? 4.296   10.003  5.397   1.00 0.00 ? 68  HIS A NE2  1 
ATOM 979  H H    . HIS A 1 68 ? 3.768   4.605   2.962   1.00 0.00 ? 68  HIS A H    1 
ATOM 980  H HA   . HIS A 1 68 ? 3.604   7.378   2.052   1.00 0.00 ? 68  HIS A HA   1 
ATOM 981  H HB2  . HIS A 1 68 ? 6.261   6.519   3.458   1.00 0.00 ? 68  HIS A HB2  1 
ATOM 982  H HB3  . HIS A 1 68 ? 6.189   7.868   2.370   1.00 0.00 ? 68  HIS A HB3  1 
ATOM 983  H HD1  . HIS A 1 68 ? 6.285   7.360   5.928   1.00 0.00 ? 68  HIS A HD1  1 
ATOM 984  H HD2  . HIS A 1 68 ? 3.909   9.738   3.265   1.00 0.00 ? 68  HIS A HD2  1 
ATOM 985  H HE1  . HIS A 1 68 ? 5.098   9.249   7.218   1.00 0.00 ? 68  HIS A HE1  1 
ATOM 986  H HE2  . HIS A 1 68 ? 3.620   10.712  5.699   1.00 0.00 ? 68  HIS A HE2  1 
ATOM 987  N N    . PRO A 1 69 ? 5.651   6.420   0.152   1.00 0.00 ? 69  PRO A N    1 
ATOM 988  C CA   . PRO A 1 69 ? 6.900   5.762   -0.324  1.00 0.00 ? 69  PRO A CA   1 
ATOM 989  C C    . PRO A 1 69 ? 7.867   5.548   0.863   1.00 0.00 ? 69  PRO A C    1 
ATOM 990  O O    . PRO A 1 69 ? 8.268   6.535   1.486   1.00 0.00 ? 69  PRO A O    1 
ATOM 991  C CB   . PRO A 1 69 ? 7.437   6.751   -1.374  1.00 0.00 ? 69  PRO A CB   1 
ATOM 992  C CG   . PRO A 1 69 ? 6.735   8.097   -1.123  1.00 0.00 ? 69  PRO A CG   1 
ATOM 993  C CD   . PRO A 1 69 ? 5.451   7.793   -0.343  1.00 0.00 ? 69  PRO A CD   1 
ATOM 994  H HA   . PRO A 1 69 ? 6.671   4.796   -0.810  1.00 0.00 ? 69  PRO A HA   1 
ATOM 995  H HB2  . PRO A 1 69 ? 8.541   6.855   -1.367  1.00 0.00 ? 69  PRO A HB2  1 
ATOM 996  H HB3  . PRO A 1 69 ? 7.195   6.374   -2.383  1.00 0.00 ? 69  PRO A HB3  1 
ATOM 997  H HG2  . PRO A 1 69 ? 7.382   8.757   -0.517  1.00 0.00 ? 69  PRO A HG2  1 
ATOM 998  H HG3  . PRO A 1 69 ? 6.536   8.636   -2.073  1.00 0.00 ? 69  PRO A HG3  1 
ATOM 999  H HD2  . PRO A 1 69 ? 5.280   8.542   0.454   1.00 0.00 ? 69  PRO A HD2  1 
ATOM 1000 H HD3  . PRO A 1 69 ? 4.571   7.824   -1.014  1.00 0.00 ? 69  PRO A HD3  1 
ATOM 1001 N N    . LYS A 1 70 ? 8.147   4.282   1.242   1.00 0.00 ? 70  LYS A N    1 
ATOM 1002 C CA   . LYS A 1 70 ? 8.882   3.984   2.513   1.00 0.00 ? 70  LYS A CA   1 
ATOM 1003 C C    . LYS A 1 70 ? 10.266  4.717   2.564   1.00 0.00 ? 70  LYS A C    1 
ATOM 1004 O O    . LYS A 1 70 ? 10.313  5.705   3.289   1.00 0.00 ? 70  LYS A O    1 
ATOM 1005 C CB   . LYS A 1 70 ? 8.802   2.515   3.011   1.00 0.00 ? 70  LYS A CB   1 
ATOM 1006 C CG   . LYS A 1 70 ? 9.096   1.314   2.066   1.00 0.00 ? 70  LYS A CG   1 
ATOM 1007 C CD   . LYS A 1 70 ? 10.528  0.729   2.121   1.00 0.00 ? 70  LYS A CD   1 
ATOM 1008 C CE   . LYS A 1 70 ? 11.471  1.133   0.961   1.00 0.00 ? 70  LYS A CE   1 
ATOM 1009 N NZ   . LYS A 1 70 ? 12.849  1.389   1.412   1.00 0.00 ? 70  LYS A NZ   1 
ATOM 1010 H H    . LYS A 1 70 ? 7.722   3.549   0.672   1.00 0.00 ? 70  LYS A H    1 
ATOM 1011 H HA   . LYS A 1 70 ? 8.277   4.484   3.291   1.00 0.00 ? 70  LYS A HA   1 
ATOM 1012 H HB2  . LYS A 1 70 ? 9.378   2.403   3.961   1.00 0.00 ? 70  LYS A HB2  1 
ATOM 1013 H HB3  . LYS A 1 70 ? 7.761   2.355   3.372   1.00 0.00 ? 70  LYS A HB3  1 
ATOM 1014 H HG2  . LYS A 1 70 ? 8.421   0.493   2.388   1.00 0.00 ? 70  LYS A HG2  1 
ATOM 1015 H HG3  . LYS A 1 70 ? 8.797   1.523   1.020   1.00 0.00 ? 70  LYS A HG3  1 
ATOM 1016 H HD2  . LYS A 1 70 ? 10.995  0.964   3.090   1.00 0.00 ? 70  LYS A HD2  1 
ATOM 1017 H HD3  . LYS A 1 70 ? 10.450  -0.377  2.169   1.00 0.00 ? 70  LYS A HD3  1 
ATOM 1018 H HE2  . LYS A 1 70 ? 11.540  0.316   0.236   1.00 0.00 ? 70  LYS A HE2  1 
ATOM 1019 H HE3  . LYS A 1 70 ? 11.096  1.996   0.364   1.00 0.00 ? 70  LYS A HE3  1 
ATOM 1020 H HZ1  . LYS A 1 70 ? 12.875  2.137   2.119   1.00 0.00 ? 70  LYS A HZ1  1 
ATOM 1021 H HZ2  . LYS A 1 70 ? 13.414  1.678   0.607   1.00 0.00 ? 70  LYS A HZ2  1 
ATOM 1022 H HZ3  . LYS A 1 70 ? 13.324  0.560   1.807   1.00 0.00 ? 70  LYS A HZ3  1 
ATOM 1023 N N    . GLN A 1 71 ? 11.270  4.356   1.741   1.00 0.00 ? 71  GLN A N    1 
ATOM 1024 C CA   . GLN A 1 71 ? 12.350  5.263   1.198   1.00 0.00 ? 71  GLN A CA   1 
ATOM 1025 C C    . GLN A 1 71 ? 12.953  6.519   1.947   1.00 0.00 ? 71  GLN A C    1 
ATOM 1026 O O    . GLN A 1 71 ? 13.658  7.312   1.304   1.00 0.00 ? 71  GLN A O    1 
ATOM 1027 C CB   . GLN A 1 71 ? 12.104  5.441   -0.372  1.00 0.00 ? 71  GLN A CB   1 
ATOM 1028 C CG   . GLN A 1 71 ? 12.943  6.473   -1.202  1.00 0.00 ? 71  GLN A CG   1 
ATOM 1029 C CD   . GLN A 1 71 ? 12.818  6.504   -2.748  1.00 0.00 ? 71  GLN A CD   1 
ATOM 1030 O OE1  . GLN A 1 71 ? 12.066  5.741   -3.373  1.00 0.00 ? 71  GLN A OE1  1 
ATOM 1031 N NE2  . GLN A 1 71 ? 13.599  7.388   -3.386  1.00 0.00 ? 71  GLN A NE2  1 
ATOM 1032 H H    . GLN A 1 71 ? 11.183  3.382   1.412   1.00 0.00 ? 71  GLN A H    1 
ATOM 1033 H HA   . GLN A 1 71 ? 13.227  4.580   1.248   1.00 0.00 ? 71  GLN A HA   1 
ATOM 1034 H HB2  . GLN A 1 71 ? 12.286  4.463   -0.849  1.00 0.00 ? 71  GLN A HB2  1 
ATOM 1035 H HB3  . GLN A 1 71 ? 11.054  5.680   -0.575  1.00 0.00 ? 71  GLN A HB3  1 
ATOM 1036 H HG2  . GLN A 1 71 ? 12.719  7.496   -0.851  1.00 0.00 ? 71  GLN A HG2  1 
ATOM 1037 H HG3  . GLN A 1 71 ? 14.019  6.343   -0.945  1.00 0.00 ? 71  GLN A HG3  1 
ATOM 1038 H HE21 . GLN A 1 71 ? 13.972  8.153   -2.813  1.00 0.00 ? 71  GLN A HE21 1 
ATOM 1039 H HE22 . GLN A 1 71 ? 13.933  7.161   -4.341  1.00 0.00 ? 71  GLN A HE22 1 
ATOM 1040 N N    . ARG A 1 72 ? 12.880  6.676   3.308   1.00 0.00 ? 72  ARG A N    1 
ATOM 1041 C CA   . ARG A 1 72 ? 13.124  7.962   3.898   1.00 0.00 ? 72  ARG A CA   1 
ATOM 1042 C C    . ARG A 1 72 ? 13.861  6.487   4.186   1.00 0.00 ? 72  ARG A C    1 
ATOM 1043 O O    . ARG A 1 72 ? 13.337  5.795   5.076   1.00 0.00 ? 72  ARG A O    1 
ATOM 1044 C CB   . ARG A 1 72 ? 12.283  8.664   4.993   1.00 0.00 ? 72  ARG A CB   1 
ATOM 1045 C CG   . ARG A 1 72 ? 10.744  8.659   4.928   1.00 0.00 ? 72  ARG A CG   1 
ATOM 1046 C CD   . ARG A 1 72 ? 10.058  9.469   3.794   1.00 0.00 ? 72  ARG A CD   1 
ATOM 1047 N NE   . ARG A 1 72 ? 9.995   8.779   2.488   1.00 0.00 ? 72  ARG A NE   1 
ATOM 1048 C CZ   . ARG A 1 72 ? 10.405  9.303   1.315   1.00 0.00 ? 72  ARG A CZ   1 
ATOM 1049 N NH1  . ARG A 1 72 ? 11.196  10.370  1.221   1.00 0.00 ? 72  ARG A NH1  1 
ATOM 1050 N NH2  . ARG A 1 72 ? 10.020  8.724   0.194   1.00 0.00 ? 72  ARG A NH2  1 
ATOM 1051 H H    . ARG A 1 72 ? 12.088  6.118   3.657   1.00 0.00 ? 72  ARG A H    1 
ATOM 1052 H HA   . ARG A 1 72 ? 13.528  8.674   3.168   1.00 0.00 ? 72  ARG A HA   1 
ATOM 1053 H HB2  . ARG A 1 72 ? 12.632  8.355   5.997   1.00 0.00 ? 72  ARG A HB2  1 
ATOM 1054 H HB3  . ARG A 1 72 ? 12.610  9.737   4.959   1.00 0.00 ? 72  ARG A HB3  1 
ATOM 1055 H HG2  . ARG A 1 72 ? 10.378  7.634   4.935   1.00 0.00 ? 72  ARG A HG2  1 
ATOM 1056 H HG3  . ARG A 1 72 ? 10.376  9.083   5.881   1.00 0.00 ? 72  ARG A HG3  1 
ATOM 1057 H HD2  . ARG A 1 72 ? 9.006   9.632   4.121   1.00 0.00 ? 72  ARG A HD2  1 
ATOM 1058 H HD3  . ARG A 1 72 ? 10.480  10.488  3.746   1.00 0.00 ? 72  ARG A HD3  1 
ATOM 1059 H HE   . ARG A 1 72 ? 9.369   7.978   2.358   1.00 0.00 ? 72  ARG A HE   1 
ATOM 1060 H HH11 . ARG A 1 72 ? 11.475  10.813  2.108   1.00 0.00 ? 72  ARG A HH11 1 
ATOM 1061 H HH12 . ARG A 1 72 ? 11.449  10.682  0.270   1.00 0.00 ? 72  ARG A HH12 1 
ATOM 1062 H HH21 . ARG A 1 72 ? 9.372   7.937   0.308   1.00 0.00 ? 72  ARG A HH21 1 
ATOM 1063 H HH22 . ARG A 1 72 ? 10.313  9.154   -0.693  1.00 0.00 ? 72  ARG A HH22 1 
ATOM 1064 N N    . PRO A 1 73 ? 15.320  6.382   3.934   1.00 0.00 ? 73  PRO A N    1 
ATOM 1065 C CA   . PRO A 1 73 ? 15.786  5.667   2.758   1.00 0.00 ? 73  PRO A CA   1 
ATOM 1066 C C    . PRO A 1 73 ? 16.023  5.307   4.312   1.00 0.00 ? 73  PRO A C    1 
ATOM 1067 O O    . PRO A 1 73 ? 15.602  4.177   4.569   1.00 0.00 ? 73  PRO A O    1 
ATOM 1068 C CB   . PRO A 1 73 ? 17.070  6.104   2.007   1.00 0.00 ? 73  PRO A CB   1 
ATOM 1069 C CG   . PRO A 1 73 ? 17.338  7.462   2.634   1.00 0.00 ? 73  PRO A CG   1 
ATOM 1070 C CD   . PRO A 1 73 ? 16.015  7.647   3.392   1.00 0.00 ? 73  PRO A CD   1 
ATOM 1071 H HA   . PRO A 1 73 ? 15.179  4.872   2.296   1.00 0.00 ? 73  PRO A HA   1 
ATOM 1072 H HB2  . PRO A 1 73 ? 17.937  5.435   2.153   1.00 0.00 ? 73  PRO A HB2  1 
ATOM 1073 H HB3  . PRO A 1 73 ? 16.912  6.222   0.913   1.00 0.00 ? 73  PRO A HB3  1 
ATOM 1074 H HG2  . PRO A 1 73 ? 18.190  7.426   3.341   1.00 0.00 ? 73  PRO A HG2  1 
ATOM 1075 H HG3  . PRO A 1 73 ? 17.521  8.273   1.906   1.00 0.00 ? 73  PRO A HG3  1 
ATOM 1076 H HD2  . PRO A 1 73 ? 16.130  8.412   4.186   1.00 0.00 ? 73  PRO A HD2  1 
ATOM 1077 H HD3  . PRO A 1 73 ? 15.398  8.177   2.658   1.00 0.00 ? 73  PRO A HD3  1 
ATOM 1078 N N    . GLY A 1 74 ? 15.895  6.086   5.314   1.00 0.00 ? 74  GLY A N    1 
ATOM 1079 C CA   . GLY A 1 74 ? 17.054  6.665   6.039   1.00 0.00 ? 74  GLY A CA   1 
ATOM 1080 C C    . GLY A 1 74 ? 18.086  5.746   6.701   1.00 0.00 ? 74  GLY A C    1 
ATOM 1081 O O    . GLY A 1 74 ? 17.723  4.961   7.610   1.00 0.00 ? 74  GLY A O    1 
ATOM 1082 O OXT  . GLY A 1 74 ? 19.280  5.836   6.344   1.00 0.00 ? 74  GLY A OXT  1 
ATOM 1083 H H    . GLY A 1 74 ? 15.190  5.768   5.980   1.00 0.00 ? 74  GLY A H    1 
ATOM 1084 H HA2  . GLY A 1 74 ? 17.563  7.412   5.424   1.00 0.00 ? 74  GLY A HA2  1 
ATOM 1085 H HA3  . GLY A 1 74 ? 16.602  7.239   6.855   1.00 0.00 ? 74  GLY A HA3  1 
ATOM 1086 N N    . TYR B 2 1  ? 6.867   -2.481  -30.335 1.00 0.00 ? 181 TYR B N    1 
ATOM 1087 C CA   . TYR B 2 1  ? 7.908   -3.466  -29.972 1.00 0.00 ? 181 TYR B CA   1 
ATOM 1088 C C    . TYR B 2 1  ? 7.509   -4.044  -28.578 1.00 0.00 ? 181 TYR B C    1 
ATOM 1089 O O    . TYR B 2 1  ? 6.402   -4.563  -28.403 1.00 0.00 ? 181 TYR B O    1 
ATOM 1090 C CB   . TYR B 2 1  ? 9.323   -2.807  -30.081 1.00 0.00 ? 181 TYR B CB   1 
ATOM 1091 C CG   . TYR B 2 1  ? 9.902   -2.418  -31.452 1.00 0.00 ? 181 TYR B CG   1 
ATOM 1092 C CD1  . TYR B 2 1  ? 10.186  -3.412  -32.389 1.00 0.00 ? 181 TYR B CD1  1 
ATOM 1093 C CD2  . TYR B 2 1  ? 10.317  -1.100  -31.694 1.00 0.00 ? 181 TYR B CD2  1 
ATOM 1094 C CE1  . TYR B 2 1  ? 10.900  -3.102  -33.549 1.00 0.00 ? 181 TYR B CE1  1 
ATOM 1095 C CE2  . TYR B 2 1  ? 11.030  -0.795  -32.855 1.00 0.00 ? 181 TYR B CE2  1 
ATOM 1096 C CZ   . TYR B 2 1  ? 11.324  -1.793  -33.774 1.00 0.00 ? 181 TYR B CZ   1 
ATOM 1097 O OH   . TYR B 2 1  ? 12.060  -1.499  -34.897 1.00 0.00 ? 181 TYR B OH   1 
ATOM 1098 H H1   . TYR B 2 1  ? 6.902   -1.655  -29.726 1.00 0.00 ? 181 TYR B H1   1 
ATOM 1099 H H2   . TYR B 2 1  ? 5.933   -2.885  -30.227 1.00 0.00 ? 181 TYR B H2   1 
ATOM 1100 H H3   . TYR B 2 1  ? 6.958   -2.156  -31.301 1.00 0.00 ? 181 TYR B H3   1 
ATOM 1101 H HA   . TYR B 2 1  ? 7.856   -4.306  -30.688 1.00 0.00 ? 181 TYR B HA   1 
ATOM 1102 H HB2  . TYR B 2 1  ? 9.337   -1.916  -29.430 1.00 0.00 ? 181 TYR B HB2  1 
ATOM 1103 H HB3  . TYR B 2 1  ? 10.066  -3.491  -29.621 1.00 0.00 ? 181 TYR B HB3  1 
ATOM 1104 H HD1  . TYR B 2 1  ? 9.900   -4.441  -32.203 1.00 0.00 ? 181 TYR B HD1  1 
ATOM 1105 H HD2  . TYR B 2 1  ? 10.123  -0.319  -30.975 1.00 0.00 ? 181 TYR B HD2  1 
ATOM 1106 H HE1  . TYR B 2 1  ? 11.150  -3.883  -34.248 1.00 0.00 ? 181 TYR B HE1  1 
ATOM 1107 H HE2  . TYR B 2 1  ? 11.375  0.212   -33.024 1.00 0.00 ? 181 TYR B HE2  1 
ATOM 1108 H HH   . TYR B 2 1  ? 12.135  -2.283  -35.445 1.00 0.00 ? 181 TYR B HH   1 
ATOM 1109 N N    . ARG B 2 2  ? 8.363   -3.956  -27.551 1.00 0.00 ? 182 ARG B N    1 
ATOM 1110 C CA   . ARG B 2 2  ? 8.177   -3.001  -26.416 1.00 0.00 ? 182 ARG B CA   1 
ATOM 1111 C C    . ARG B 2 2  ? 6.757   -2.373  -26.139 1.00 0.00 ? 182 ARG B C    1 
ATOM 1112 O O    . ARG B 2 2  ? 6.226   -1.528  -26.868 1.00 0.00 ? 182 ARG B O    1 
ATOM 1113 C CB   . ARG B 2 2  ? 9.294   -1.914  -26.444 1.00 0.00 ? 182 ARG B CB   1 
ATOM 1114 C CG   . ARG B 2 2  ? 10.728  -2.446  -26.156 1.00 0.00 ? 182 ARG B CG   1 
ATOM 1115 C CD   . ARG B 2 2  ? 11.833  -2.005  -27.138 1.00 0.00 ? 182 ARG B CD   1 
ATOM 1116 N NE   . ARG B 2 2  ? 12.543  -0.786  -26.674 1.00 0.00 ? 182 ARG B NE   1 
ATOM 1117 C CZ   . ARG B 2 2  ? 13.875  -0.600  -26.734 1.00 0.00 ? 182 ARG B CZ   1 
ATOM 1118 N NH1  . ARG B 2 2  ? 14.733  -1.487  -27.243 1.00 0.00 ? 182 ARG B NH1  1 
ATOM 1119 N NH2  . ARG B 2 2  ? 14.364  0.531   -26.262 1.00 0.00 ? 182 ARG B NH2  1 
ATOM 1120 H H    . ARG B 2 2  ? 9.331   -4.053  -27.884 1.00 0.00 ? 182 ARG B H    1 
ATOM 1121 H HA   . ARG B 2 2  ? 8.448   -3.607  -25.530 1.00 0.00 ? 182 ARG B HA   1 
ATOM 1122 H HB2  . ARG B 2 2  ? 9.249   -1.355  -27.392 1.00 0.00 ? 182 ARG B HB2  1 
ATOM 1123 H HB3  . ARG B 2 2  ? 9.080   -1.130  -25.695 1.00 0.00 ? 182 ARG B HB3  1 
ATOM 1124 H HG2  . ARG B 2 2  ? 10.999  -2.226  -25.104 1.00 0.00 ? 182 ARG B HG2  1 
ATOM 1125 H HG3  . ARG B 2 2  ? 10.716  -3.554  -26.178 1.00 0.00 ? 182 ARG B HG3  1 
ATOM 1126 H HD2  . ARG B 2 2  ? 12.528  -2.852  -27.269 1.00 0.00 ? 182 ARG B HD2  1 
ATOM 1127 H HD3  . ARG B 2 2  ? 11.431  -1.839  -28.153 1.00 0.00 ? 182 ARG B HD3  1 
ATOM 1128 H HE   . ARG B 2 2  ? 12.034  -0.005  -26.243 1.00 0.00 ? 182 ARG B HE   1 
ATOM 1129 H HH11 . ARG B 2 2  ? 14.323  -2.362  -27.590 1.00 0.00 ? 182 ARG B HH11 1 
ATOM 1130 H HH12 . ARG B 2 2  ? 15.730  -1.239  -27.218 1.00 0.00 ? 182 ARG B HH12 1 
ATOM 1131 H HH21 . ARG B 2 2  ? 13.688  1.197   -25.868 1.00 0.00 ? 182 ARG B HH21 1 
ATOM 1132 H HH22 . ARG B 2 2  ? 15.385  0.643   -26.301 1.00 0.00 ? 182 ARG B HH22 1 
ATOM 1133 N N    . GLY B 2 3  ? 6.212   -2.842  -25.019 1.00 0.00 ? 183 GLY B N    1 
ATOM 1134 C CA   . GLY B 2 3  ? 5.083   -2.257  -24.283 1.00 0.00 ? 183 GLY B CA   1 
ATOM 1135 C C    . GLY B 2 3  ? 4.504   -3.385  -23.409 1.00 0.00 ? 183 GLY B C    1 
ATOM 1136 O O    . GLY B 2 3  ? 3.422   -3.869  -23.745 1.00 0.00 ? 183 GLY B O    1 
ATOM 1137 H H    . GLY B 2 3  ? 6.825   -3.519  -24.549 1.00 0.00 ? 183 GLY B H    1 
ATOM 1138 H HA2  . GLY B 2 3  ? 5.409   -1.423  -23.633 1.00 0.00 ? 183 GLY B HA2  1 
ATOM 1139 H HA3  . GLY B 2 3  ? 4.307   -1.853  -24.960 1.00 0.00 ? 183 GLY B HA3  1 
ATOM 1140 N N    . TRP B 2 4  ? 5.063   -3.908  -22.295 1.00 0.00 ? 184 TRP B N    1 
ATOM 1141 C CA   . TRP B 2 4  ? 6.393   -3.612  -21.681 1.00 0.00 ? 184 TRP B CA   1 
ATOM 1142 C C    . TRP B 2 4  ? 6.214   -2.531  -20.596 1.00 0.00 ? 184 TRP B C    1 
ATOM 1143 O O    . TRP B 2 4  ? 6.048   -1.355  -20.927 1.00 0.00 ? 184 TRP B O    1 
ATOM 1144 C CB   . TRP B 2 4  ? 7.780   -3.660  -22.455 1.00 0.00 ? 184 TRP B CB   1 
ATOM 1145 C CG   . TRP B 2 4  ? 8.745   -2.435  -22.528 1.00 0.00 ? 184 TRP B CG   1 
ATOM 1146 C CD1  . TRP B 2 4  ? 8.436   -1.096  -22.881 1.00 0.00 ? 184 TRP B CD1  1 
ATOM 1147 C CD2  . TRP B 2 4  ? 10.123  -2.418  -22.299 1.00 0.00 ? 184 TRP B CD2  1 
ATOM 1148 N NE1  . TRP B 2 4  ? 9.567   -0.254  -22.863 1.00 0.00 ? 184 TRP B NE1  1 
ATOM 1149 C CE2  . TRP B 2 4  ? 10.598  -1.093  -22.493 1.00 0.00 ? 184 TRP B CE2  1 
ATOM 1150 C CE3  . TRP B 2 4  ? 11.038  -3.454  -21.970 1.00 0.00 ? 184 TRP B CE3  1 
ATOM 1151 C CZ2  . TRP B 2 4  ? 11.977  -0.795  -22.340 1.00 0.00 ? 184 TRP B CZ2  1 
ATOM 1152 C CZ3  . TRP B 2 4  ? 12.386  -3.137  -21.810 1.00 0.00 ? 184 TRP B CZ3  1 
ATOM 1153 C CH2  . TRP B 2 4  ? 12.849  -1.827  -21.991 1.00 0.00 ? 184 TRP B CH2  1 
ATOM 1154 H H    . TRP B 2 4  ? 4.380   -4.420  -21.726 1.00 0.00 ? 184 TRP B H    1 
ATOM 1155 H HA   . TRP B 2 4  ? 6.482   -4.559  -21.118 1.00 0.00 ? 184 TRP B HA   1 
ATOM 1156 H HB2  . TRP B 2 4  ? 8.379   -4.449  -21.968 1.00 0.00 ? 184 TRP B HB2  1 
ATOM 1157 H HB3  . TRP B 2 4  ? 7.661   -4.114  -23.453 1.00 0.00 ? 184 TRP B HB3  1 
ATOM 1158 H HD1  . TRP B 2 4  ? 7.459   -0.743  -23.167 1.00 0.00 ? 184 TRP B HD1  1 
ATOM 1159 H HE1  . TRP B 2 4  ? 9.672   0.701   -23.228 1.00 0.00 ? 184 TRP B HE1  1 
ATOM 1160 H HE3  . TRP B 2 4  ? 10.709  -4.479  -21.859 1.00 0.00 ? 184 TRP B HE3  1 
ATOM 1161 H HZ2  . TRP B 2 4  ? 12.350  0.213   -22.476 1.00 0.00 ? 184 TRP B HZ2  1 
ATOM 1162 H HZ3  . TRP B 2 4  ? 13.095  -3.913  -21.552 1.00 0.00 ? 184 TRP B HZ3  1 
ATOM 1163 H HH2  . TRP B 2 4  ? 13.902  -1.614  -21.863 1.00 0.00 ? 184 TRP B HH2  1 
ATOM 1164 N N    . LYS B 2 5  ? 6.340   -2.927  -19.315 1.00 0.00 ? 185 LYS B N    1 
ATOM 1165 C CA   . LYS B 2 5  ? 7.492   -2.505  -18.467 1.00 0.00 ? 185 LYS B CA   1 
ATOM 1166 C C    . LYS B 2 5  ? 7.956   -1.013  -18.573 1.00 0.00 ? 185 LYS B C    1 
ATOM 1167 O O    . LYS B 2 5  ? 8.664   -0.695  -19.530 1.00 0.00 ? 185 LYS B O    1 
ATOM 1168 C CB   . LYS B 2 5  ? 8.662   -3.542  -18.629 1.00 0.00 ? 185 LYS B CB   1 
ATOM 1169 C CG   . LYS B 2 5  ? 8.665   -4.807  -17.736 1.00 0.00 ? 185 LYS B CG   1 
ATOM 1170 C CD   . LYS B 2 5  ? 7.504   -5.818  -17.861 1.00 0.00 ? 185 LYS B CD   1 
ATOM 1171 C CE   . LYS B 2 5  ? 6.625   -5.959  -16.602 1.00 0.00 ? 185 LYS B CE   1 
ATOM 1172 N NZ   . LYS B 2 5  ? 5.738   -4.820  -16.313 1.00 0.00 ? 185 LYS B NZ   1 
ATOM 1173 H H    . LYS B 2 5  ? 6.079   -3.919  -19.230 1.00 0.00 ? 185 LYS B H    1 
ATOM 1174 H HA   . LYS B 2 5  ? 7.126   -2.598  -17.441 1.00 0.00 ? 185 LYS B HA   1 
ATOM 1175 H HB2  . LYS B 2 5  ? 8.794   -3.852  -19.690 1.00 0.00 ? 185 LYS B HB2  1 
ATOM 1176 H HB3  . LYS B 2 5  ? 9.612   -3.024  -18.394 1.00 0.00 ? 185 LYS B HB3  1 
ATOM 1177 H HG2  . LYS B 2 5  ? 9.594   -5.346  -18.002 1.00 0.00 ? 185 LYS B HG2  1 
ATOM 1178 H HG3  . LYS B 2 5  ? 8.817   -4.548  -16.673 1.00 0.00 ? 185 LYS B HG3  1 
ATOM 1179 H HD2  . LYS B 2 5  ? 6.876   -5.650  -18.762 1.00 0.00 ? 185 LYS B HD2  1 
ATOM 1180 H HD3  . LYS B 2 5  ? 7.956   -6.818  -18.029 1.00 0.00 ? 185 LYS B HD3  1 
ATOM 1181 H HE2  . LYS B 2 5  ? 6.009   -6.869  -16.714 1.00 0.00 ? 185 LYS B HE2  1 
ATOM 1182 H HE3  . LYS B 2 5  ? 7.250   -6.130  -15.708 1.00 0.00 ? 185 LYS B HE3  1 
ATOM 1183 H HZ1  . LYS B 2 5  ? 5.107   -4.616  -17.092 1.00 0.00 ? 185 LYS B HZ1  1 
ATOM 1184 H HZ2  . LYS B 2 5  ? 6.250   -3.959  -16.107 1.00 0.00 ? 185 LYS B HZ2  1 
ATOM 1185 H HZ3  . LYS B 2 5  ? 5.166   -5.010  -15.483 1.00 0.00 ? 185 LYS B HZ3  1 
ATOM 1186 N N    . HIS B 2 6  ? 7.650   -0.011  -17.713 1.00 0.00 ? 186 HIS B N    1 
ATOM 1187 C CA   . HIS B 2 6  ? 7.015   -0.142  -16.364 1.00 0.00 ? 186 HIS B CA   1 
ATOM 1188 C C    . HIS B 2 6  ? 7.911   -0.880  -15.301 1.00 0.00 ? 186 HIS B C    1 
ATOM 1189 O O    . HIS B 2 6  ? 9.126   -0.979  -15.504 1.00 0.00 ? 186 HIS B O    1 
ATOM 1190 C CB   . HIS B 2 6  ? 5.484   -0.428  -16.489 1.00 0.00 ? 186 HIS B CB   1 
ATOM 1191 C CG   . HIS B 2 6  ? 4.615   0.009   -15.307 1.00 0.00 ? 186 HIS B CG   1 
ATOM 1192 N ND1  . HIS B 2 6  ? 4.451   1.318   -14.864 1.00 0.00 ? 186 HIS B ND1  1 
ATOM 1193 C CD2  . HIS B 2 6  ? 3.843   -0.868  -14.525 1.00 0.00 ? 186 HIS B CD2  1 
ATOM 1194 C CE1  . HIS B 2 6  ? 3.593   1.104   -13.818 1.00 0.00 ? 186 HIS B CE1  1 
ATOM 1195 N NE2  . HIS B 2 6  ? 3.165   -0.168  -13.544 1.00 0.00 ? 186 HIS B NE2  1 
ATOM 1196 H H    . HIS B 2 6  ? 7.935   0.913   -18.046 1.00 0.00 ? 186 HIS B H    1 
ATOM 1197 H HA   . HIS B 2 6  ? 7.072   0.903   -16.000 1.00 0.00 ? 186 HIS B HA   1 
ATOM 1198 H HB2  . HIS B 2 6  ? 5.084   0.084   -17.382 1.00 0.00 ? 186 HIS B HB2  1 
ATOM 1199 H HB3  . HIS B 2 6  ? 5.280   -1.490  -16.731 1.00 0.00 ? 186 HIS B HB3  1 
ATOM 1200 H HD1  . HIS B 2 6  ? 4.819   2.199   -15.242 1.00 0.00 ? 186 HIS B HD1  1 
ATOM 1201 H HD2  . HIS B 2 6  ? 3.793   -1.936  -14.667 1.00 0.00 ? 186 HIS B HD2  1 
ATOM 1202 H HE1  . HIS B 2 6  ? 3.243   1.933   -13.221 1.00 0.00 ? 186 HIS B HE1  1 
ATOM 1203 H HE2  . HIS B 2 6  ? 2.555   -0.512  -12.794 1.00 0.00 ? 186 HIS B HE2  1 
ATOM 1204 N N    . TRP B 2 7  ? 7.392   -1.244  -14.112 1.00 0.00 ? 187 TRP B N    1 
ATOM 1205 C CA   . TRP B 2 7  ? 8.210   -1.241  -12.863 1.00 0.00 ? 187 TRP B CA   1 
ATOM 1206 C C    . TRP B 2 7  ? 8.081   -2.628  -12.127 1.00 0.00 ? 187 TRP B C    1 
ATOM 1207 O O    . TRP B 2 7  ? 8.700   -3.555  -12.652 1.00 0.00 ? 187 TRP B O    1 
ATOM 1208 C CB   . TRP B 2 7  ? 7.945   0.132   -12.173 1.00 0.00 ? 187 TRP B CB   1 
ATOM 1209 C CG   . TRP B 2 7  ? 8.777   1.295   -12.724 1.00 0.00 ? 187 TRP B CG   1 
ATOM 1210 C CD1  . TRP B 2 7  ? 8.349   2.262   -13.653 1.00 0.00 ? 187 TRP B CD1  1 
ATOM 1211 C CD2  . TRP B 2 7  ? 10.139  1.471   -12.610 1.00 0.00 ? 187 TRP B CD2  1 
ATOM 1212 N NE1  . TRP B 2 7  ? 9.413   3.068   -14.095 1.00 0.00 ? 187 TRP B NE1  1 
ATOM 1213 C CE2  . TRP B 2 7  ? 10.517  2.549   -13.442 1.00 0.00 ? 187 TRP B CE2  1 
ATOM 1214 C CE3  . TRP B 2 7  ? 11.120  0.690   -11.954 1.00 0.00 ? 187 TRP B CE3  1 
ATOM 1215 C CZ2  . TRP B 2 7  ? 11.888  2.866   -13.615 1.00 0.00 ? 187 TRP B CZ2  1 
ATOM 1216 C CZ3  . TRP B 2 7  ? 12.461  1.028   -12.117 1.00 0.00 ? 187 TRP B CZ3  1 
ATOM 1217 C CH2  . TRP B 2 7  ? 12.842  2.104   -12.927 1.00 0.00 ? 187 TRP B CH2  1 
ATOM 1218 H H    . TRP B 2 7  ? 6.384   -1.075  -14.038 1.00 0.00 ? 187 TRP B H    1 
ATOM 1219 H HA   . TRP B 2 7  ? 9.292   -1.231  -13.116 1.00 0.00 ? 187 TRP B HA   1 
ATOM 1220 H HB2  . TRP B 2 7  ? 6.876   0.422   -12.169 1.00 0.00 ? 187 TRP B HB2  1 
ATOM 1221 H HB3  . TRP B 2 7  ? 8.169   0.045   -11.119 1.00 0.00 ? 187 TRP B HB3  1 
ATOM 1222 H HD1  . TRP B 2 7  ? 7.371   2.261   -14.108 1.00 0.00 ? 187 TRP B HD1  1 
ATOM 1223 H HE1  . TRP B 2 7  ? 9.416   3.703   -14.899 1.00 0.00 ? 187 TRP B HE1  1 
ATOM 1224 H HE3  . TRP B 2 7  ? 10.839  -0.144  -11.334 1.00 0.00 ? 187 TRP B HE3  1 
ATOM 1225 H HZ2  . TRP B 2 7  ? 12.179  3.669   -14.271 1.00 0.00 ? 187 TRP B HZ2  1 
ATOM 1226 H HZ3  . TRP B 2 7  ? 13.207  0.457   -11.588 1.00 0.00 ? 187 TRP B HZ3  1 
ATOM 1227 H HH2  . TRP B 2 7  ? 13.892  2.342   -13.022 1.00 0.00 ? 187 TRP B HH2  1 
ATOM 1228 N N    . VAL B 2 8  ? 7.352   -3.033  -11.057 1.00 0.00 ? 188 VAL B N    1 
ATOM 1229 C CA   . VAL B 2 8  ? 6.721   -2.214  -9.974  1.00 0.00 ? 188 VAL B CA   1 
ATOM 1230 C C    . VAL B 2 8  ? 5.545   -1.278  -10.461 1.00 0.00 ? 188 VAL B C    1 
ATOM 1231 O O    . VAL B 2 8  ? 5.228   -1.319  -11.649 1.00 0.00 ? 188 VAL B O    1 
ATOM 1232 C CB   . VAL B 2 8  ? 7.724   -1.851  -8.800  1.00 0.00 ? 188 VAL B CB   1 
ATOM 1233 C CG1  . VAL B 2 8  ? 8.085   -3.054  -7.896  1.00 0.00 ? 188 VAL B CG1  1 
ATOM 1234 C CG2  . VAL B 2 8  ? 9.045   -1.092  -9.057  1.00 0.00 ? 188 VAL B CG2  1 
ATOM 1235 H H    . VAL B 2 8  ? 7.086   -4.022  -11.158 1.00 0.00 ? 188 VAL B H    1 
ATOM 1236 H HA   . VAL B 2 8  ? 6.092   -2.985  -9.494  1.00 0.00 ? 188 VAL B HA   1 
ATOM 1237 H HB   . VAL B 2 8  ? 7.171   -1.189  -8.143  1.00 0.00 ? 188 VAL B HB   1 
ATOM 1238 H HG11 . VAL B 2 8  ? 8.677   -2.728  -7.018  1.00 0.00 ? 188 VAL B HG11 1 
ATOM 1239 H HG12 . VAL B 2 8  ? 8.681   -3.818  -8.430  1.00 0.00 ? 188 VAL B HG12 1 
ATOM 1240 H HG13 . VAL B 2 8  ? 7.182   -3.547  -7.486  1.00 0.00 ? 188 VAL B HG13 1 
ATOM 1241 H HG21 . VAL B 2 8  ? 8.867   -0.024  -9.255  1.00 0.00 ? 188 VAL B HG21 1 
ATOM 1242 H HG22 . VAL B 2 8  ? 9.696   -1.054  -8.162  1.00 0.00 ? 188 VAL B HG22 1 
ATOM 1243 H HG23 . VAL B 2 8  ? 9.653   -1.524  -9.874  1.00 0.00 ? 188 VAL B HG23 1 
ATOM 1244 N N    . TYR B 2 9  ? 4.742   -0.448  -9.760  1.00 0.00 ? 189 TYR B N    1 
ATOM 1245 C CA   . TYR B 2 9  ? 4.420   -0.468  -8.306  1.00 0.00 ? 189 TYR B CA   1 
ATOM 1246 C C    . TYR B 2 9  ? 5.321   0.443   -7.427  1.00 0.00 ? 189 TYR B C    1 
ATOM 1247 O O    . TYR B 2 9  ? 5.991   -0.056  -6.521  1.00 0.00 ? 189 TYR B O    1 
ATOM 1248 C CB   . TYR B 2 9  ? 4.056   -1.814  -7.577  1.00 0.00 ? 189 TYR B CB   1 
ATOM 1249 C CG   . TYR B 2 9  ? 3.485   -3.014  -8.346  1.00 0.00 ? 189 TYR B CG   1 
ATOM 1250 C CD1  . TYR B 2 9  ? 2.455   -2.855  -9.275  1.00 0.00 ? 189 TYR B CD1  1 
ATOM 1251 C CD2  . TYR B 2 9  ? 4.086   -4.271  -8.195  1.00 0.00 ? 189 TYR B CD2  1 
ATOM 1252 C CE1  . TYR B 2 9  ? 2.098   -3.907  -10.112 1.00 0.00 ? 189 TYR B CE1  1 
ATOM 1253 C CE2  . TYR B 2 9  ? 3.723   -5.325  -9.027  1.00 0.00 ? 189 TYR B CE2  1 
ATOM 1254 C CZ   . TYR B 2 9  ? 2.746   -5.135  -10.003 1.00 0.00 ? 189 TYR B CZ   1 
ATOM 1255 O OH   . TYR B 2 9  ? 2.450   -6.139  -10.886 1.00 0.00 ? 189 TYR B OH   1 
ATOM 1256 H H    . TYR B 2 9  ? 4.097   0.052   -10.382 1.00 0.00 ? 189 TYR B H    1 
ATOM 1257 H HA   . TYR B 2 9  ? 3.439   0.053   -8.303  1.00 0.00 ? 189 TYR B HA   1 
ATOM 1258 H HB2  . TYR B 2 9  ? 4.951   -2.166  -7.030  1.00 0.00 ? 189 TYR B HB2  1 
ATOM 1259 H HB3  . TYR B 2 9  ? 3.347   -1.568  -6.760  1.00 0.00 ? 189 TYR B HB3  1 
ATOM 1260 H HD1  . TYR B 2 9  ? 1.973   -1.895  -9.387  1.00 0.00 ? 189 TYR B HD1  1 
ATOM 1261 H HD2  . TYR B 2 9  ? 4.890   -4.418  -7.484  1.00 0.00 ? 189 TYR B HD2  1 
ATOM 1262 H HE1  . TYR B 2 9  ? 1.334   -3.756  -10.861 1.00 0.00 ? 189 TYR B HE1  1 
ATOM 1263 H HE2  . TYR B 2 9  ? 4.235   -6.272  -8.930  1.00 0.00 ? 189 TYR B HE2  1 
ATOM 1264 H HH   . TYR B 2 9  ? 3.032   -6.886  -10.725 1.00 0.00 ? 189 TYR B HH   1 
ATOM 1265 N N    . TYR B 2 10 ? 5.315   1.781   -7.595  1.00 0.00 ? 190 TYR B N    1 
ATOM 1266 C CA   . TYR B 2 10 ? 5.794   2.681   -6.511  1.00 0.00 ? 190 TYR B CA   1 
ATOM 1267 C C    . TYR B 2 10 ? 4.885   3.922   -6.305  1.00 0.00 ? 190 TYR B C    1 
ATOM 1268 O O    . TYR B 2 10 ? 4.740   4.798   -7.162  1.00 0.00 ? 190 TYR B O    1 
ATOM 1269 C CB   . TYR B 2 10 ? 7.309   3.068   -6.458  1.00 0.00 ? 190 TYR B CB   1 
ATOM 1270 C CG   . TYR B 2 10 ? 8.289   2.939   -7.638  1.00 0.00 ? 190 TYR B CG   1 
ATOM 1271 C CD1  . TYR B 2 10 ? 8.261   3.855   -8.696  1.00 0.00 ? 190 TYR B CD1  1 
ATOM 1272 C CD2  . TYR B 2 10 ? 9.404   2.111   -7.479  1.00 0.00 ? 190 TYR B CD2  1 
ATOM 1273 C CE1  . TYR B 2 10 ? 9.372   3.993   -9.528  1.00 0.00 ? 190 TYR B CE1  1 
ATOM 1274 C CE2  . TYR B 2 10 ? 10.503  2.237   -8.321  1.00 0.00 ? 190 TYR B CE2  1 
ATOM 1275 C CZ   . TYR B 2 10 ? 10.502  3.201   -9.326  1.00 0.00 ? 190 TYR B CZ   1 
ATOM 1276 O OH   . TYR B 2 10 ? 11.636  3.416   -10.069 1.00 0.00 ? 190 TYR B OH   1 
ATOM 1277 H H    . TYR B 2 10 ? 4.777   2.115   -8.401  1.00 0.00 ? 190 TYR B H    1 
ATOM 1278 H HA   . TYR B 2 10 ? 5.689   2.079   -5.580  1.00 0.00 ? 190 TYR B HA   1 
ATOM 1279 H HB2  . TYR B 2 10 ? 7.410   4.109   -6.108  1.00 0.00 ? 190 TYR B HB2  1 
ATOM 1280 H HB3  . TYR B 2 10 ? 7.736   2.544   -5.586  1.00 0.00 ? 190 TYR B HB3  1 
ATOM 1281 H HD1  . TYR B 2 10 ? 7.414   4.518   -8.820  1.00 0.00 ? 190 TYR B HD1  1 
ATOM 1282 H HD2  . TYR B 2 10 ? 9.455   1.417   -6.655  1.00 0.00 ? 190 TYR B HD2  1 
ATOM 1283 H HE1  . TYR B 2 10 ? 9.369   4.755   -10.297 1.00 0.00 ? 190 TYR B HE1  1 
ATOM 1284 H HE2  . TYR B 2 10 ? 11.368  1.618   -8.165  1.00 0.00 ? 190 TYR B HE2  1 
ATOM 1285 H HH   . TYR B 2 10 ? 11.585  4.276   -10.498 1.00 0.00 ? 190 TYR B HH   1 
ATOM 1286 N N    . THR B 2 11 ? 4.450   4.025   -5.042  1.00 0.00 ? 191 THR B N    1 
ATOM 1287 C CA   . THR B 2 11 ? 4.327   5.280   -4.250  1.00 0.00 ? 191 THR B CA   1 
ATOM 1288 C C    . THR B 2 11 ? 5.324   6.474   -4.465  1.00 0.00 ? 191 THR B C    1 
ATOM 1289 O O    . THR B 2 11 ? 4.987   7.579   -4.027  1.00 0.00 ? 191 THR B O    1 
ATOM 1290 C CB   . THR B 2 11 ? 4.257   4.939   -2.714  1.00 0.00 ? 191 THR B CB   1 
ATOM 1291 O OG1  . THR B 2 11 ? 4.482   3.566   -2.381  1.00 0.00 ? 191 THR B OG1  1 
ATOM 1292 C CG2  . THR B 2 11 ? 2.969   5.399   -2.019  1.00 0.00 ? 191 THR B CG2  1 
ATOM 1293 H H    . THR B 2 11 ? 4.491   3.130   -4.540  1.00 0.00 ? 191 THR B H    1 
ATOM 1294 H HA   . THR B 2 11 ? 3.348   5.686   -4.552  1.00 0.00 ? 191 THR B HA   1 
ATOM 1295 H HB   . THR B 2 11 ? 5.054   5.484   -2.199  1.00 0.00 ? 191 THR B HB   1 
ATOM 1296 H HG1  . THR B 2 11 ? 4.065   3.415   -1.532  1.00 0.00 ? 191 THR B HG1  1 
ATOM 1297 H HG21 . THR B 2 11 ? 2.864   6.498   -2.034  1.00 0.00 ? 191 THR B HG21 1 
ATOM 1298 H HG22 . THR B 2 11 ? 2.926   5.085   -0.961  1.00 0.00 ? 191 THR B HG22 1 
ATOM 1299 H HG23 . THR B 2 11 ? 2.093   4.975   -2.518  1.00 0.00 ? 191 THR B HG23 1 
ATOM 1300 N N    . CYS B 2 12 ? 6.503   6.292   -5.111  1.00 0.00 ? 192 CYS B N    1 
ATOM 1301 C CA   . CYS B 2 12 ? 7.382   7.393   -5.599  1.00 0.00 ? 192 CYS B CA   1 
ATOM 1302 C C    . CYS B 2 12 ? 6.622   8.564   -6.253  1.00 0.00 ? 192 CYS B C    1 
ATOM 1303 O O    . CYS B 2 12 ? 5.628   8.393   -6.974  1.00 0.00 ? 192 CYS B O    1 
ATOM 1304 C CB   . CYS B 2 12 ? 8.368   6.881   -6.686  1.00 0.00 ? 192 CYS B CB   1 
ATOM 1305 S SG   . CYS B 2 12 ? 9.215   8.211   -7.616  1.00 0.00 ? 192 CYS B SG   1 
ATOM 1306 H H    . CYS B 2 12 ? 6.679   5.321   -5.371  1.00 0.00 ? 192 CYS B H    1 
ATOM 1307 H HA   . CYS B 2 12 ? 7.970   7.743   -4.728  1.00 0.00 ? 192 CYS B HA   1 
ATOM 1308 H HB2  . CYS B 2 12 ? 9.132   6.214   -6.239  1.00 0.00 ? 192 CYS B HB2  1 
ATOM 1309 H HB3  . CYS B 2 12 ? 7.829   6.271   -7.436  1.00 0.00 ? 192 CYS B HB3  1 
ATOM 1310 N N    . CYS B 2 13 ? 7.207   9.744   -6.040  1.00 0.00 ? 193 CYS B N    1 
ATOM 1311 C CA   . CYS B 2 13 ? 6.871   10.951  -6.814  1.00 0.00 ? 193 CYS B CA   1 
ATOM 1312 C C    . CYS B 2 13 ? 5.363   11.366  -6.621  1.00 0.00 ? 193 CYS B C    1 
ATOM 1313 O O    . CYS B 2 13 ? 4.598   11.294  -7.588  1.00 0.00 ? 193 CYS B O    1 
ATOM 1314 C CB   . CYS B 2 13 ? 7.456   10.892  -8.259  1.00 0.00 ? 193 CYS B CB   1 
ATOM 1315 S SG   . CYS B 2 13 ? 7.953   9.233   -8.855  1.00 0.00 ? 193 CYS B SG   1 
ATOM 1316 H H    . CYS B 2 13 ? 8.032   9.696   -5.434  1.00 0.00 ? 193 CYS B H    1 
ATOM 1317 H HA   . CYS B 2 13 ? 7.445   11.758  -6.335  1.00 0.00 ? 193 CYS B HA   1 
ATOM 1318 H HB2  . CYS B 2 13 ? 6.755   11.339  -8.984  1.00 0.00 ? 193 CYS B HB2  1 
ATOM 1319 H HB3  . CYS B 2 13 ? 8.345   11.538  -8.327  1.00 0.00 ? 193 CYS B HB3  1 
ATOM 1320 N N    . PRO B 2 14 ? 4.898   11.790  -5.403  1.00 0.00 ? 194 PRO B N    1 
ATOM 1321 C CA   . PRO B 2 14 ? 3.506   12.244  -5.158  1.00 0.00 ? 194 PRO B CA   1 
ATOM 1322 C C    . PRO B 2 14 ? 2.974   13.391  -6.047  1.00 0.00 ? 194 PRO B C    1 
ATOM 1323 O O    . PRO B 2 14 ? 3.680   13.991  -6.863  1.00 0.00 ? 194 PRO B O    1 
ATOM 1324 C CB   . PRO B 2 14 ? 3.495   12.625  -3.646  1.00 0.00 ? 194 PRO B CB   1 
ATOM 1325 C CG   . PRO B 2 14 ? 4.953   12.705  -3.232  1.00 0.00 ? 194 PRO B CG   1 
ATOM 1326 C CD   . PRO B 2 14 ? 5.649   11.701  -4.138  1.00 0.00 ? 194 PRO B CD   1 
ATOM 1327 H HA   . PRO B 2 14 ? 2.820   11.386  -5.322  1.00 0.00 ? 194 PRO B HA   1 
ATOM 1328 H HB2  . PRO B 2 14 ? 3.010   13.592  -3.413  1.00 0.00 ? 194 PRO B HB2  1 
ATOM 1329 H HB3  . PRO B 2 14 ? 2.921   11.885  -3.058  1.00 0.00 ? 194 PRO B HB3  1 
ATOM 1330 H HG2  . PRO B 2 14 ? 5.348   13.719  -3.441  1.00 0.00 ? 194 PRO B HG2  1 
ATOM 1331 H HG3  . PRO B 2 14 ? 5.077   12.491  -2.157  1.00 0.00 ? 194 PRO B HG3  1 
ATOM 1332 H HD2  . PRO B 2 14 ? 6.717   11.966  -4.233  1.00 0.00 ? 194 PRO B HD2  1 
ATOM 1333 H HD3  . PRO B 2 14 ? 5.551   10.672  -3.724  1.00 0.00 ? 194 PRO B HD3  1 
ATOM 1334 N N    . ASP B 2 15 ? 1.754   13.833  -5.718  1.00 0.00 ? 195 ASP B N    1 
ATOM 1335 C CA   . ASP B 2 15 ? 0.544   13.592  -6.518  1.00 0.00 ? 195 ASP B CA   1 
ATOM 1336 C C    . ASP B 2 15 ? 0.122   14.764  -7.459  1.00 0.00 ? 195 ASP B C    1 
ATOM 1337 O O    . ASP B 2 15 ? -0.444  14.447  -8.502  1.00 0.00 ? 195 ASP B O    1 
ATOM 1338 C CB   . ASP B 2 15 ? -0.590  13.180  -5.542  1.00 0.00 ? 195 ASP B CB   1 
ATOM 1339 C CG   . ASP B 2 15 ? -1.874  12.680  -6.219  1.00 0.00 ? 195 ASP B CG   1 
ATOM 1340 O OD1  . ASP B 2 15 ? -1.821  11.680  -6.971  1.00 0.00 ? 195 ASP B OD1  1 
ATOM 1341 O OD2  . ASP B 2 15 ? -2.948  13.252  -5.936  1.00 0.00 ? 195 ASP B OD2  1 
ATOM 1342 H H    . ASP B 2 15 ? 1.809   14.804  -5.440  1.00 0.00 ? 195 ASP B H    1 
ATOM 1343 H HA   . ASP B 2 15 ? 0.781   12.723  -7.157  1.00 0.00 ? 195 ASP B HA   1 
ATOM 1344 H HB2  . ASP B 2 15 ? -0.231  12.346  -4.918  1.00 0.00 ? 195 ASP B HB2  1 
ATOM 1345 H HB3  . ASP B 2 15 ? -0.796  14.011  -4.839  1.00 0.00 ? 195 ASP B HB3  1 
ATOM 1346 N N    . THR B 2 16 ? 0.339   16.076  -7.325  1.00 0.00 ? 196 THR B N    1 
ATOM 1347 C CA   . THR B 2 16 ? 0.801   16.832  -6.140  1.00 0.00 ? 196 THR B CA   1 
ATOM 1348 C C    . THR B 2 16 ? -0.330  17.860  -5.725  1.00 0.00 ? 196 THR B C    1 
ATOM 1349 O O    . THR B 2 16 ? -1.256  18.087  -6.525  1.00 0.00 ? 196 THR B O    1 
ATOM 1350 C CB   . THR B 2 16 ? 2.207   17.460  -6.475  1.00 0.00 ? 196 THR B CB   1 
ATOM 1351 O OG1  . THR B 2 16 ? 3.099   16.937  -5.496  1.00 0.00 ? 196 THR B OG1  1 
ATOM 1352 C CG2  . THR B 2 16 ? 2.918   17.277  -7.861  1.00 0.00 ? 196 THR B CG2  1 
ATOM 1353 H H    . THR B 2 16 ? 0.376   16.574  -8.215  1.00 0.00 ? 196 THR B H    1 
ATOM 1354 H HA   . THR B 2 16 ? 0.914   16.154  -5.287  1.00 0.00 ? 196 THR B HA   1 
ATOM 1355 H HB   . THR B 2 16 ? 2.166   18.556  -6.322  1.00 0.00 ? 196 THR B HB   1 
ATOM 1356 H HG1  . THR B 2 16 ? 2.714   16.150  -5.093  1.00 0.00 ? 196 THR B HG1  1 
ATOM 1357 H HG21 . THR B 2 16 ? 2.331   17.626  -8.726  1.00 0.00 ? 196 THR B HG21 1 
ATOM 1358 H HG22 . THR B 2 16 ? 3.948   17.682  -7.934  1.00 0.00 ? 196 THR B HG22 1 
ATOM 1359 H HG23 . THR B 2 16 ? 3.064   16.214  -8.055  1.00 0.00 ? 196 THR B HG23 1 
ATOM 1360 N N    . PRO B 2 17 ? -0.352  18.532  -4.523  1.00 0.00 ? 197 PRO B N    1 
ATOM 1361 C CA   . PRO B 2 17 ? -1.459  19.437  -4.125  1.00 0.00 ? 197 PRO B CA   1 
ATOM 1362 C C    . PRO B 2 17 ? -1.282  20.918  -4.575  1.00 0.00 ? 197 PRO B C    1 
ATOM 1363 O O    . PRO B 2 17 ? -1.902  21.311  -5.570  1.00 0.00 ? 197 PRO B O    1 
ATOM 1364 C CB   . PRO B 2 17 ? -1.631  19.213  -2.606  1.00 0.00 ? 197 PRO B CB   1 
ATOM 1365 C CG   . PRO B 2 17 ? -0.404  18.422  -2.148  1.00 0.00 ? 197 PRO B CG   1 
ATOM 1366 C CD   . PRO B 2 17 ? 0.534   18.297  -3.357  1.00 0.00 ? 197 PRO B CD   1 
ATOM 1367 H HA   . PRO B 2 17 ? -2.381  19.070  -4.603  1.00 0.00 ? 197 PRO B HA   1 
ATOM 1368 H HB2  . PRO B 2 17 ? -1.756  20.149  -2.019  1.00 0.00 ? 197 PRO B HB2  1 
ATOM 1369 H HB3  . PRO B 2 17 ? -2.549  18.636  -2.372  1.00 0.00 ? 197 PRO B HB3  1 
ATOM 1370 H HG2  . PRO B 2 17 ? 0.093   18.875  -1.261  1.00 0.00 ? 197 PRO B HG2  1 
ATOM 1371 H HG3  . PRO B 2 17 ? -0.728  17.431  -1.804  1.00 0.00 ? 197 PRO B HG3  1 
ATOM 1372 H HD2  . PRO B 2 17 ? 1.317   19.073  -3.279  1.00 0.00 ? 197 PRO B HD2  1 
ATOM 1373 H HD3  . PRO B 2 17 ? 1.065   17.340  -3.328  1.00 0.00 ? 197 PRO B HD3  1 
ATOM 1374 N N    . TYR B 2 18 ? -0.364  21.688  -3.933  1.00 0.00 ? 198 TYR B N    1 
ATOM 1375 C CA   . TYR B 2 18 ? 0.440   22.720  -4.635  1.00 0.00 ? 198 TYR B CA   1 
ATOM 1376 C C    . TYR B 2 18 ? -0.257  24.116  -4.703  1.00 0.00 ? 198 TYR B C    1 
ATOM 1377 O O    . TYR B 2 18 ? 0.324   25.105  -4.200  1.00 0.00 ? 198 TYR B O    1 
ATOM 1378 C CB   . TYR B 2 18 ? 1.115   22.133  -5.934  1.00 0.00 ? 198 TYR B CB   1 
ATOM 1379 C CG   . TYR B 2 18 ? 1.423   23.093  -7.070  1.00 0.00 ? 198 TYR B CG   1 
ATOM 1380 C CD1  . TYR B 2 18 ? 2.540   23.917  -6.976  1.00 0.00 ? 198 TYR B CD1  1 
ATOM 1381 C CD2  . TYR B 2 18 ? 0.516   23.260  -8.127  1.00 0.00 ? 198 TYR B CD2  1 
ATOM 1382 C CE1  . TYR B 2 18 ? 2.737   24.932  -7.904  1.00 0.00 ? 198 TYR B CE1  1 
ATOM 1383 C CE2  . TYR B 2 18 ? 0.711   24.285  -9.049  1.00 0.00 ? 198 TYR B CE2  1 
ATOM 1384 C CZ   . TYR B 2 18 ? 1.814   25.124  -8.932  1.00 0.00 ? 198 TYR B CZ   1 
ATOM 1385 O OH   . TYR B 2 18 ? 1.970   26.172  -9.793  1.00 0.00 ? 198 TYR B OH   1 
ATOM 1386 H H    . TYR B 2 18 ? -0.021  21.285  -3.048  1.00 0.00 ? 198 TYR B H    1 
ATOM 1387 H HA   . TYR B 2 18 ? 1.302   22.890  -3.965  1.00 0.00 ? 198 TYR B HA   1 
ATOM 1388 H HB2  . TYR B 2 18 ? 2.043   21.608  -5.636  1.00 0.00 ? 198 TYR B HB2  1 
ATOM 1389 H HB3  . TYR B 2 18 ? 0.526   21.308  -6.367  1.00 0.00 ? 198 TYR B HB3  1 
ATOM 1390 H HD1  . TYR B 2 18 ? 3.226   23.810  -6.144  1.00 0.00 ? 198 TYR B HD1  1 
ATOM 1391 H HD2  . TYR B 2 18 ? -0.372  22.649  -8.200  1.00 0.00 ? 198 TYR B HD2  1 
ATOM 1392 H HE1  . TYR B 2 18 ? 3.579   25.595  -7.797  1.00 0.00 ? 198 TYR B HE1  1 
ATOM 1393 H HE2  . TYR B 2 18 ? -0.006  24.442  -9.840  1.00 0.00 ? 198 TYR B HE2  1 
ATOM 1394 H HH   . TYR B 2 18 ? 1.481   26.914  -9.433  1.00 0.00 ? 198 TYR B HH   1 
# 
_database_PDB_caveat.id     1 
_database_PDB_caveat.text   'THERE ARE SEVERAL CHIRALITY ERRORS IN CHAINS A AND B.' 
# 
loop_
_pdbx_poly_seq_scheme.asym_id 
_pdbx_poly_seq_scheme.entity_id 
_pdbx_poly_seq_scheme.seq_id 
_pdbx_poly_seq_scheme.mon_id 
_pdbx_poly_seq_scheme.ndb_seq_num 
_pdbx_poly_seq_scheme.pdb_seq_num 
_pdbx_poly_seq_scheme.auth_seq_num 
_pdbx_poly_seq_scheme.pdb_mon_id 
_pdbx_poly_seq_scheme.auth_mon_id 
_pdbx_poly_seq_scheme.pdb_strand_id 
_pdbx_poly_seq_scheme.pdb_ins_code 
_pdbx_poly_seq_scheme.hetero 
A 1 1  ILE 1  1   1   ILE ILE A . n 
A 1 2  VAL 2  2   2   VAL VAL A . n 
A 1 3  CYS 3  3   3   CYS CYS A . n 
A 1 4  HIS 4  4   4   HIS HIS A . n 
A 1 5  THR 5  5   5   THR THR A . n 
A 1 6  THR 6  6   6   THR THR A . n 
A 1 7  ALA 7  7   7   ALA ALA A . n 
A 1 8  THR 8  8   8   THR THR A . n 
A 1 9  SER 9  9   9   SER SER A . n 
A 1 10 PRO 10 10  10  PRO PRO A . n 
A 1 11 ILE 11 11  11  ILE ILE A . n 
A 1 12 SER 12 12  12  SER SER A . n 
A 1 13 ALA 13 13  13  ALA ALA A . n 
A 1 14 VAL 14 14  14  VAL VAL A . n 
A 1 15 THR 15 15  15  THR THR A . n 
A 1 16 CYS 16 16  16  CYS CYS A . n 
A 1 17 PRO 17 17  17  PRO PRO A . n 
A 1 18 PRO 18 18  18  PRO PRO A . n 
A 1 19 GLY 19 19  19  GLY GLY A . n 
A 1 20 GLU 20 20  20  GLU GLU A . n 
A 1 21 ASN 21 21  21  ASN ASN A . n 
A 1 22 LEU 22 22  22  LEU LEU A . n 
A 1 23 CYS 23 23  23  CYS CYS A . n 
A 1 24 TYR 24 24  24  TYR TYR A . n 
A 1 25 ARG 25 25  25  ARG ARG A . n 
A 1 26 LYS 26 26  26  LYS LYS A . n 
A 1 27 MET 27 27  27  MET MET A . n 
A 1 28 TRP 28 28  28  TRP TRP A . n 
A 1 29 CYS 29 29  29  CYS CYS A . n 
A 1 30 ASP 30 30  30  ASP ASP A . n 
A 1 31 ALA 31 31  31  ALA ALA A . n 
A 1 32 PHE 32 32  32  PHE PHE A . n 
A 1 33 CYS 33 33  33  CYS CYS A . n 
A 1 34 SER 34 34  34  SER SER A . n 
A 1 35 SER 35 35  35  SER SER A . n 
A 1 36 ARG 36 36  36  ARG ARG A . n 
A 1 37 GLY 37 37  37  GLY GLY A . n 
A 1 38 LYS 38 38  38  LYS LYS A . n 
A 1 39 VAL 39 39  39  VAL VAL A . n 
A 1 40 VAL 40 40  40  VAL VAL A . n 
A 1 41 GLU 41 41  41  GLU GLU A . n 
A 1 42 LEU 42 42  42  LEU LEU A . n 
A 1 43 GLY 43 43  43  GLY GLY A . n 
A 1 44 CYS 44 44  44  CYS CYS A . n 
A 1 45 ALA 45 45  45  ALA ALA A . n 
A 1 46 ALA 46 46  46  ALA ALA A . n 
A 1 47 THR 47 47  47  THR THR A . n 
A 1 48 CYS 48 48  48  CYS CYS A . n 
A 1 49 PRO 49 49  49  PRO PRO A . n 
A 1 50 SER 50 50  50  SER SER A . n 
A 1 51 LYS 51 51  51  LYS LYS A . n 
A 1 52 LYS 52 52  52  LYS LYS A . n 
A 1 53 PRO 53 53  53  PRO PRO A . n 
A 1 54 TYR 54 54  54  TYR TYR A . n 
A 1 55 GLU 55 55  55  GLU GLU A . n 
A 1 56 GLU 56 56  56  GLU GLU A . n 
A 1 57 VAL 57 57  57  VAL VAL A . n 
A 1 58 THR 58 58  58  THR THR A . n 
A 1 59 CYS 59 59  59  CYS CYS A . n 
A 1 60 CYS 60 60  60  CYS CYS A . n 
A 1 61 SER 61 61  61  SER SER A . n 
A 1 62 THR 62 62  62  THR THR A . n 
A 1 63 ASP 63 63  63  ASP ASP A . n 
A 1 64 LYS 64 64  64  LYS LYS A . n 
A 1 65 CYS 65 65  65  CYS CYS A . n 
A 1 66 ASN 66 66  66  ASN ASN A . n 
A 1 67 PRO 67 67  67  PRO PRO A . n 
A 1 68 HIS 68 68  68  HIS HIS A . n 
A 1 69 PRO 69 69  69  PRO PRO A . n 
A 1 70 LYS 70 70  70  LYS LYS A . n 
A 1 71 GLN 71 71  71  GLN GLN A . n 
A 1 72 ARG 72 72  72  ARG ARG A . n 
A 1 73 PRO 73 73  73  PRO PRO A . n 
A 1 74 GLY 74 74  74  GLY GLY A . n 
B 2 1  TYR 1  181 181 TYR TYR B . n 
B 2 2  ARG 2  182 182 ARG ARG B . n 
B 2 3  GLY 3  183 183 GLY GLY B . n 
B 2 4  TRP 4  184 184 TRP TRP B . n 
B 2 5  LYS 5  185 185 LYS LYS B . n 
B 2 6  HIS 6  186 186 HIS HIS B . n 
B 2 7  TRP 7  187 187 TRP TRP B . n 
B 2 8  VAL 8  188 188 VAL VAL B . n 
B 2 9  TYR 9  189 189 TYR TYR B . n 
B 2 10 TYR 10 190 190 TYR TYR B . n 
B 2 11 THR 11 191 191 THR THR B . n 
B 2 12 CYS 12 192 192 CYS CYS B . n 
B 2 13 CYS 13 193 193 CYS CYS B . n 
B 2 14 PRO 14 194 194 PRO PRO B . n 
B 2 15 ASP 15 195 195 ASP ASP B . n 
B 2 16 THR 16 196 196 THR THR B . n 
B 2 17 PRO 17 197 197 PRO PRO B . n 
B 2 18 TYR 18 198 198 TYR TYR B . n 
B 2 19 HSL 19 199 ?   ?   ?   B . n 
# 
_pdbx_struct_assembly.id                   1 
_pdbx_struct_assembly.details              author_defined_assembly 
_pdbx_struct_assembly.method_details       ? 
_pdbx_struct_assembly.oligomeric_details   dimeric 
_pdbx_struct_assembly.oligomeric_count     2 
# 
_pdbx_struct_assembly_gen.assembly_id       1 
_pdbx_struct_assembly_gen.oper_expression   1 
_pdbx_struct_assembly_gen.asym_id_list      A,B 
# 
_pdbx_struct_oper_list.id                   1 
_pdbx_struct_oper_list.type                 'identity operation' 
_pdbx_struct_oper_list.name                 1_555 
_pdbx_struct_oper_list.symmetry_operation   x,y,z 
_pdbx_struct_oper_list.matrix[1][1]         1.0000000000 
_pdbx_struct_oper_list.matrix[1][2]         0.0000000000 
_pdbx_struct_oper_list.matrix[1][3]         0.0000000000 
_pdbx_struct_oper_list.vector[1]            0.0000000000 
_pdbx_struct_oper_list.matrix[2][1]         0.0000000000 
_pdbx_struct_oper_list.matrix[2][2]         1.0000000000 
_pdbx_struct_oper_list.matrix[2][3]         0.0000000000 
_pdbx_struct_oper_list.vector[2]            0.0000000000 
_pdbx_struct_oper_list.matrix[3][1]         0.0000000000 
_pdbx_struct_oper_list.matrix[3][2]         0.0000000000 
_pdbx_struct_oper_list.matrix[3][3]         1.0000000000 
_pdbx_struct_oper_list.vector[3]            0.0000000000 
# 
loop_
_pdbx_audit_revision_history.ordinal 
_pdbx_audit_revision_history.data_content_type 
_pdbx_audit_revision_history.major_revision 
_pdbx_audit_revision_history.minor_revision 
_pdbx_audit_revision_history.revision_date 
1 'Structure model' 1 0 2001-04-25 
2 'Structure model' 1 1 2008-04-27 
3 'Structure model' 1 2 2011-07-13 
4 'Structure model' 1 3 2022-02-23 
# 
_pdbx_audit_revision_details.ordinal             1 
_pdbx_audit_revision_details.revision_ordinal    1 
_pdbx_audit_revision_details.data_content_type   'Structure model' 
_pdbx_audit_revision_details.provider            repository 
_pdbx_audit_revision_details.type                'Initial release' 
_pdbx_audit_revision_details.description         ? 
_pdbx_audit_revision_details.details             ? 
# 
loop_
_pdbx_audit_revision_group.ordinal 
_pdbx_audit_revision_group.revision_ordinal 
_pdbx_audit_revision_group.data_content_type 
_pdbx_audit_revision_group.group 
1 2 'Structure model' 'Version format compliance' 
2 3 'Structure model' 'Version format compliance' 
3 4 'Structure model' 'Data collection'           
4 4 'Structure model' 'Database references'       
5 4 'Structure model' 'Derived calculations'      
# 
loop_
_pdbx_audit_revision_category.ordinal 
_pdbx_audit_revision_category.revision_ordinal 
_pdbx_audit_revision_category.data_content_type 
_pdbx_audit_revision_category.category 
1 4 'Structure model' database_2            
2 4 'Structure model' pdbx_nmr_software     
3 4 'Structure model' pdbx_nmr_spectrometer 
4 4 'Structure model' pdbx_struct_assembly  
5 4 'Structure model' pdbx_struct_oper_list 
# 
loop_
_pdbx_audit_revision_item.ordinal 
_pdbx_audit_revision_item.revision_ordinal 
_pdbx_audit_revision_item.data_content_type 
_pdbx_audit_revision_item.item 
1 4 'Structure model' '_database_2.pdbx_DOI'                
2 4 'Structure model' '_database_2.pdbx_database_accession' 
3 4 'Structure model' '_pdbx_nmr_software.name'             
4 4 'Structure model' '_pdbx_nmr_spectrometer.model'        
# 
loop_
_pdbx_validate_close_contact.id 
_pdbx_validate_close_contact.PDB_model_num 
_pdbx_validate_close_contact.auth_atom_id_1 
_pdbx_validate_close_contact.auth_asym_id_1 
_pdbx_validate_close_contact.auth_comp_id_1 
_pdbx_validate_close_contact.auth_seq_id_1 
_pdbx_validate_close_contact.PDB_ins_code_1 
_pdbx_validate_close_contact.label_alt_id_1 
_pdbx_validate_close_contact.auth_atom_id_2 
_pdbx_validate_close_contact.auth_asym_id_2 
_pdbx_validate_close_contact.auth_comp_id_2 
_pdbx_validate_close_contact.auth_seq_id_2 
_pdbx_validate_close_contact.PDB_ins_code_2 
_pdbx_validate_close_contact.label_alt_id_2 
_pdbx_validate_close_contact.dist 
1 1 C A ALA 31 ? ? C A PHE 32 ? ? 1.43 
2 1 N A PRO 73 ? ? N A GLY 74 ? ? 1.52 
3 1 C A GLY 19 ? ? H A GLU 20 ? ? 1.57 
# 
loop_
_pdbx_validate_rmsd_bond.id 
_pdbx_validate_rmsd_bond.PDB_model_num 
_pdbx_validate_rmsd_bond.auth_atom_id_1 
_pdbx_validate_rmsd_bond.auth_asym_id_1 
_pdbx_validate_rmsd_bond.auth_comp_id_1 
_pdbx_validate_rmsd_bond.auth_seq_id_1 
_pdbx_validate_rmsd_bond.PDB_ins_code_1 
_pdbx_validate_rmsd_bond.label_alt_id_1 
_pdbx_validate_rmsd_bond.auth_atom_id_2 
_pdbx_validate_rmsd_bond.auth_asym_id_2 
_pdbx_validate_rmsd_bond.auth_comp_id_2 
_pdbx_validate_rmsd_bond.auth_seq_id_2 
_pdbx_validate_rmsd_bond.PDB_ins_code_2 
_pdbx_validate_rmsd_bond.label_alt_id_2 
_pdbx_validate_rmsd_bond.bond_value 
_pdbx_validate_rmsd_bond.bond_target_value 
_pdbx_validate_rmsd_bond.bond_deviation 
_pdbx_validate_rmsd_bond.bond_standard_deviation 
_pdbx_validate_rmsd_bond.linker_flag 
1 1 CG A HIS 4  ? ? CD2 A HIS 4  ? ? 1.411 1.354 0.057 0.009 N 
2 1 CG A HIS 68 ? ? CD2 A HIS 68 ? ? 1.410 1.354 0.056 0.009 N 
3 1 C  A ARG 72 ? ? N   A PRO 73 ? ? 1.485 1.338 0.147 0.019 Y 
# 
loop_
_pdbx_validate_rmsd_angle.id 
_pdbx_validate_rmsd_angle.PDB_model_num 
_pdbx_validate_rmsd_angle.auth_atom_id_1 
_pdbx_validate_rmsd_angle.auth_asym_id_1 
_pdbx_validate_rmsd_angle.auth_comp_id_1 
_pdbx_validate_rmsd_angle.auth_seq_id_1 
_pdbx_validate_rmsd_angle.PDB_ins_code_1 
_pdbx_validate_rmsd_angle.label_alt_id_1 
_pdbx_validate_rmsd_angle.auth_atom_id_2 
_pdbx_validate_rmsd_angle.auth_asym_id_2 
_pdbx_validate_rmsd_angle.auth_comp_id_2 
_pdbx_validate_rmsd_angle.auth_seq_id_2 
_pdbx_validate_rmsd_angle.PDB_ins_code_2 
_pdbx_validate_rmsd_angle.label_alt_id_2 
_pdbx_validate_rmsd_angle.auth_atom_id_3 
_pdbx_validate_rmsd_angle.auth_asym_id_3 
_pdbx_validate_rmsd_angle.auth_comp_id_3 
_pdbx_validate_rmsd_angle.auth_seq_id_3 
_pdbx_validate_rmsd_angle.PDB_ins_code_3 
_pdbx_validate_rmsd_angle.label_alt_id_3 
_pdbx_validate_rmsd_angle.angle_value 
_pdbx_validate_rmsd_angle.angle_target_value 
_pdbx_validate_rmsd_angle.angle_deviation 
_pdbx_validate_rmsd_angle.angle_standard_deviation 
_pdbx_validate_rmsd_angle.linker_flag 
1  1 ND1 A HIS 4   ? ? CE1 A HIS 4   ? ? NE2 A HIS 4   ? ? 119.34 111.50 7.84   1.30 N 
2  1 N   A GLU 20  ? ? CA  A GLU 20  ? ? C   A GLU 20  ? ? 47.85  111.00 -63.15 2.70 N 
3  1 CA  A GLU 20  ? ? C   A GLU 20  ? ? N   A ASN 21  ? ? 99.17  117.20 -18.03 2.20 Y 
4  1 NE  A ARG 25  ? ? CZ  A ARG 25  ? ? NH1 A ARG 25  ? ? 124.38 120.30 4.08   0.50 N 
5  1 CB  A PHE 32  ? ? CA  A PHE 32  ? ? C   A PHE 32  ? ? 126.91 110.40 16.51  2.00 N 
6  1 N   A PHE 32  ? ? CA  A PHE 32  ? ? C   A PHE 32  ? ? 53.34  111.00 -57.66 2.70 N 
7  1 CA  A PHE 32  ? ? C   A PHE 32  ? ? O   A PHE 32  ? ? 104.33 120.10 -15.77 2.10 N 
8  1 CA  A PHE 32  ? ? C   A PHE 32  ? ? N   A CYS 33  ? ? 102.99 117.20 -14.21 2.20 Y 
9  1 O   A PHE 32  ? ? C   A PHE 32  ? ? N   A CYS 33  ? ? 112.91 122.70 -9.79  1.60 Y 
10 1 NE  A ARG 36  ? ? CZ  A ARG 36  ? ? NH1 A ARG 36  ? ? 124.23 120.30 3.93   0.50 N 
11 1 ND1 A HIS 68  ? ? CE1 A HIS 68  ? ? NE2 A HIS 68  ? ? 119.50 111.50 8.00   1.30 N 
12 1 N   A ARG 72  ? ? CA  A ARG 72  ? ? CB  A ARG 72  ? ? 127.14 110.60 16.54  1.80 N 
13 1 NE  A ARG 72  ? ? CZ  A ARG 72  ? ? NH1 A ARG 72  ? ? 123.58 120.30 3.28   0.50 N 
14 1 N   A ARG 72  ? ? CA  A ARG 72  ? ? C   A ARG 72  ? ? 49.92  111.00 -61.08 2.70 N 
15 1 CA  A PRO 73  ? ? N   A PRO 73  ? ? CD  A PRO 73  ? ? 88.58  111.70 -23.12 1.40 N 
16 1 N   A PRO 73  ? ? CA  A PRO 73  ? ? CB  A PRO 73  ? ? 121.27 103.30 17.97  1.20 N 
17 1 N   A PRO 73  ? ? CD  A PRO 73  ? ? CG  A PRO 73  ? ? 117.53 103.20 14.33  1.50 N 
18 1 N   A PRO 73  ? ? CA  A PRO 73  ? ? C   A PRO 73  ? ? 51.50  112.10 -60.60 2.60 N 
19 1 O   A PRO 73  ? ? C   A PRO 73  ? ? N   A GLY 74  ? ? 111.22 123.20 -11.98 1.70 Y 
20 1 NE  B ARG 182 ? ? CZ  B ARG 182 ? ? NH1 B ARG 182 ? ? 124.13 120.30 3.83   0.50 N 
21 1 N   B TRP 184 ? ? CA  B TRP 184 ? ? CB  B TRP 184 ? ? 124.74 110.60 14.14  1.80 N 
22 1 ND1 B HIS 186 ? ? CE1 B HIS 186 ? ? NE2 B HIS 186 ? ? 119.58 111.50 8.08   1.30 N 
23 1 CB  B TRP 187 ? ? CA  B TRP 187 ? ? C   B TRP 187 ? ? 123.68 110.40 13.28  2.00 N 
24 1 CA  B TRP 187 ? ? C   B TRP 187 ? ? N   B VAL 188 ? ? 132.47 117.20 15.27  2.20 Y 
25 1 O   B TRP 187 ? ? C   B TRP 187 ? ? N   B VAL 188 ? ? 112.42 122.70 -10.28 1.60 Y 
26 1 CB  B VAL 188 ? ? CA  B VAL 188 ? ? C   B VAL 188 ? ? 124.28 111.40 12.88  1.90 N 
27 1 CA  B VAL 188 ? ? CB  B VAL 188 ? ? CG2 B VAL 188 ? ? 122.00 110.90 11.10  1.50 N 
28 1 O   B VAL 188 ? ? C   B VAL 188 ? ? N   B TYR 189 ? ? 111.59 122.70 -11.11 1.60 Y 
29 1 CB  B CYS 193 ? ? CA  B CYS 193 ? ? C   B CYS 193 ? ? 118.84 111.50 7.34   1.20 N 
30 1 CA  B THR 196 ? ? CB  B THR 196 ? ? CG2 B THR 196 ? ? 123.03 112.40 10.63  1.40 N 
# 
loop_
_pdbx_validate_torsion.id 
_pdbx_validate_torsion.PDB_model_num 
_pdbx_validate_torsion.auth_comp_id 
_pdbx_validate_torsion.auth_asym_id 
_pdbx_validate_torsion.auth_seq_id 
_pdbx_validate_torsion.PDB_ins_code 
_pdbx_validate_torsion.label_alt_id 
_pdbx_validate_torsion.phi 
_pdbx_validate_torsion.psi 
1  1 THR A 6   ? ? 68.62   -95.56  
2  1 THR A 8   ? ? 72.29   -47.55  
3  1 SER A 12  ? ? -165.23 -103.63 
4  1 VAL A 14  ? ? -111.11 -140.94 
5  1 THR A 15  ? ? 80.01   128.53  
6  1 PRO A 17  ? ? -100.43 -62.47  
7  1 PRO A 18  ? ? -68.92  -72.87  
8  1 GLU A 20  ? ? 177.08  125.00  
9  1 ASN A 21  ? ? 82.88   -133.25 
10 1 TYR A 24  ? ? -45.97  86.60   
11 1 CYS A 29  ? ? 56.33   76.90   
12 1 ALA A 31  ? ? -155.58 -112.78 
13 1 PHE A 32  ? ? 5.09    -124.31 
14 1 CYS A 33  ? ? 50.99   94.03   
15 1 SER A 34  ? ? -77.91  -70.01  
16 1 SER A 35  ? ? -116.26 74.85   
17 1 LYS A 38  ? ? 39.59   57.74   
18 1 GLU A 41  ? ? -167.44 -83.71  
19 1 LEU A 42  ? ? 48.29   129.37  
20 1 CYS A 44  ? ? 62.94   143.74  
21 1 LYS A 51  ? ? 178.40  16.64   
22 1 LYS A 52  ? ? -110.78 -168.96 
23 1 PRO A 53  ? ? -72.44  -70.43  
24 1 GLU A 55  ? ? -114.74 -138.75 
25 1 GLU A 56  ? ? 157.30  -75.79  
26 1 CYS A 59  ? ? 57.27   150.56  
27 1 THR A 62  ? ? 86.01   -65.24  
28 1 ASP A 63  ? ? -132.69 -157.99 
29 1 LYS A 64  ? ? -35.97  85.32   
30 1 PRO A 67  ? ? -78.02  -91.11  
31 1 HIS A 68  ? ? 177.40  -172.04 
32 1 GLN A 71  ? ? 31.55   21.52   
33 1 ARG B 182 ? ? 19.15   110.17  
34 1 TRP B 184 ? ? 94.32   108.60  
35 1 LYS B 185 ? ? 41.82   99.87   
36 1 HIS B 186 ? ? 66.28   -170.03 
37 1 TRP B 187 ? ? -128.79 -101.01 
38 1 VAL B 188 ? ? 66.26   177.85  
39 1 TYR B 189 ? ? 93.71   63.65   
40 1 THR B 191 ? ? -32.35  -16.68  
41 1 CYS B 193 ? ? 61.95   65.85   
42 1 PRO B 194 ? ? -55.42  -175.08 
43 1 PRO B 197 ? ? -88.79  -73.11  
# 
loop_
_pdbx_validate_peptide_omega.id 
_pdbx_validate_peptide_omega.PDB_model_num 
_pdbx_validate_peptide_omega.auth_comp_id_1 
_pdbx_validate_peptide_omega.auth_asym_id_1 
_pdbx_validate_peptide_omega.auth_seq_id_1 
_pdbx_validate_peptide_omega.PDB_ins_code_1 
_pdbx_validate_peptide_omega.label_alt_id_1 
_pdbx_validate_peptide_omega.auth_comp_id_2 
_pdbx_validate_peptide_omega.auth_asym_id_2 
_pdbx_validate_peptide_omega.auth_seq_id_2 
_pdbx_validate_peptide_omega.PDB_ins_code_2 
_pdbx_validate_peptide_omega.label_alt_id_2 
_pdbx_validate_peptide_omega.omega 
1  1 THR A 5   ? ? THR A 6   ? ? 121.19  
2  1 THR A 6   ? ? ALA A 7   ? ? -139.48 
3  1 THR A 8   ? ? SER A 9   ? ? -140.04 
4  1 ALA A 13  ? ? VAL A 14  ? ? -143.04 
5  1 CYS A 16  ? ? PRO A 17  ? ? -146.43 
6  1 PRO A 18  ? ? GLY A 19  ? ? 129.62  
7  1 GLU A 20  ? ? ASN A 21  ? ? 114.94  
8  1 ASN A 21  ? ? LEU A 22  ? ? -134.56 
9  1 ALA A 31  ? ? PHE A 32  ? ? 121.98  
10 1 PHE A 32  ? ? CYS A 33  ? ? -112.60 
11 1 GLU A 55  ? ? GLU A 56  ? ? -135.05 
12 1 ASP A 63  ? ? LYS A 64  ? ? 122.88  
13 1 HIS A 68  ? ? PRO A 69  ? ? 130.69  
14 1 LYS A 70  ? ? GLN A 71  ? ? 149.59  
15 1 ARG A 72  ? ? PRO A 73  ? ? -105.65 
16 1 PRO A 73  ? ? GLY A 74  ? ? -104.65 
17 1 TYR B 181 ? ? ARG B 182 ? ? 106.10  
18 1 TRP B 184 ? ? LYS B 185 ? ? 110.90  
19 1 HIS B 186 ? ? TRP B 187 ? ? -146.30 
20 1 TYR B 190 ? ? THR B 191 ? ? 139.72  
21 1 PRO B 194 ? ? ASP B 195 ? ? -108.61 
22 1 PRO B 197 ? ? TYR B 198 ? ? 144.35  
# 
loop_
_pdbx_validate_main_chain_plane.id 
_pdbx_validate_main_chain_plane.PDB_model_num 
_pdbx_validate_main_chain_plane.auth_comp_id 
_pdbx_validate_main_chain_plane.auth_asym_id 
_pdbx_validate_main_chain_plane.auth_seq_id 
_pdbx_validate_main_chain_plane.PDB_ins_code 
_pdbx_validate_main_chain_plane.label_alt_id 
_pdbx_validate_main_chain_plane.improper_torsion_angle 
1 1 GLU A 20 ? ? -18.24 
2 1 ALA A 31 ? ? 29.76  
3 1 PHE A 32 ? ? 34.60  
4 1 ARG A 72 ? ? -16.00 
5 1 PRO A 73 ? ? -24.09 
# 
loop_
_pdbx_validate_planes.id 
_pdbx_validate_planes.PDB_model_num 
_pdbx_validate_planes.auth_comp_id 
_pdbx_validate_planes.auth_asym_id 
_pdbx_validate_planes.auth_seq_id 
_pdbx_validate_planes.PDB_ins_code 
_pdbx_validate_planes.label_alt_id 
_pdbx_validate_planes.rmsd 
_pdbx_validate_planes.type 
1 1 TYR A 24  ? ? 0.070 'SIDE CHAIN' 
2 1 ARG A 36  ? ? 0.083 'SIDE CHAIN' 
3 1 TYR A 54  ? ? 0.102 'SIDE CHAIN' 
4 1 ARG A 72  ? ? 0.076 'SIDE CHAIN' 
5 1 TYR B 181 ? ? 0.065 'SIDE CHAIN' 
6 1 TYR B 189 ? ? 0.083 'SIDE CHAIN' 
7 1 TYR B 190 ? ? 0.138 'SIDE CHAIN' 
8 1 TYR B 198 ? ? 0.071 'SIDE CHAIN' 
# 
loop_
_pdbx_validate_chiral.id 
_pdbx_validate_chiral.PDB_model_num 
_pdbx_validate_chiral.auth_atom_id 
_pdbx_validate_chiral.label_alt_id 
_pdbx_validate_chiral.auth_asym_id 
_pdbx_validate_chiral.auth_comp_id 
_pdbx_validate_chiral.auth_seq_id 
_pdbx_validate_chiral.PDB_ins_code 
_pdbx_validate_chiral.details 
_pdbx_validate_chiral.omega 
1 1 CB ? A THR 6   ? 'WRONG HAND' . 
2 1 CB ? A ILE 11  ? 'WRONG HAND' . 
3 1 CB ? B THR 196 ? 'WRONG HAND' . 
# 
_pdbx_unobs_or_zero_occ_residues.id               1 
_pdbx_unobs_or_zero_occ_residues.PDB_model_num    1 
_pdbx_unobs_or_zero_occ_residues.polymer_flag     Y 
_pdbx_unobs_or_zero_occ_residues.occupancy_flag   1 
_pdbx_unobs_or_zero_occ_residues.auth_asym_id     B 
_pdbx_unobs_or_zero_occ_residues.auth_comp_id     HSL 
_pdbx_unobs_or_zero_occ_residues.auth_seq_id      199 
_pdbx_unobs_or_zero_occ_residues.PDB_ins_code     ? 
_pdbx_unobs_or_zero_occ_residues.label_asym_id    B 
_pdbx_unobs_or_zero_occ_residues.label_comp_id    HSL 
_pdbx_unobs_or_zero_occ_residues.label_seq_id     19 
# 
